data_2H36
# 
_entry.id   2H36 
# 
_audit_conform.dict_name       mmcif_pdbx.dic 
_audit_conform.dict_version    5.388 
_audit_conform.dict_location   http://mmcif.pdb.org/dictionaries/ascii/mmcif_pdbx.dic 
# 
loop_
_database_2.database_id 
_database_2.database_code 
_database_2.pdbx_database_accession 
_database_2.pdbx_DOI 
PDB   2H36         pdb_00002h36 10.2210/pdb2h36/pdb 
RCSB  RCSB037871   ?            ?                   
WWPDB D_1000037871 ?            ?                   
# 
loop_
_pdbx_audit_revision_history.ordinal 
_pdbx_audit_revision_history.data_content_type 
_pdbx_audit_revision_history.major_revision 
_pdbx_audit_revision_history.minor_revision 
_pdbx_audit_revision_history.revision_date 
1 'Structure model' 1 0 2007-06-05 
2 'Structure model' 1 1 2008-05-01 
3 'Structure model' 1 2 2011-07-13 
4 'Structure model' 1 3 2017-10-18 
5 'Structure model' 1 4 2024-03-13 
# 
_pdbx_audit_revision_details.ordinal             1 
_pdbx_audit_revision_details.revision_ordinal    1 
_pdbx_audit_revision_details.data_content_type   'Structure model' 
_pdbx_audit_revision_details.provider            repository 
_pdbx_audit_revision_details.type                'Initial release' 
_pdbx_audit_revision_details.description         ? 
_pdbx_audit_revision_details.details             ? 
# 
loop_
_pdbx_audit_revision_group.ordinal 
_pdbx_audit_revision_group.revision_ordinal 
_pdbx_audit_revision_group.data_content_type 
_pdbx_audit_revision_group.group 
1 2 'Structure model' 'Version format compliance' 
2 3 'Structure model' Advisory                    
3 3 'Structure model' 'Version format compliance' 
4 4 'Structure model' 'Refinement description'    
5 5 'Structure model' 'Data collection'           
6 5 'Structure model' 'Database references'       
# 
loop_
_pdbx_audit_revision_category.ordinal 
_pdbx_audit_revision_category.revision_ordinal 
_pdbx_audit_revision_category.data_content_type 
_pdbx_audit_revision_category.category 
1 4 'Structure model' software           
2 5 'Structure model' chem_comp_atom     
3 5 'Structure model' chem_comp_bond     
4 5 'Structure model' database_2         
5 5 'Structure model' struct_ref_seq_dif 
# 
loop_
_pdbx_audit_revision_item.ordinal 
_pdbx_audit_revision_item.revision_ordinal 
_pdbx_audit_revision_item.data_content_type 
_pdbx_audit_revision_item.item 
1 4 'Structure model' '_software.classification'            
2 4 'Structure model' '_software.name'                      
3 5 'Structure model' '_database_2.pdbx_DOI'                
4 5 'Structure model' '_database_2.pdbx_database_accession' 
5 5 'Structure model' '_struct_ref_seq_dif.details'         
# 
_pdbx_database_status.status_code                     REL 
_pdbx_database_status.entry_id                        2H36 
_pdbx_database_status.recvd_initial_deposition_date   2006-05-22 
_pdbx_database_status.deposit_site                    RCSB 
_pdbx_database_status.process_site                    PDBJ 
_pdbx_database_status.status_code_sf                  REL 
_pdbx_database_status.status_code_mr                  ? 
_pdbx_database_status.SG_entry                        ? 
_pdbx_database_status.status_code_cs                  ? 
_pdbx_database_status.pdb_format_compatible           Y 
_pdbx_database_status.methods_development_category    ? 
_pdbx_database_status.status_code_nmr_data            ? 
# 
loop_
_audit_author.name 
_audit_author.pdbx_ordinal 
'Goulet, A.'    1 
'Spinelli, S.'  2 
'Cambillau, C.' 3 
# 
loop_
_citation.id 
_citation.title 
_citation.journal_abbrev 
_citation.journal_volume 
_citation.page_first 
_citation.page_last 
_citation.year 
_citation.journal_id_ASTM 
_citation.country 
_citation.journal_id_ISSN 
_citation.journal_id_CSD 
_citation.book_publisher 
_citation.pdbx_database_id_PubMed 
_citation.pdbx_database_id_DOI 
primary 'The crystal structure of ORF14 from Sulfolobus islandicus filamentous virus' Proteins                   76 1020 1022 2009 
PSFGEY US 0887-3585 0867 ? 19452552 10.1002/prot.22448        
1       
'Crystallization and preliminary X-ray diffraction analysis of protein 14 from Sulfolobus islandicus filamentous virus (SIFV)' 
'Acta Crystallogr.,Sect.F' 62 884  886  2006 ?      DK 1744-3091 ?    ? 16946470 10.1107/S1744309106029150 
# 
loop_
_citation_author.citation_id 
_citation_author.name 
_citation_author.ordinal 
_citation_author.identifier_ORCID 
primary 'Goulet, A.'        1  ? 
primary 'Spinelli, S.'      2  ? 
primary 'Blangy, S.'        3  ? 
primary 'van Tilbeurgh, H.' 4  ? 
primary 'Leulliot, N.'      5  ? 
primary 'Basta, T.'         6  ? 
primary 'Prangishvili, D.'  7  ? 
primary 'Cambillau, C.'     8  ? 
primary 'Campanacci, V.'    9  ? 
1       'Goulet, A.'        10 ? 
1       'Spinelli, S.'      11 ? 
1       'Campanacci, V.'    12 ? 
1       'Porciero, S.'      13 ? 
1       'Blangy, S.'        14 ? 
1       'Garrett, R.A.'     15 ? 
1       'van Tilbeurgh, H.' 16 ? 
1       'Leulliot, N.'      17 ? 
1       'Basta, T.'         18 ? 
1       'Prangishvili, D.'  19 ? 
1       'Cambillau, C.'     20 ? 
# 
loop_
_entity.id 
_entity.type 
_entity.src_method 
_entity.pdbx_description 
_entity.formula_weight 
_entity.pdbx_number_of_molecules 
_entity.pdbx_ec 
_entity.pdbx_mutation 
_entity.pdbx_fragment 
_entity.details 
1 polymer man 'Hypothetical protein SIFV0014' 13480.763 1 ? ? ? ? 
2 water   nat water                           18.015    5 ? ? ? ? 
# 
_entity_name_com.entity_id   1 
_entity_name_com.name        ORF14 
# 
_entity_poly.entity_id                      1 
_entity_poly.type                           'polypeptide(L)' 
_entity_poly.nstd_linkage                   no 
_entity_poly.nstd_monomer                   no 
_entity_poly.pdbx_seq_one_letter_code       
;GEKQDLEKIESDIINDWTEADDLDDALDFLFMEKVSEFKIKFKDPLKVTEEEYRELLGNYDSSNSVSSNGITIDQYTYDE
DDDIMYKLEFTYRKEDNKIYIYEVQGWREKKK
;
_entity_poly.pdbx_seq_one_letter_code_can   
;GEKQDLEKIESDIINDWTEADDLDDALDFLFMEKVSEFKIKFKDPLKVTEEEYRELLGNYDSSNSVSSNGITIDQYTYDE
DDDIMYKLEFTYRKEDNKIYIYEVQGWREKKK
;
_entity_poly.pdbx_strand_id                 X 
_entity_poly.pdbx_target_identifier         ? 
# 
_pdbx_entity_nonpoly.entity_id   2 
_pdbx_entity_nonpoly.name        water 
_pdbx_entity_nonpoly.comp_id     HOH 
# 
loop_
_entity_poly_seq.entity_id 
_entity_poly_seq.num 
_entity_poly_seq.mon_id 
_entity_poly_seq.hetero 
1 1   GLY n 
1 2   GLU n 
1 3   LYS n 
1 4   GLN n 
1 5   ASP n 
1 6   LEU n 
1 7   GLU n 
1 8   LYS n 
1 9   ILE n 
1 10  GLU n 
1 11  SER n 
1 12  ASP n 
1 13  ILE n 
1 14  ILE n 
1 15  ASN n 
1 16  ASP n 
1 17  TRP n 
1 18  THR n 
1 19  GLU n 
1 20  ALA n 
1 21  ASP n 
1 22  ASP n 
1 23  LEU n 
1 24  ASP n 
1 25  ASP n 
1 26  ALA n 
1 27  LEU n 
1 28  ASP n 
1 29  PHE n 
1 30  LEU n 
1 31  PHE n 
1 32  MET n 
1 33  GLU n 
1 34  LYS n 
1 35  VAL n 
1 36  SER n 
1 37  GLU n 
1 38  PHE n 
1 39  LYS n 
1 40  ILE n 
1 41  LYS n 
1 42  PHE n 
1 43  LYS n 
1 44  ASP n 
1 45  PRO n 
1 46  LEU n 
1 47  LYS n 
1 48  VAL n 
1 49  THR n 
1 50  GLU n 
1 51  GLU n 
1 52  GLU n 
1 53  TYR n 
1 54  ARG n 
1 55  GLU n 
1 56  LEU n 
1 57  LEU n 
1 58  GLY n 
1 59  ASN n 
1 60  TYR n 
1 61  ASP n 
1 62  SER n 
1 63  SER n 
1 64  ASN n 
1 65  SER n 
1 66  VAL n 
1 67  SER n 
1 68  SER n 
1 69  ASN n 
1 70  GLY n 
1 71  ILE n 
1 72  THR n 
1 73  ILE n 
1 74  ASP n 
1 75  GLN n 
1 76  TYR n 
1 77  THR n 
1 78  TYR n 
1 79  ASP n 
1 80  GLU n 
1 81  ASP n 
1 82  ASP n 
1 83  ASP n 
1 84  ILE n 
1 85  MET n 
1 86  TYR n 
1 87  LYS n 
1 88  LEU n 
1 89  GLU n 
1 90  PHE n 
1 91  THR n 
1 92  TYR n 
1 93  ARG n 
1 94  LYS n 
1 95  GLU n 
1 96  ASP n 
1 97  ASN n 
1 98  LYS n 
1 99  ILE n 
1 100 TYR n 
1 101 ILE n 
1 102 TYR n 
1 103 GLU n 
1 104 VAL n 
1 105 GLN n 
1 106 GLY n 
1 107 TRP n 
1 108 ARG n 
1 109 GLU n 
1 110 LYS n 
1 111 LYS n 
1 112 LYS n 
# 
_entity_src_gen.entity_id                          1 
_entity_src_gen.pdbx_src_id                        1 
_entity_src_gen.pdbx_alt_source_flag               sample 
_entity_src_gen.pdbx_seq_type                      ? 
_entity_src_gen.pdbx_beg_seq_num                   ? 
_entity_src_gen.pdbx_end_seq_num                   ? 
_entity_src_gen.gene_src_common_name               ? 
_entity_src_gen.gene_src_genus                     Betalipothrixvirus 
_entity_src_gen.pdbx_gene_src_gene                 'ORF 14' 
_entity_src_gen.gene_src_species                   ? 
_entity_src_gen.gene_src_strain                    ? 
_entity_src_gen.gene_src_tissue                    ? 
_entity_src_gen.gene_src_tissue_fraction           ? 
_entity_src_gen.gene_src_details                   ? 
_entity_src_gen.pdbx_gene_src_fragment             ? 
_entity_src_gen.pdbx_gene_src_scientific_name      'Sulfolobus islandicus filamentous virus' 
_entity_src_gen.pdbx_gene_src_ncbi_taxonomy_id     176106 
_entity_src_gen.pdbx_gene_src_variant              ? 
_entity_src_gen.pdbx_gene_src_cell_line            ? 
_entity_src_gen.pdbx_gene_src_atcc                 ? 
_entity_src_gen.pdbx_gene_src_organ                ? 
_entity_src_gen.pdbx_gene_src_organelle            ? 
_entity_src_gen.pdbx_gene_src_cell                 ? 
_entity_src_gen.pdbx_gene_src_cellular_location    ? 
_entity_src_gen.host_org_common_name               ? 
_entity_src_gen.pdbx_host_org_scientific_name      'Escherichia coli' 
_entity_src_gen.pdbx_host_org_ncbi_taxonomy_id     83333 
_entity_src_gen.host_org_genus                     ? 
_entity_src_gen.pdbx_host_org_gene                 ? 
_entity_src_gen.pdbx_host_org_organ                ? 
_entity_src_gen.host_org_species                   ? 
_entity_src_gen.pdbx_host_org_tissue               ? 
_entity_src_gen.pdbx_host_org_tissue_fraction      ? 
_entity_src_gen.pdbx_host_org_strain               K12 
_entity_src_gen.pdbx_host_org_variant              ? 
_entity_src_gen.pdbx_host_org_cell_line            ? 
_entity_src_gen.pdbx_host_org_atcc                 ? 
_entity_src_gen.pdbx_host_org_culture_collection   ? 
_entity_src_gen.pdbx_host_org_cell                 ? 
_entity_src_gen.pdbx_host_org_organelle            ? 
_entity_src_gen.pdbx_host_org_cellular_location    ? 
_entity_src_gen.pdbx_host_org_vector_type          plasmid 
_entity_src_gen.pdbx_host_org_vector               ? 
_entity_src_gen.host_org_details                   ? 
_entity_src_gen.expression_system_id               ? 
_entity_src_gen.plasmid_name                       pDEST17 
_entity_src_gen.plasmid_details                    ? 
_entity_src_gen.pdbx_description                   ? 
# 
loop_
_chem_comp.id 
_chem_comp.type 
_chem_comp.mon_nstd_flag 
_chem_comp.name 
_chem_comp.pdbx_synonyms 
_chem_comp.formula 
_chem_comp.formula_weight 
ALA 'L-peptide linking' y ALANINE         ? 'C3 H7 N O2'     89.093  
ARG 'L-peptide linking' y ARGININE        ? 'C6 H15 N4 O2 1' 175.209 
ASN 'L-peptide linking' y ASPARAGINE      ? 'C4 H8 N2 O3'    132.118 
ASP 'L-peptide linking' y 'ASPARTIC ACID' ? 'C4 H7 N O4'     133.103 
GLN 'L-peptide linking' y GLUTAMINE       ? 'C5 H10 N2 O3'   146.144 
GLU 'L-peptide linking' y 'GLUTAMIC ACID' ? 'C5 H9 N O4'     147.129 
GLY 'peptide linking'   y GLYCINE         ? 'C2 H5 N O2'     75.067  
HOH non-polymer         . WATER           ? 'H2 O'           18.015  
ILE 'L-peptide linking' y ISOLEUCINE      ? 'C6 H13 N O2'    131.173 
LEU 'L-peptide linking' y LEUCINE         ? 'C6 H13 N O2'    131.173 
LYS 'L-peptide linking' y LYSINE          ? 'C6 H15 N2 O2 1' 147.195 
MET 'L-peptide linking' y METHIONINE      ? 'C5 H11 N O2 S'  149.211 
PHE 'L-peptide linking' y PHENYLALANINE   ? 'C9 H11 N O2'    165.189 
PRO 'L-peptide linking' y PROLINE         ? 'C5 H9 N O2'     115.130 
SER 'L-peptide linking' y SERINE          ? 'C3 H7 N O3'     105.093 
THR 'L-peptide linking' y THREONINE       ? 'C4 H9 N O3'     119.119 
TRP 'L-peptide linking' y TRYPTOPHAN      ? 'C11 H12 N2 O2'  204.225 
TYR 'L-peptide linking' y TYROSINE        ? 'C9 H11 N O3'    181.189 
VAL 'L-peptide linking' y VALINE          ? 'C5 H11 N O2'    117.146 
# 
loop_
_pdbx_poly_seq_scheme.asym_id 
_pdbx_poly_seq_scheme.entity_id 
_pdbx_poly_seq_scheme.seq_id 
_pdbx_poly_seq_scheme.mon_id 
_pdbx_poly_seq_scheme.ndb_seq_num 
_pdbx_poly_seq_scheme.pdb_seq_num 
_pdbx_poly_seq_scheme.auth_seq_num 
_pdbx_poly_seq_scheme.pdb_mon_id 
_pdbx_poly_seq_scheme.auth_mon_id 
_pdbx_poly_seq_scheme.pdb_strand_id 
_pdbx_poly_seq_scheme.pdb_ins_code 
_pdbx_poly_seq_scheme.hetero 
A 1 1   GLY 1   0   ?   ?   ?   X . n 
A 1 2   GLU 2   1   ?   ?   ?   X . n 
A 1 3   LYS 3   2   2   LYS LYS X . n 
A 1 4   GLN 4   3   3   GLN GLN X . n 
A 1 5   ASP 5   4   4   ASP ASP X . n 
A 1 6   LEU 6   5   5   LEU LEU X . n 
A 1 7   GLU 7   6   6   GLU GLU X . n 
A 1 8   LYS 8   7   7   LYS LYS X . n 
A 1 9   ILE 9   8   8   ILE ILE X . n 
A 1 10  GLU 10  9   9   GLU GLU X . n 
A 1 11  SER 11  10  10  SER SER X . n 
A 1 12  ASP 12  11  11  ASP ASP X . n 
A 1 13  ILE 13  12  12  ILE ILE X . n 
A 1 14  ILE 14  13  13  ILE ILE X . n 
A 1 15  ASN 15  14  14  ASN ASN X . n 
A 1 16  ASP 16  15  15  ASP ASP X . n 
A 1 17  TRP 17  16  16  TRP TRP X . n 
A 1 18  THR 18  17  17  THR THR X . n 
A 1 19  GLU 19  18  18  GLU GLU X . n 
A 1 20  ALA 20  19  19  ALA ALA X . n 
A 1 21  ASP 21  20  20  ASP ASP X . n 
A 1 22  ASP 22  21  21  ASP ASP X . n 
A 1 23  LEU 23  22  22  LEU LEU X . n 
A 1 24  ASP 24  23  23  ASP ASP X . n 
A 1 25  ASP 25  24  24  ASP ASP X . n 
A 1 26  ALA 26  25  25  ALA ALA X . n 
A 1 27  LEU 27  26  26  LEU LEU X . n 
A 1 28  ASP 28  27  27  ASP ASP X . n 
A 1 29  PHE 29  28  28  PHE PHE X . n 
A 1 30  LEU 30  29  29  LEU LEU X . n 
A 1 31  PHE 31  30  30  PHE PHE X . n 
A 1 32  MET 32  31  31  MET MET X . n 
A 1 33  GLU 33  32  32  GLU GLU X . n 
A 1 34  LYS 34  33  33  LYS LYS X . n 
A 1 35  VAL 35  34  34  VAL VAL X . n 
A 1 36  SER 36  35  35  SER SER X . n 
A 1 37  GLU 37  36  36  GLU GLU X . n 
A 1 38  PHE 38  37  37  PHE PHE X . n 
A 1 39  LYS 39  38  38  LYS LYS X . n 
A 1 40  ILE 40  39  39  ILE ILE X . n 
A 1 41  LYS 41  40  40  LYS LYS X . n 
A 1 42  PHE 42  41  41  PHE PHE X . n 
A 1 43  LYS 43  42  42  LYS LYS X . n 
A 1 44  ASP 44  43  43  ASP ASP X . n 
A 1 45  PRO 45  44  44  PRO PRO X . n 
A 1 46  LEU 46  45  45  LEU LEU X . n 
A 1 47  LYS 47  46  46  LYS LYS X . n 
A 1 48  VAL 48  47  47  VAL VAL X . n 
A 1 49  THR 49  48  48  THR THR X . n 
A 1 50  GLU 50  49  49  GLU GLU X . n 
A 1 51  GLU 51  50  50  GLU GLU X . n 
A 1 52  GLU 52  51  51  GLU GLU X . n 
A 1 53  TYR 53  52  52  TYR TYR X . n 
A 1 54  ARG 54  53  53  ARG ARG X . n 
A 1 55  GLU 55  54  54  GLU GLU X . n 
A 1 56  LEU 56  55  55  LEU LEU X . n 
A 1 57  LEU 57  56  56  LEU LEU X . n 
A 1 58  GLY 58  57  57  GLY GLY X . n 
A 1 59  ASN 59  58  58  ASN ASN X . n 
A 1 60  TYR 60  59  59  TYR TYR X . n 
A 1 61  ASP 61  60  60  ASP ASP X . n 
A 1 62  SER 62  61  61  SER SER X . n 
A 1 63  SER 63  62  62  SER SER X . n 
A 1 64  ASN 64  63  63  ASN ASN X . n 
A 1 65  SER 65  64  64  SER SER X . n 
A 1 66  VAL 66  65  65  VAL VAL X . n 
A 1 67  SER 67  66  66  SER SER X . n 
A 1 68  SER 68  67  67  SER SER X . n 
A 1 69  ASN 69  68  68  ASN ASN X . n 
A 1 70  GLY 70  69  69  GLY GLY X . n 
A 1 71  ILE 71  70  70  ILE ILE X . n 
A 1 72  THR 72  71  71  THR THR X . n 
A 1 73  ILE 73  72  72  ILE ILE X . n 
A 1 74  ASP 74  73  73  ASP ASP X . n 
A 1 75  GLN 75  74  74  GLN GLN X . n 
A 1 76  TYR 76  75  75  TYR TYR X . n 
A 1 77  THR 77  76  76  THR THR X . n 
A 1 78  TYR 78  77  77  TYR TYR X . n 
A 1 79  ASP 79  78  78  ASP ASP X . n 
A 1 80  GLU 80  79  79  GLU GLU X . n 
A 1 81  ASP 81  80  80  ASP ASP X . n 
A 1 82  ASP 82  81  81  ASP ASP X . n 
A 1 83  ASP 83  82  82  ASP ASP X . n 
A 1 84  ILE 84  83  83  ILE ILE X . n 
A 1 85  MET 85  84  84  MET MET X . n 
A 1 86  TYR 86  85  85  TYR TYR X . n 
A 1 87  LYS 87  86  86  LYS LYS X . n 
A 1 88  LEU 88  87  87  LEU LEU X . n 
A 1 89  GLU 89  88  88  GLU GLU X . n 
A 1 90  PHE 90  89  89  PHE PHE X . n 
A 1 91  THR 91  90  90  THR THR X . n 
A 1 92  TYR 92  91  91  TYR TYR X . n 
A 1 93  ARG 93  92  92  ARG ARG X . n 
A 1 94  LYS 94  93  93  LYS LYS X . n 
A 1 95  GLU 95  94  94  GLU GLU X . n 
A 1 96  ASP 96  95  95  ASP ASP X . n 
A 1 97  ASN 97  96  96  ASN ASN X . n 
A 1 98  LYS 98  97  97  LYS LYS X . n 
A 1 99  ILE 99  98  98  ILE ILE X . n 
A 1 100 TYR 100 99  99  TYR TYR X . n 
A 1 101 ILE 101 100 100 ILE ILE X . n 
A 1 102 TYR 102 101 101 TYR TYR X . n 
A 1 103 GLU 103 102 102 GLU GLU X . n 
A 1 104 VAL 104 103 103 VAL VAL X . n 
A 1 105 GLN 105 104 104 GLN GLN X . n 
A 1 106 GLY 106 105 105 GLY GLY X . n 
A 1 107 TRP 107 106 106 TRP TRP X . n 
A 1 108 ARG 108 107 107 ARG ARG X . n 
A 1 109 GLU 109 108 108 GLU GLU X . n 
A 1 110 LYS 110 109 109 LYS LYS X . n 
A 1 111 LYS 111 110 ?   ?   ?   X . n 
A 1 112 LYS 112 111 ?   ?   ?   X . n 
# 
loop_
_pdbx_nonpoly_scheme.asym_id 
_pdbx_nonpoly_scheme.entity_id 
_pdbx_nonpoly_scheme.mon_id 
_pdbx_nonpoly_scheme.ndb_seq_num 
_pdbx_nonpoly_scheme.pdb_seq_num 
_pdbx_nonpoly_scheme.auth_seq_num 
_pdbx_nonpoly_scheme.pdb_mon_id 
_pdbx_nonpoly_scheme.auth_mon_id 
_pdbx_nonpoly_scheme.pdb_strand_id 
_pdbx_nonpoly_scheme.pdb_ins_code 
B 2 HOH 1 112 4  HOH HOH X . 
B 2 HOH 2 113 5  HOH HOH X . 
B 2 HOH 3 114 7  HOH HOH X . 
B 2 HOH 4 115 12 HOH HOH X . 
B 2 HOH 5 116 16 HOH HOH X . 
# 
loop_
_software.name 
_software.classification 
_software.version 
_software.citation_id 
_software.pdbx_ordinal 
REFMAC refinement        5.2.0005 ? 1 
MAR345 'data collection' .        ? 2 
MOSFLM 'data reduction'  .        ? 3 
SOLVE  phasing           .        ? 4 
# 
_cell.entry_id           2H36 
_cell.length_a           68.099 
_cell.length_b           68.099 
_cell.length_c           132.433 
_cell.angle_alpha        90.00 
_cell.angle_beta         90.00 
_cell.angle_gamma        120.00 
_cell.Z_PDB              12 
_cell.pdbx_unique_axis   ? 
_cell.length_a_esd       ? 
_cell.length_b_esd       ? 
_cell.length_c_esd       ? 
_cell.angle_alpha_esd    ? 
_cell.angle_beta_esd     ? 
_cell.angle_gamma_esd    ? 
# 
_symmetry.entry_id                         2H36 
_symmetry.space_group_name_H-M             'P 64 2 2' 
_symmetry.pdbx_full_space_group_name_H-M   ? 
_symmetry.cell_setting                     ? 
_symmetry.Int_Tables_number                181 
_symmetry.space_group_name_Hall            ? 
# 
_exptl.entry_id          2H36 
_exptl.method            'X-RAY DIFFRACTION' 
_exptl.crystals_number   1 
# 
_exptl_crystal.id                    1 
_exptl_crystal.density_meas          ? 
_exptl_crystal.density_Matthews      3.29 
_exptl_crystal.density_percent_sol   62.59 
_exptl_crystal.description           ? 
_exptl_crystal.F_000                 ? 
_exptl_crystal.preparation           ? 
# 
_exptl_crystal_grow.crystal_id      1 
_exptl_crystal_grow.method          'VAPOR DIFFUSION, SITTING DROP' 
_exptl_crystal_grow.temp            293 
_exptl_crystal_grow.temp_details    ? 
_exptl_crystal_grow.pH              5.3 
_exptl_crystal_grow.pdbx_details    
;18-26% (w/v) polyethylene glycol 4000, 0.5M MgCl2, 33mM HEPES, 0.2M imidazole malate pH 5.2-5.6, VAPOR DIFFUSION, SITTING DROP, temperature 293K, pH 5.3
;
_exptl_crystal_grow.pdbx_pH_range   . 
# 
_diffrn.id                     1 
_diffrn.ambient_temp           100 
_diffrn.ambient_temp_details   ? 
_diffrn.crystal_id             1 
# 
_diffrn_detector.diffrn_id              1 
_diffrn_detector.detector               CCD 
_diffrn_detector.type                   'MAR CCD 165 mm' 
_diffrn_detector.pdbx_collection_date   2006-05-04 
_diffrn_detector.details                ? 
# 
_diffrn_radiation.diffrn_id                        1 
_diffrn_radiation.wavelength_id                    1 
_diffrn_radiation.pdbx_monochromatic_or_laue_m_l   M 
_diffrn_radiation.monochromator                    '2 mirrors, onemonochromator' 
_diffrn_radiation.pdbx_diffrn_protocol             'SINGLE WAVELENGTH' 
_diffrn_radiation.pdbx_scattering_type             x-ray 
# 
_diffrn_radiation_wavelength.id           1 
_diffrn_radiation_wavelength.wavelength   0.9798 
_diffrn_radiation_wavelength.wt           1.0 
# 
_diffrn_source.diffrn_id                   1 
_diffrn_source.source                      SYNCHROTRON 
_diffrn_source.type                        'ESRF BEAMLINE BM16' 
_diffrn_source.pdbx_synchrotron_site       ESRF 
_diffrn_source.pdbx_synchrotron_beamline   BM16 
_diffrn_source.pdbx_wavelength             ? 
_diffrn_source.pdbx_wavelength_list        0.9798 
# 
_reflns.entry_id                     2H36 
_reflns.observed_criterion_sigma_I   0 
_reflns.observed_criterion_sigma_F   0 
_reflns.d_resolution_low             23.0 
_reflns.d_resolution_high            2.95 
_reflns.number_obs                   4170 
_reflns.number_all                   ? 
_reflns.percent_possible_obs         99.3 
_reflns.pdbx_Rmerge_I_obs            0.07 
_reflns.pdbx_Rsym_value              0.07 
_reflns.pdbx_netI_over_sigmaI        75 
_reflns.B_iso_Wilson_estimate        ? 
_reflns.pdbx_redundancy              53.4 
_reflns.R_free_details               ? 
_reflns.limit_h_max                  ? 
_reflns.limit_h_min                  ? 
_reflns.limit_k_max                  ? 
_reflns.limit_k_min                  ? 
_reflns.limit_l_max                  ? 
_reflns.limit_l_min                  ? 
_reflns.observed_criterion_F_max     ? 
_reflns.observed_criterion_F_min     ? 
_reflns.pdbx_chi_squared             ? 
_reflns.pdbx_scaling_rejects         ? 
_reflns.pdbx_ordinal                 1 
_reflns.pdbx_diffrn_id               1 
# 
_reflns_shell.d_res_high             2.95 
_reflns_shell.d_res_low              3.11 
_reflns_shell.percent_possible_all   99.4 
_reflns_shell.Rmerge_I_obs           0.386 
_reflns_shell.pdbx_Rsym_value        0.386 
_reflns_shell.meanI_over_sigI_obs    17 
_reflns_shell.pdbx_redundancy        55 
_reflns_shell.percent_possible_obs   ? 
_reflns_shell.number_unique_all      ? 
_reflns_shell.number_measured_all    ? 
_reflns_shell.number_measured_obs    ? 
_reflns_shell.number_unique_obs      ? 
_reflns_shell.pdbx_chi_squared       ? 
_reflns_shell.pdbx_ordinal           1 
_reflns_shell.pdbx_diffrn_id         1 
# 
_refine.entry_id                                 2H36 
_refine.ls_number_reflns_obs                     3740 
_refine.ls_number_reflns_all                     4170 
_refine.pdbx_ls_sigma_I                          ? 
_refine.pdbx_ls_sigma_F                          ? 
_refine.pdbx_data_cutoff_high_absF               ? 
_refine.pdbx_data_cutoff_low_absF                ? 
_refine.pdbx_data_cutoff_high_rms_absF           ? 
_refine.ls_d_res_low                             22.07 
_refine.ls_d_res_high                            2.95 
_refine.ls_percent_reflns_obs                    98.74 
_refine.ls_R_factor_obs                          0.23353 
_refine.ls_R_factor_all                          ? 
_refine.ls_R_factor_R_work                       0.22711 
_refine.ls_R_factor_R_free                       0.29442 
_refine.ls_R_factor_R_free_error                 ? 
_refine.ls_R_factor_R_free_error_details         ? 
_refine.ls_percent_reflns_R_free                 9.8 
_refine.ls_number_reflns_R_free                  406 
_refine.ls_number_parameters                     ? 
_refine.ls_number_restraints                     ? 
_refine.occupancy_min                            ? 
_refine.occupancy_max                            ? 
_refine.correlation_coeff_Fo_to_Fc               0.932 
_refine.correlation_coeff_Fo_to_Fc_free          0.894 
_refine.B_iso_mean                               27.377 
_refine.aniso_B[1][1]                            5.14 
_refine.aniso_B[2][2]                            5.14 
_refine.aniso_B[3][3]                            -7.71 
_refine.aniso_B[1][2]                            2.57 
_refine.aniso_B[1][3]                            0.00 
_refine.aniso_B[2][3]                            0.00 
_refine.solvent_model_details                    MASK 
_refine.solvent_model_param_ksol                 ? 
_refine.solvent_model_param_bsol                 ? 
_refine.pdbx_solvent_vdw_probe_radii             1.20 
_refine.pdbx_solvent_ion_probe_radii             0.80 
_refine.pdbx_solvent_shrinkage_radii             0.80 
_refine.pdbx_ls_cross_valid_method               THROUGHOUT 
_refine.details                                  'HYDROGENS HAVE BEEN ADDED IN THE RIDING POSITIONS' 
_refine.pdbx_starting_model                      ? 
_refine.pdbx_method_to_determine_struct          SAD 
_refine.pdbx_isotropic_thermal_model             ? 
_refine.pdbx_stereochemistry_target_values       'MAXIMUM LIKELIHOOD' 
_refine.pdbx_stereochem_target_val_spec_case     ? 
_refine.pdbx_R_Free_selection_details            RANDOM 
_refine.pdbx_overall_ESU_R                       4.336 
_refine.pdbx_overall_ESU_R_Free                  0.450 
_refine.overall_SU_ML                            0.331 
_refine.overall_SU_B                             37.162 
_refine.ls_redundancy_reflns_obs                 ? 
_refine.B_iso_min                                ? 
_refine.B_iso_max                                ? 
_refine.overall_SU_R_Cruickshank_DPI             ? 
_refine.overall_SU_R_free                        ? 
_refine.ls_wR_factor_R_free                      ? 
_refine.ls_wR_factor_R_work                      ? 
_refine.overall_FOM_free_R_set                   ? 
_refine.overall_FOM_work_R_set                   ? 
_refine.pdbx_refine_id                           'X-RAY DIFFRACTION' 
_refine.pdbx_overall_phase_error                 ? 
_refine.pdbx_TLS_residual_ADP_flag               'LIKELY RESIDUAL' 
_refine.pdbx_diffrn_id                           1 
_refine.pdbx_overall_SU_R_free_Cruickshank_DPI   ? 
_refine.pdbx_overall_SU_R_Blow_DPI               ? 
_refine.pdbx_overall_SU_R_free_Blow_DPI          ? 
# 
_refine_hist.pdbx_refine_id                   'X-RAY DIFFRACTION' 
_refine_hist.cycle_id                         LAST 
_refine_hist.pdbx_number_atoms_protein        918 
_refine_hist.pdbx_number_atoms_nucleic_acid   0 
_refine_hist.pdbx_number_atoms_ligand         0 
_refine_hist.number_atoms_solvent             5 
_refine_hist.number_atoms_total               923 
_refine_hist.d_res_high                       2.95 
_refine_hist.d_res_low                        22.07 
# 
loop_
_refine_ls_restr.type 
_refine_ls_restr.dev_ideal 
_refine_ls_restr.dev_ideal_target 
_refine_ls_restr.weight 
_refine_ls_restr.number 
_refine_ls_restr.pdbx_refine_id 
_refine_ls_restr.pdbx_restraint_function 
r_bond_refined_d             0.010  0.022  ? 936  'X-RAY DIFFRACTION' ? 
r_bond_other_d               ?      ?      ? ?    'X-RAY DIFFRACTION' ? 
r_angle_refined_deg          1.428  1.964  ? 1261 'X-RAY DIFFRACTION' ? 
r_angle_other_deg            ?      ?      ? ?    'X-RAY DIFFRACTION' ? 
r_dihedral_angle_1_deg       7.984  5.000  ? 107  'X-RAY DIFFRACTION' ? 
r_dihedral_angle_2_deg       40.231 26.250 ? 56   'X-RAY DIFFRACTION' ? 
r_dihedral_angle_3_deg       20.723 15.000 ? 179  'X-RAY DIFFRACTION' ? 
r_dihedral_angle_4_deg       7.070  15.000 ? 3    'X-RAY DIFFRACTION' ? 
r_chiral_restr               0.098  0.200  ? 131  'X-RAY DIFFRACTION' ? 
r_gen_planes_refined         0.004  0.020  ? 722  'X-RAY DIFFRACTION' ? 
r_gen_planes_other           ?      ?      ? ?    'X-RAY DIFFRACTION' ? 
r_nbd_refined                0.218  0.200  ? 385  'X-RAY DIFFRACTION' ? 
r_nbd_other                  ?      ?      ? ?    'X-RAY DIFFRACTION' ? 
r_nbtor_refined              0.315  0.200  ? 622  'X-RAY DIFFRACTION' ? 
r_nbtor_other                ?      ?      ? ?    'X-RAY DIFFRACTION' ? 
r_xyhbond_nbd_refined        0.143  0.200  ? 33   'X-RAY DIFFRACTION' ? 
r_xyhbond_nbd_other          ?      ?      ? ?    'X-RAY DIFFRACTION' ? 
r_metal_ion_refined          ?      ?      ? ?    'X-RAY DIFFRACTION' ? 
r_metal_ion_other            ?      ?      ? ?    'X-RAY DIFFRACTION' ? 
r_symmetry_vdw_refined       0.177  0.200  ? 31   'X-RAY DIFFRACTION' ? 
r_symmetry_vdw_other         ?      ?      ? ?    'X-RAY DIFFRACTION' ? 
r_symmetry_hbond_refined     0.164  0.200  ? 8    'X-RAY DIFFRACTION' ? 
r_symmetry_hbond_other       ?      ?      ? ?    'X-RAY DIFFRACTION' ? 
r_symmetry_metal_ion_refined ?      ?      ? ?    'X-RAY DIFFRACTION' ? 
r_symmetry_metal_ion_other   ?      ?      ? ?    'X-RAY DIFFRACTION' ? 
r_mcbond_it                  0.400  1.500  ? 554  'X-RAY DIFFRACTION' ? 
r_mcbond_other               ?      ?      ? ?    'X-RAY DIFFRACTION' ? 
r_mcangle_it                 0.716  2.000  ? 873  'X-RAY DIFFRACTION' ? 
r_scbond_it                  0.863  3.000  ? 441  'X-RAY DIFFRACTION' ? 
r_scangle_it                 1.451  4.500  ? 388  'X-RAY DIFFRACTION' ? 
r_rigid_bond_restr           ?      ?      ? ?    'X-RAY DIFFRACTION' ? 
r_sphericity_free            ?      ?      ? ?    'X-RAY DIFFRACTION' ? 
r_sphericity_bonded          ?      ?      ? ?    'X-RAY DIFFRACTION' ? 
# 
_refine_ls_shell.pdbx_total_number_of_bins_used   20 
_refine_ls_shell.d_res_high                       2.952 
_refine_ls_shell.d_res_low                        3.027 
_refine_ls_shell.number_reflns_R_work             257 
_refine_ls_shell.R_factor_R_work                  0.377 
_refine_ls_shell.percent_reflns_obs               98.97 
_refine_ls_shell.R_factor_R_free                  0.414 
_refine_ls_shell.R_factor_R_free_error            ? 
_refine_ls_shell.percent_reflns_R_free            ? 
_refine_ls_shell.number_reflns_R_free             30 
_refine_ls_shell.number_reflns_all                ? 
_refine_ls_shell.R_factor_all                     ? 
_refine_ls_shell.redundancy_reflns_obs            ? 
_refine_ls_shell.number_reflns_obs                ? 
_refine_ls_shell.pdbx_refine_id                   'X-RAY DIFFRACTION' 
# 
_struct.entry_id                  2H36 
_struct.title                     'Structure of ORF14 from Sulfolobus Islandicus Filamentous Virus (SIFV)' 
_struct.pdbx_model_details        ? 
_struct.pdbx_CASP_flag            ? 
_struct.pdbx_model_type_details   ? 
# 
_struct_keywords.entry_id        2H36 
_struct_keywords.pdbx_keywords   'UNKNOWN FUNCTION' 
_struct_keywords.text            'Archaea, Virus, UNKNOWN FUNCTION' 
# 
loop_
_struct_asym.id 
_struct_asym.pdbx_blank_PDB_chainid_flag 
_struct_asym.pdbx_modified 
_struct_asym.entity_id 
_struct_asym.details 
A N N 1 ? 
B N N 2 ? 
# 
_struct_ref.id                         1 
_struct_ref.db_name                    UNP 
_struct_ref.db_code                    Q914L6_9VIRU 
_struct_ref.pdbx_db_accession          Q914L6 
_struct_ref.entity_id                  1 
_struct_ref.pdbx_seq_one_letter_code   
;EKQDLEKIESDIINDWTEADDLDDALDFLFMEKVSEFKIKFKDPLKVTEEEYRELLGNYDSSNSVSSNGITIDQYTYDED
DDIMYKLEFTYRKEDNKIYIYEVQGWREKKK
;
_struct_ref.pdbx_align_begin           2 
_struct_ref.pdbx_db_isoform            ? 
# 
_struct_ref_seq.align_id                      1 
_struct_ref_seq.ref_id                        1 
_struct_ref_seq.pdbx_PDB_id_code              2H36 
_struct_ref_seq.pdbx_strand_id                X 
_struct_ref_seq.seq_align_beg                 2 
_struct_ref_seq.pdbx_seq_align_beg_ins_code   ? 
_struct_ref_seq.seq_align_end                 112 
_struct_ref_seq.pdbx_seq_align_end_ins_code   ? 
_struct_ref_seq.pdbx_db_accession             Q914L6 
_struct_ref_seq.db_align_beg                  2 
_struct_ref_seq.pdbx_db_align_beg_ins_code    ? 
_struct_ref_seq.db_align_end                  112 
_struct_ref_seq.pdbx_db_align_end_ins_code    ? 
_struct_ref_seq.pdbx_auth_seq_align_beg       1 
_struct_ref_seq.pdbx_auth_seq_align_end       111 
# 
_struct_ref_seq_dif.align_id                     1 
_struct_ref_seq_dif.pdbx_pdb_id_code             2H36 
_struct_ref_seq_dif.mon_id                       GLY 
_struct_ref_seq_dif.pdbx_pdb_strand_id           X 
_struct_ref_seq_dif.seq_num                      1 
_struct_ref_seq_dif.pdbx_pdb_ins_code            ? 
_struct_ref_seq_dif.pdbx_seq_db_name             UNP 
_struct_ref_seq_dif.pdbx_seq_db_accession_code   Q914L6 
_struct_ref_seq_dif.db_mon_id                    ? 
_struct_ref_seq_dif.pdbx_seq_db_seq_num          ? 
_struct_ref_seq_dif.details                      'expression tag' 
_struct_ref_seq_dif.pdbx_auth_seq_num            0 
_struct_ref_seq_dif.pdbx_ordinal                 1 
# 
_pdbx_struct_assembly.id                   1 
_pdbx_struct_assembly.details              author_defined_assembly 
_pdbx_struct_assembly.method_details       ? 
_pdbx_struct_assembly.oligomeric_details   monomeric 
_pdbx_struct_assembly.oligomeric_count     1 
# 
_pdbx_struct_assembly_gen.assembly_id       1 
_pdbx_struct_assembly_gen.oper_expression   1 
_pdbx_struct_assembly_gen.asym_id_list      A,B 
# 
_pdbx_struct_oper_list.id                   1 
_pdbx_struct_oper_list.type                 'identity operation' 
_pdbx_struct_oper_list.name                 1_555 
_pdbx_struct_oper_list.symmetry_operation   x,y,z 
_pdbx_struct_oper_list.matrix[1][1]         1.0000000000 
_pdbx_struct_oper_list.matrix[1][2]         0.0000000000 
_pdbx_struct_oper_list.matrix[1][3]         0.0000000000 
_pdbx_struct_oper_list.vector[1]            0.0000000000 
_pdbx_struct_oper_list.matrix[2][1]         0.0000000000 
_pdbx_struct_oper_list.matrix[2][2]         1.0000000000 
_pdbx_struct_oper_list.matrix[2][3]         0.0000000000 
_pdbx_struct_oper_list.vector[2]            0.0000000000 
_pdbx_struct_oper_list.matrix[3][1]         0.0000000000 
_pdbx_struct_oper_list.matrix[3][2]         0.0000000000 
_pdbx_struct_oper_list.matrix[3][3]         1.0000000000 
_pdbx_struct_oper_list.vector[3]            0.0000000000 
# 
_struct_biol.id        1 
_struct_biol.details   ? 
# 
loop_
_struct_conf.conf_type_id 
_struct_conf.id 
_struct_conf.pdbx_PDB_helix_id 
_struct_conf.beg_label_comp_id 
_struct_conf.beg_label_asym_id 
_struct_conf.beg_label_seq_id 
_struct_conf.pdbx_beg_PDB_ins_code 
_struct_conf.end_label_comp_id 
_struct_conf.end_label_asym_id 
_struct_conf.end_label_seq_id 
_struct_conf.pdbx_end_PDB_ins_code 
_struct_conf.beg_auth_comp_id 
_struct_conf.beg_auth_asym_id 
_struct_conf.beg_auth_seq_id 
_struct_conf.end_auth_comp_id 
_struct_conf.end_auth_asym_id 
_struct_conf.end_auth_seq_id 
_struct_conf.pdbx_PDB_helix_class 
_struct_conf.details 
_struct_conf.pdbx_PDB_helix_length 
HELX_P HELX_P1 1 ASP A 5  ? SER A 11 ? ASP X 4  SER X 10 1 ? 7  
HELX_P HELX_P2 2 THR A 18 ? PHE A 31 ? THR X 17 PHE X 30 1 ? 14 
HELX_P HELX_P3 3 GLU A 50 ? LEU A 56 ? GLU X 49 LEU X 55 1 ? 7  
# 
_struct_conf_type.id          HELX_P 
_struct_conf_type.criteria    ? 
_struct_conf_type.reference   ? 
# 
loop_
_struct_mon_prot_cis.pdbx_id 
_struct_mon_prot_cis.label_comp_id 
_struct_mon_prot_cis.label_seq_id 
_struct_mon_prot_cis.label_asym_id 
_struct_mon_prot_cis.label_alt_id 
_struct_mon_prot_cis.pdbx_PDB_ins_code 
_struct_mon_prot_cis.auth_comp_id 
_struct_mon_prot_cis.auth_seq_id 
_struct_mon_prot_cis.auth_asym_id 
_struct_mon_prot_cis.pdbx_label_comp_id_2 
_struct_mon_prot_cis.pdbx_label_seq_id_2 
_struct_mon_prot_cis.pdbx_label_asym_id_2 
_struct_mon_prot_cis.pdbx_PDB_ins_code_2 
_struct_mon_prot_cis.pdbx_auth_comp_id_2 
_struct_mon_prot_cis.pdbx_auth_seq_id_2 
_struct_mon_prot_cis.pdbx_auth_asym_id_2 
_struct_mon_prot_cis.pdbx_PDB_model_num 
_struct_mon_prot_cis.pdbx_omega_angle 
1 ILE 14 A . ? ILE 13 X ASN 15 A ? ASN 14 X 1 -5.73 
2 ASN 15 A . ? ASN 14 X ASP 16 A ? ASP 15 X 1 -5.37 
3 GLU 95 A . ? GLU 94 X ASP 96 A ? ASP 95 X 1 1.98  
# 
_struct_sheet.id               A 
_struct_sheet.type             ? 
_struct_sheet.number_strands   5 
_struct_sheet.details          ? 
# 
loop_
_struct_sheet_order.sheet_id 
_struct_sheet_order.range_id_1 
_struct_sheet_order.range_id_2 
_struct_sheet_order.offset 
_struct_sheet_order.sense 
A 1 2 ? anti-parallel 
A 2 3 ? anti-parallel 
A 3 4 ? anti-parallel 
A 4 5 ? anti-parallel 
# 
loop_
_struct_sheet_range.sheet_id 
_struct_sheet_range.id 
_struct_sheet_range.beg_label_comp_id 
_struct_sheet_range.beg_label_asym_id 
_struct_sheet_range.beg_label_seq_id 
_struct_sheet_range.pdbx_beg_PDB_ins_code 
_struct_sheet_range.end_label_comp_id 
_struct_sheet_range.end_label_asym_id 
_struct_sheet_range.end_label_seq_id 
_struct_sheet_range.pdbx_end_PDB_ins_code 
_struct_sheet_range.beg_auth_comp_id 
_struct_sheet_range.beg_auth_asym_id 
_struct_sheet_range.beg_auth_seq_id 
_struct_sheet_range.end_auth_comp_id 
_struct_sheet_range.end_auth_asym_id 
_struct_sheet_range.end_auth_seq_id 
A 1 GLU A 37 ? THR A 49  ? GLU X 36 THR X 48  
A 2 LYS A 98 ? GLU A 109 ? LYS X 97 GLU X 108 
A 3 MET A 85 ? LYS A 94  ? MET X 84 LYS X 93  
A 4 ILE A 71 ? ASP A 79  ? ILE X 70 ASP X 78  
A 5 SER A 62 ? VAL A 66  ? SER X 61 VAL X 65  
# 
loop_
_pdbx_struct_sheet_hbond.sheet_id 
_pdbx_struct_sheet_hbond.range_id_1 
_pdbx_struct_sheet_hbond.range_id_2 
_pdbx_struct_sheet_hbond.range_1_label_atom_id 
_pdbx_struct_sheet_hbond.range_1_label_comp_id 
_pdbx_struct_sheet_hbond.range_1_label_asym_id 
_pdbx_struct_sheet_hbond.range_1_label_seq_id 
_pdbx_struct_sheet_hbond.range_1_PDB_ins_code 
_pdbx_struct_sheet_hbond.range_1_auth_atom_id 
_pdbx_struct_sheet_hbond.range_1_auth_comp_id 
_pdbx_struct_sheet_hbond.range_1_auth_asym_id 
_pdbx_struct_sheet_hbond.range_1_auth_seq_id 
_pdbx_struct_sheet_hbond.range_2_label_atom_id 
_pdbx_struct_sheet_hbond.range_2_label_comp_id 
_pdbx_struct_sheet_hbond.range_2_label_asym_id 
_pdbx_struct_sheet_hbond.range_2_label_seq_id 
_pdbx_struct_sheet_hbond.range_2_PDB_ins_code 
_pdbx_struct_sheet_hbond.range_2_auth_atom_id 
_pdbx_struct_sheet_hbond.range_2_auth_comp_id 
_pdbx_struct_sheet_hbond.range_2_auth_asym_id 
_pdbx_struct_sheet_hbond.range_2_auth_seq_id 
A 1 2 N ILE A 40  ? N ILE X 39  O VAL A 104 ? O VAL X 103 
A 2 3 O GLU A 109 ? O GLU X 108 N MET A 85  ? N MET X 84  
A 3 4 O LEU A 88  ? O LEU X 87  N TYR A 76  ? N TYR X 75  
A 4 5 O GLN A 75  ? O GLN X 74  N ASN A 64  ? N ASN X 63  
# 
loop_
_pdbx_validate_rmsd_angle.id 
_pdbx_validate_rmsd_angle.PDB_model_num 
_pdbx_validate_rmsd_angle.auth_atom_id_1 
_pdbx_validate_rmsd_angle.auth_asym_id_1 
_pdbx_validate_rmsd_angle.auth_comp_id_1 
_pdbx_validate_rmsd_angle.auth_seq_id_1 
_pdbx_validate_rmsd_angle.PDB_ins_code_1 
_pdbx_validate_rmsd_angle.label_alt_id_1 
_pdbx_validate_rmsd_angle.auth_atom_id_2 
_pdbx_validate_rmsd_angle.auth_asym_id_2 
_pdbx_validate_rmsd_angle.auth_comp_id_2 
_pdbx_validate_rmsd_angle.auth_seq_id_2 
_pdbx_validate_rmsd_angle.PDB_ins_code_2 
_pdbx_validate_rmsd_angle.label_alt_id_2 
_pdbx_validate_rmsd_angle.auth_atom_id_3 
_pdbx_validate_rmsd_angle.auth_asym_id_3 
_pdbx_validate_rmsd_angle.auth_comp_id_3 
_pdbx_validate_rmsd_angle.auth_seq_id_3 
_pdbx_validate_rmsd_angle.PDB_ins_code_3 
_pdbx_validate_rmsd_angle.label_alt_id_3 
_pdbx_validate_rmsd_angle.angle_value 
_pdbx_validate_rmsd_angle.angle_target_value 
_pdbx_validate_rmsd_angle.angle_deviation 
_pdbx_validate_rmsd_angle.angle_standard_deviation 
_pdbx_validate_rmsd_angle.linker_flag 
1 1 N X ASP 95 ? ? CA X ASP 95 ? ? CB X ASP 95 ? ? 122.65 110.60 12.05 1.80 N 
2 1 N X ASN 96 ? ? CA X ASN 96 ? ? CB X ASN 96 ? ? 124.38 110.60 13.78 1.80 N 
# 
loop_
_pdbx_validate_torsion.id 
_pdbx_validate_torsion.PDB_model_num 
_pdbx_validate_torsion.auth_comp_id 
_pdbx_validate_torsion.auth_asym_id 
_pdbx_validate_torsion.auth_seq_id 
_pdbx_validate_torsion.PDB_ins_code 
_pdbx_validate_torsion.label_alt_id 
_pdbx_validate_torsion.phi 
_pdbx_validate_torsion.psi 
1 1 GLN X 3  ? ? -100.36 40.71   
2 1 ASN X 14 ? ? -120.37 -65.62  
3 1 ASP X 15 ? ? -144.04 -14.78  
4 1 GLU X 36 ? ? -172.28 143.60  
5 1 ASN X 68 ? ? 63.19   -147.97 
6 1 GLU X 94 ? ? -156.34 82.87   
7 1 ASN X 96 ? ? 80.43   -12.55  
# 
_pdbx_validate_main_chain_plane.id                       1 
_pdbx_validate_main_chain_plane.PDB_model_num            1 
_pdbx_validate_main_chain_plane.auth_comp_id             GLU 
_pdbx_validate_main_chain_plane.auth_asym_id             X 
_pdbx_validate_main_chain_plane.auth_seq_id              94 
_pdbx_validate_main_chain_plane.PDB_ins_code             ? 
_pdbx_validate_main_chain_plane.label_alt_id             ? 
_pdbx_validate_main_chain_plane.improper_torsion_angle   10.76 
# 
loop_
_pdbx_refine_tls.id 
_pdbx_refine_tls.details 
_pdbx_refine_tls.method 
_pdbx_refine_tls.origin_x 
_pdbx_refine_tls.origin_y 
_pdbx_refine_tls.origin_z 
_pdbx_refine_tls.T[1][1] 
_pdbx_refine_tls.T[2][2] 
_pdbx_refine_tls.T[3][3] 
_pdbx_refine_tls.T[1][2] 
_pdbx_refine_tls.T[1][3] 
_pdbx_refine_tls.T[2][3] 
_pdbx_refine_tls.L[1][1] 
_pdbx_refine_tls.L[2][2] 
_pdbx_refine_tls.L[3][3] 
_pdbx_refine_tls.L[1][2] 
_pdbx_refine_tls.L[1][3] 
_pdbx_refine_tls.L[2][3] 
_pdbx_refine_tls.S[1][1] 
_pdbx_refine_tls.S[1][2] 
_pdbx_refine_tls.S[1][3] 
_pdbx_refine_tls.S[2][1] 
_pdbx_refine_tls.S[2][2] 
_pdbx_refine_tls.S[2][3] 
_pdbx_refine_tls.S[3][1] 
_pdbx_refine_tls.S[3][2] 
_pdbx_refine_tls.S[3][3] 
_pdbx_refine_tls.pdbx_refine_id 
1 ? refined -1.9470 3.1892   2.4359   0.2192 0.0947 0.2589 0.0543 -0.0876 -0.2221 7.2511 6.6041  6.4933  -1.5029 0.0756 -2.4603 0.0453 -0.1032 -0.2307 -0.1480 -0.2063 0.0458 0.3670 -0.4958 0.1610 'X-RAY DIFFRACTION' 
2 ? refined 11.8111 -18.3730 -16.5345 0.9754 0.4574 0.5590 0.2204 0.0399  0.0895  7.4088 28.4801 13.5231 7.6635  7.1813 14.0067 0.1166 0.0261  -0.5516 0.7238  -0.2829 2.1728 0.7376 -0.0985 0.1662 'X-RAY DIFFRACTION' 
# 
loop_
_pdbx_refine_tls_group.id 
_pdbx_refine_tls_group.refine_tls_id 
_pdbx_refine_tls_group.beg_auth_asym_id 
_pdbx_refine_tls_group.beg_auth_seq_id 
_pdbx_refine_tls_group.beg_label_asym_id 
_pdbx_refine_tls_group.beg_label_seq_id 
_pdbx_refine_tls_group.end_auth_asym_id 
_pdbx_refine_tls_group.end_auth_seq_id 
_pdbx_refine_tls_group.end_label_asym_id 
_pdbx_refine_tls_group.end_label_seq_id 
_pdbx_refine_tls_group.selection 
_pdbx_refine_tls_group.pdbx_refine_id 
_pdbx_refine_tls_group.selection_details 
1 1 X 17 A 18 X 109 A 110 ? 'X-RAY DIFFRACTION' ? 
2 2 X 2  A 3  X 16  A 17  ? 'X-RAY DIFFRACTION' ? 
# 
loop_
_pdbx_unobs_or_zero_occ_residues.id 
_pdbx_unobs_or_zero_occ_residues.PDB_model_num 
_pdbx_unobs_or_zero_occ_residues.polymer_flag 
_pdbx_unobs_or_zero_occ_residues.occupancy_flag 
_pdbx_unobs_or_zero_occ_residues.auth_asym_id 
_pdbx_unobs_or_zero_occ_residues.auth_comp_id 
_pdbx_unobs_or_zero_occ_residues.auth_seq_id 
_pdbx_unobs_or_zero_occ_residues.PDB_ins_code 
_pdbx_unobs_or_zero_occ_residues.label_asym_id 
_pdbx_unobs_or_zero_occ_residues.label_comp_id 
_pdbx_unobs_or_zero_occ_residues.label_seq_id 
1 1 Y 1 X GLY 0   ? A GLY 1   
2 1 Y 1 X GLU 1   ? A GLU 2   
3 1 Y 1 X LYS 110 ? A LYS 111 
4 1 Y 1 X LYS 111 ? A LYS 112 
# 
loop_
_chem_comp_atom.comp_id 
_chem_comp_atom.atom_id 
_chem_comp_atom.type_symbol 
_chem_comp_atom.pdbx_aromatic_flag 
_chem_comp_atom.pdbx_stereo_config 
_chem_comp_atom.pdbx_ordinal 
ALA N    N N N 1   
ALA CA   C N S 2   
ALA C    C N N 3   
ALA O    O N N 4   
ALA CB   C N N 5   
ALA OXT  O N N 6   
ALA H    H N N 7   
ALA H2   H N N 8   
ALA HA   H N N 9   
ALA HB1  H N N 10  
ALA HB2  H N N 11  
ALA HB3  H N N 12  
ALA HXT  H N N 13  
ARG N    N N N 14  
ARG CA   C N S 15  
ARG C    C N N 16  
ARG O    O N N 17  
ARG CB   C N N 18  
ARG CG   C N N 19  
ARG CD   C N N 20  
ARG NE   N N N 21  
ARG CZ   C N N 22  
ARG NH1  N N N 23  
ARG NH2  N N N 24  
ARG OXT  O N N 25  
ARG H    H N N 26  
ARG H2   H N N 27  
ARG HA   H N N 28  
ARG HB2  H N N 29  
ARG HB3  H N N 30  
ARG HG2  H N N 31  
ARG HG3  H N N 32  
ARG HD2  H N N 33  
ARG HD3  H N N 34  
ARG HE   H N N 35  
ARG HH11 H N N 36  
ARG HH12 H N N 37  
ARG HH21 H N N 38  
ARG HH22 H N N 39  
ARG HXT  H N N 40  
ASN N    N N N 41  
ASN CA   C N S 42  
ASN C    C N N 43  
ASN O    O N N 44  
ASN CB   C N N 45  
ASN CG   C N N 46  
ASN OD1  O N N 47  
ASN ND2  N N N 48  
ASN OXT  O N N 49  
ASN H    H N N 50  
ASN H2   H N N 51  
ASN HA   H N N 52  
ASN HB2  H N N 53  
ASN HB3  H N N 54  
ASN HD21 H N N 55  
ASN HD22 H N N 56  
ASN HXT  H N N 57  
ASP N    N N N 58  
ASP CA   C N S 59  
ASP C    C N N 60  
ASP O    O N N 61  
ASP CB   C N N 62  
ASP CG   C N N 63  
ASP OD1  O N N 64  
ASP OD2  O N N 65  
ASP OXT  O N N 66  
ASP H    H N N 67  
ASP H2   H N N 68  
ASP HA   H N N 69  
ASP HB2  H N N 70  
ASP HB3  H N N 71  
ASP HD2  H N N 72  
ASP HXT  H N N 73  
GLN N    N N N 74  
GLN CA   C N S 75  
GLN C    C N N 76  
GLN O    O N N 77  
GLN CB   C N N 78  
GLN CG   C N N 79  
GLN CD   C N N 80  
GLN OE1  O N N 81  
GLN NE2  N N N 82  
GLN OXT  O N N 83  
GLN H    H N N 84  
GLN H2   H N N 85  
GLN HA   H N N 86  
GLN HB2  H N N 87  
GLN HB3  H N N 88  
GLN HG2  H N N 89  
GLN HG3  H N N 90  
GLN HE21 H N N 91  
GLN HE22 H N N 92  
GLN HXT  H N N 93  
GLU N    N N N 94  
GLU CA   C N S 95  
GLU C    C N N 96  
GLU O    O N N 97  
GLU CB   C N N 98  
GLU CG   C N N 99  
GLU CD   C N N 100 
GLU OE1  O N N 101 
GLU OE2  O N N 102 
GLU OXT  O N N 103 
GLU H    H N N 104 
GLU H2   H N N 105 
GLU HA   H N N 106 
GLU HB2  H N N 107 
GLU HB3  H N N 108 
GLU HG2  H N N 109 
GLU HG3  H N N 110 
GLU HE2  H N N 111 
GLU HXT  H N N 112 
GLY N    N N N 113 
GLY CA   C N N 114 
GLY C    C N N 115 
GLY O    O N N 116 
GLY OXT  O N N 117 
GLY H    H N N 118 
GLY H2   H N N 119 
GLY HA2  H N N 120 
GLY HA3  H N N 121 
GLY HXT  H N N 122 
HOH O    O N N 123 
HOH H1   H N N 124 
HOH H2   H N N 125 
ILE N    N N N 126 
ILE CA   C N S 127 
ILE C    C N N 128 
ILE O    O N N 129 
ILE CB   C N S 130 
ILE CG1  C N N 131 
ILE CG2  C N N 132 
ILE CD1  C N N 133 
ILE OXT  O N N 134 
ILE H    H N N 135 
ILE H2   H N N 136 
ILE HA   H N N 137 
ILE HB   H N N 138 
ILE HG12 H N N 139 
ILE HG13 H N N 140 
ILE HG21 H N N 141 
ILE HG22 H N N 142 
ILE HG23 H N N 143 
ILE HD11 H N N 144 
ILE HD12 H N N 145 
ILE HD13 H N N 146 
ILE HXT  H N N 147 
LEU N    N N N 148 
LEU CA   C N S 149 
LEU C    C N N 150 
LEU O    O N N 151 
LEU CB   C N N 152 
LEU CG   C N N 153 
LEU CD1  C N N 154 
LEU CD2  C N N 155 
LEU OXT  O N N 156 
LEU H    H N N 157 
LEU H2   H N N 158 
LEU HA   H N N 159 
LEU HB2  H N N 160 
LEU HB3  H N N 161 
LEU HG   H N N 162 
LEU HD11 H N N 163 
LEU HD12 H N N 164 
LEU HD13 H N N 165 
LEU HD21 H N N 166 
LEU HD22 H N N 167 
LEU HD23 H N N 168 
LEU HXT  H N N 169 
LYS N    N N N 170 
LYS CA   C N S 171 
LYS C    C N N 172 
LYS O    O N N 173 
LYS CB   C N N 174 
LYS CG   C N N 175 
LYS CD   C N N 176 
LYS CE   C N N 177 
LYS NZ   N N N 178 
LYS OXT  O N N 179 
LYS H    H N N 180 
LYS H2   H N N 181 
LYS HA   H N N 182 
LYS HB2  H N N 183 
LYS HB3  H N N 184 
LYS HG2  H N N 185 
LYS HG3  H N N 186 
LYS HD2  H N N 187 
LYS HD3  H N N 188 
LYS HE2  H N N 189 
LYS HE3  H N N 190 
LYS HZ1  H N N 191 
LYS HZ2  H N N 192 
LYS HZ3  H N N 193 
LYS HXT  H N N 194 
MET N    N N N 195 
MET CA   C N S 196 
MET C    C N N 197 
MET O    O N N 198 
MET CB   C N N 199 
MET CG   C N N 200 
MET SD   S N N 201 
MET CE   C N N 202 
MET OXT  O N N 203 
MET H    H N N 204 
MET H2   H N N 205 
MET HA   H N N 206 
MET HB2  H N N 207 
MET HB3  H N N 208 
MET HG2  H N N 209 
MET HG3  H N N 210 
MET HE1  H N N 211 
MET HE2  H N N 212 
MET HE3  H N N 213 
MET HXT  H N N 214 
PHE N    N N N 215 
PHE CA   C N S 216 
PHE C    C N N 217 
PHE O    O N N 218 
PHE CB   C N N 219 
PHE CG   C Y N 220 
PHE CD1  C Y N 221 
PHE CD2  C Y N 222 
PHE CE1  C Y N 223 
PHE CE2  C Y N 224 
PHE CZ   C Y N 225 
PHE OXT  O N N 226 
PHE H    H N N 227 
PHE H2   H N N 228 
PHE HA   H N N 229 
PHE HB2  H N N 230 
PHE HB3  H N N 231 
PHE HD1  H N N 232 
PHE HD2  H N N 233 
PHE HE1  H N N 234 
PHE HE2  H N N 235 
PHE HZ   H N N 236 
PHE HXT  H N N 237 
PRO N    N N N 238 
PRO CA   C N S 239 
PRO C    C N N 240 
PRO O    O N N 241 
PRO CB   C N N 242 
PRO CG   C N N 243 
PRO CD   C N N 244 
PRO OXT  O N N 245 
PRO H    H N N 246 
PRO HA   H N N 247 
PRO HB2  H N N 248 
PRO HB3  H N N 249 
PRO HG2  H N N 250 
PRO HG3  H N N 251 
PRO HD2  H N N 252 
PRO HD3  H N N 253 
PRO HXT  H N N 254 
SER N    N N N 255 
SER CA   C N S 256 
SER C    C N N 257 
SER O    O N N 258 
SER CB   C N N 259 
SER OG   O N N 260 
SER OXT  O N N 261 
SER H    H N N 262 
SER H2   H N N 263 
SER HA   H N N 264 
SER HB2  H N N 265 
SER HB3  H N N 266 
SER HG   H N N 267 
SER HXT  H N N 268 
THR N    N N N 269 
THR CA   C N S 270 
THR C    C N N 271 
THR O    O N N 272 
THR CB   C N R 273 
THR OG1  O N N 274 
THR CG2  C N N 275 
THR OXT  O N N 276 
THR H    H N N 277 
THR H2   H N N 278 
THR HA   H N N 279 
THR HB   H N N 280 
THR HG1  H N N 281 
THR HG21 H N N 282 
THR HG22 H N N 283 
THR HG23 H N N 284 
THR HXT  H N N 285 
TRP N    N N N 286 
TRP CA   C N S 287 
TRP C    C N N 288 
TRP O    O N N 289 
TRP CB   C N N 290 
TRP CG   C Y N 291 
TRP CD1  C Y N 292 
TRP CD2  C Y N 293 
TRP NE1  N Y N 294 
TRP CE2  C Y N 295 
TRP CE3  C Y N 296 
TRP CZ2  C Y N 297 
TRP CZ3  C Y N 298 
TRP CH2  C Y N 299 
TRP OXT  O N N 300 
TRP H    H N N 301 
TRP H2   H N N 302 
TRP HA   H N N 303 
TRP HB2  H N N 304 
TRP HB3  H N N 305 
TRP HD1  H N N 306 
TRP HE1  H N N 307 
TRP HE3  H N N 308 
TRP HZ2  H N N 309 
TRP HZ3  H N N 310 
TRP HH2  H N N 311 
TRP HXT  H N N 312 
TYR N    N N N 313 
TYR CA   C N S 314 
TYR C    C N N 315 
TYR O    O N N 316 
TYR CB   C N N 317 
TYR CG   C Y N 318 
TYR CD1  C Y N 319 
TYR CD2  C Y N 320 
TYR CE1  C Y N 321 
TYR CE2  C Y N 322 
TYR CZ   C Y N 323 
TYR OH   O N N 324 
TYR OXT  O N N 325 
TYR H    H N N 326 
TYR H2   H N N 327 
TYR HA   H N N 328 
TYR HB2  H N N 329 
TYR HB3  H N N 330 
TYR HD1  H N N 331 
TYR HD2  H N N 332 
TYR HE1  H N N 333 
TYR HE2  H N N 334 
TYR HH   H N N 335 
TYR HXT  H N N 336 
VAL N    N N N 337 
VAL CA   C N S 338 
VAL C    C N N 339 
VAL O    O N N 340 
VAL CB   C N N 341 
VAL CG1  C N N 342 
VAL CG2  C N N 343 
VAL OXT  O N N 344 
VAL H    H N N 345 
VAL H2   H N N 346 
VAL HA   H N N 347 
VAL HB   H N N 348 
VAL HG11 H N N 349 
VAL HG12 H N N 350 
VAL HG13 H N N 351 
VAL HG21 H N N 352 
VAL HG22 H N N 353 
VAL HG23 H N N 354 
VAL HXT  H N N 355 
# 
loop_
_chem_comp_bond.comp_id 
_chem_comp_bond.atom_id_1 
_chem_comp_bond.atom_id_2 
_chem_comp_bond.value_order 
_chem_comp_bond.pdbx_aromatic_flag 
_chem_comp_bond.pdbx_stereo_config 
_chem_comp_bond.pdbx_ordinal 
ALA N   CA   sing N N 1   
ALA N   H    sing N N 2   
ALA N   H2   sing N N 3   
ALA CA  C    sing N N 4   
ALA CA  CB   sing N N 5   
ALA CA  HA   sing N N 6   
ALA C   O    doub N N 7   
ALA C   OXT  sing N N 8   
ALA CB  HB1  sing N N 9   
ALA CB  HB2  sing N N 10  
ALA CB  HB3  sing N N 11  
ALA OXT HXT  sing N N 12  
ARG N   CA   sing N N 13  
ARG N   H    sing N N 14  
ARG N   H2   sing N N 15  
ARG CA  C    sing N N 16  
ARG CA  CB   sing N N 17  
ARG CA  HA   sing N N 18  
ARG C   O    doub N N 19  
ARG C   OXT  sing N N 20  
ARG CB  CG   sing N N 21  
ARG CB  HB2  sing N N 22  
ARG CB  HB3  sing N N 23  
ARG CG  CD   sing N N 24  
ARG CG  HG2  sing N N 25  
ARG CG  HG3  sing N N 26  
ARG CD  NE   sing N N 27  
ARG CD  HD2  sing N N 28  
ARG CD  HD3  sing N N 29  
ARG NE  CZ   sing N N 30  
ARG NE  HE   sing N N 31  
ARG CZ  NH1  sing N N 32  
ARG CZ  NH2  doub N N 33  
ARG NH1 HH11 sing N N 34  
ARG NH1 HH12 sing N N 35  
ARG NH2 HH21 sing N N 36  
ARG NH2 HH22 sing N N 37  
ARG OXT HXT  sing N N 38  
ASN N   CA   sing N N 39  
ASN N   H    sing N N 40  
ASN N   H2   sing N N 41  
ASN CA  C    sing N N 42  
ASN CA  CB   sing N N 43  
ASN CA  HA   sing N N 44  
ASN C   O    doub N N 45  
ASN C   OXT  sing N N 46  
ASN CB  CG   sing N N 47  
ASN CB  HB2  sing N N 48  
ASN CB  HB3  sing N N 49  
ASN CG  OD1  doub N N 50  
ASN CG  ND2  sing N N 51  
ASN ND2 HD21 sing N N 52  
ASN ND2 HD22 sing N N 53  
ASN OXT HXT  sing N N 54  
ASP N   CA   sing N N 55  
ASP N   H    sing N N 56  
ASP N   H2   sing N N 57  
ASP CA  C    sing N N 58  
ASP CA  CB   sing N N 59  
ASP CA  HA   sing N N 60  
ASP C   O    doub N N 61  
ASP C   OXT  sing N N 62  
ASP CB  CG   sing N N 63  
ASP CB  HB2  sing N N 64  
ASP CB  HB3  sing N N 65  
ASP CG  OD1  doub N N 66  
ASP CG  OD2  sing N N 67  
ASP OD2 HD2  sing N N 68  
ASP OXT HXT  sing N N 69  
GLN N   CA   sing N N 70  
GLN N   H    sing N N 71  
GLN N   H2   sing N N 72  
GLN CA  C    sing N N 73  
GLN CA  CB   sing N N 74  
GLN CA  HA   sing N N 75  
GLN C   O    doub N N 76  
GLN C   OXT  sing N N 77  
GLN CB  CG   sing N N 78  
GLN CB  HB2  sing N N 79  
GLN CB  HB3  sing N N 80  
GLN CG  CD   sing N N 81  
GLN CG  HG2  sing N N 82  
GLN CG  HG3  sing N N 83  
GLN CD  OE1  doub N N 84  
GLN CD  NE2  sing N N 85  
GLN NE2 HE21 sing N N 86  
GLN NE2 HE22 sing N N 87  
GLN OXT HXT  sing N N 88  
GLU N   CA   sing N N 89  
GLU N   H    sing N N 90  
GLU N   H2   sing N N 91  
GLU CA  C    sing N N 92  
GLU CA  CB   sing N N 93  
GLU CA  HA   sing N N 94  
GLU C   O    doub N N 95  
GLU C   OXT  sing N N 96  
GLU CB  CG   sing N N 97  
GLU CB  HB2  sing N N 98  
GLU CB  HB3  sing N N 99  
GLU CG  CD   sing N N 100 
GLU CG  HG2  sing N N 101 
GLU CG  HG3  sing N N 102 
GLU CD  OE1  doub N N 103 
GLU CD  OE2  sing N N 104 
GLU OE2 HE2  sing N N 105 
GLU OXT HXT  sing N N 106 
GLY N   CA   sing N N 107 
GLY N   H    sing N N 108 
GLY N   H2   sing N N 109 
GLY CA  C    sing N N 110 
GLY CA  HA2  sing N N 111 
GLY CA  HA3  sing N N 112 
GLY C   O    doub N N 113 
GLY C   OXT  sing N N 114 
GLY OXT HXT  sing N N 115 
HOH O   H1   sing N N 116 
HOH O   H2   sing N N 117 
ILE N   CA   sing N N 118 
ILE N   H    sing N N 119 
ILE N   H2   sing N N 120 
ILE CA  C    sing N N 121 
ILE CA  CB   sing N N 122 
ILE CA  HA   sing N N 123 
ILE C   O    doub N N 124 
ILE C   OXT  sing N N 125 
ILE CB  CG1  sing N N 126 
ILE CB  CG2  sing N N 127 
ILE CB  HB   sing N N 128 
ILE CG1 CD1  sing N N 129 
ILE CG1 HG12 sing N N 130 
ILE CG1 HG13 sing N N 131 
ILE CG2 HG21 sing N N 132 
ILE CG2 HG22 sing N N 133 
ILE CG2 HG23 sing N N 134 
ILE CD1 HD11 sing N N 135 
ILE CD1 HD12 sing N N 136 
ILE CD1 HD13 sing N N 137 
ILE OXT HXT  sing N N 138 
LEU N   CA   sing N N 139 
LEU N   H    sing N N 140 
LEU N   H2   sing N N 141 
LEU CA  C    sing N N 142 
LEU CA  CB   sing N N 143 
LEU CA  HA   sing N N 144 
LEU C   O    doub N N 145 
LEU C   OXT  sing N N 146 
LEU CB  CG   sing N N 147 
LEU CB  HB2  sing N N 148 
LEU CB  HB3  sing N N 149 
LEU CG  CD1  sing N N 150 
LEU CG  CD2  sing N N 151 
LEU CG  HG   sing N N 152 
LEU CD1 HD11 sing N N 153 
LEU CD1 HD12 sing N N 154 
LEU CD1 HD13 sing N N 155 
LEU CD2 HD21 sing N N 156 
LEU CD2 HD22 sing N N 157 
LEU CD2 HD23 sing N N 158 
LEU OXT HXT  sing N N 159 
LYS N   CA   sing N N 160 
LYS N   H    sing N N 161 
LYS N   H2   sing N N 162 
LYS CA  C    sing N N 163 
LYS CA  CB   sing N N 164 
LYS CA  HA   sing N N 165 
LYS C   O    doub N N 166 
LYS C   OXT  sing N N 167 
LYS CB  CG   sing N N 168 
LYS CB  HB2  sing N N 169 
LYS CB  HB3  sing N N 170 
LYS CG  CD   sing N N 171 
LYS CG  HG2  sing N N 172 
LYS CG  HG3  sing N N 173 
LYS CD  CE   sing N N 174 
LYS CD  HD2  sing N N 175 
LYS CD  HD3  sing N N 176 
LYS CE  NZ   sing N N 177 
LYS CE  HE2  sing N N 178 
LYS CE  HE3  sing N N 179 
LYS NZ  HZ1  sing N N 180 
LYS NZ  HZ2  sing N N 181 
LYS NZ  HZ3  sing N N 182 
LYS OXT HXT  sing N N 183 
MET N   CA   sing N N 184 
MET N   H    sing N N 185 
MET N   H2   sing N N 186 
MET CA  C    sing N N 187 
MET CA  CB   sing N N 188 
MET CA  HA   sing N N 189 
MET C   O    doub N N 190 
MET C   OXT  sing N N 191 
MET CB  CG   sing N N 192 
MET CB  HB2  sing N N 193 
MET CB  HB3  sing N N 194 
MET CG  SD   sing N N 195 
MET CG  HG2  sing N N 196 
MET CG  HG3  sing N N 197 
MET SD  CE   sing N N 198 
MET CE  HE1  sing N N 199 
MET CE  HE2  sing N N 200 
MET CE  HE3  sing N N 201 
MET OXT HXT  sing N N 202 
PHE N   CA   sing N N 203 
PHE N   H    sing N N 204 
PHE N   H2   sing N N 205 
PHE CA  C    sing N N 206 
PHE CA  CB   sing N N 207 
PHE CA  HA   sing N N 208 
PHE C   O    doub N N 209 
PHE C   OXT  sing N N 210 
PHE CB  CG   sing N N 211 
PHE CB  HB2  sing N N 212 
PHE CB  HB3  sing N N 213 
PHE CG  CD1  doub Y N 214 
PHE CG  CD2  sing Y N 215 
PHE CD1 CE1  sing Y N 216 
PHE CD1 HD1  sing N N 217 
PHE CD2 CE2  doub Y N 218 
PHE CD2 HD2  sing N N 219 
PHE CE1 CZ   doub Y N 220 
PHE CE1 HE1  sing N N 221 
PHE CE2 CZ   sing Y N 222 
PHE CE2 HE2  sing N N 223 
PHE CZ  HZ   sing N N 224 
PHE OXT HXT  sing N N 225 
PRO N   CA   sing N N 226 
PRO N   CD   sing N N 227 
PRO N   H    sing N N 228 
PRO CA  C    sing N N 229 
PRO CA  CB   sing N N 230 
PRO CA  HA   sing N N 231 
PRO C   O    doub N N 232 
PRO C   OXT  sing N N 233 
PRO CB  CG   sing N N 234 
PRO CB  HB2  sing N N 235 
PRO CB  HB3  sing N N 236 
PRO CG  CD   sing N N 237 
PRO CG  HG2  sing N N 238 
PRO CG  HG3  sing N N 239 
PRO CD  HD2  sing N N 240 
PRO CD  HD3  sing N N 241 
PRO OXT HXT  sing N N 242 
SER N   CA   sing N N 243 
SER N   H    sing N N 244 
SER N   H2   sing N N 245 
SER CA  C    sing N N 246 
SER CA  CB   sing N N 247 
SER CA  HA   sing N N 248 
SER C   O    doub N N 249 
SER C   OXT  sing N N 250 
SER CB  OG   sing N N 251 
SER CB  HB2  sing N N 252 
SER CB  HB3  sing N N 253 
SER OG  HG   sing N N 254 
SER OXT HXT  sing N N 255 
THR N   CA   sing N N 256 
THR N   H    sing N N 257 
THR N   H2   sing N N 258 
THR CA  C    sing N N 259 
THR CA  CB   sing N N 260 
THR CA  HA   sing N N 261 
THR C   O    doub N N 262 
THR C   OXT  sing N N 263 
THR CB  OG1  sing N N 264 
THR CB  CG2  sing N N 265 
THR CB  HB   sing N N 266 
THR OG1 HG1  sing N N 267 
THR CG2 HG21 sing N N 268 
THR CG2 HG22 sing N N 269 
THR CG2 HG23 sing N N 270 
THR OXT HXT  sing N N 271 
TRP N   CA   sing N N 272 
TRP N   H    sing N N 273 
TRP N   H2   sing N N 274 
TRP CA  C    sing N N 275 
TRP CA  CB   sing N N 276 
TRP CA  HA   sing N N 277 
TRP C   O    doub N N 278 
TRP C   OXT  sing N N 279 
TRP CB  CG   sing N N 280 
TRP CB  HB2  sing N N 281 
TRP CB  HB3  sing N N 282 
TRP CG  CD1  doub Y N 283 
TRP CG  CD2  sing Y N 284 
TRP CD1 NE1  sing Y N 285 
TRP CD1 HD1  sing N N 286 
TRP CD2 CE2  doub Y N 287 
TRP CD2 CE3  sing Y N 288 
TRP NE1 CE2  sing Y N 289 
TRP NE1 HE1  sing N N 290 
TRP CE2 CZ2  sing Y N 291 
TRP CE3 CZ3  doub Y N 292 
TRP CE3 HE3  sing N N 293 
TRP CZ2 CH2  doub Y N 294 
TRP CZ2 HZ2  sing N N 295 
TRP CZ3 CH2  sing Y N 296 
TRP CZ3 HZ3  sing N N 297 
TRP CH2 HH2  sing N N 298 
TRP OXT HXT  sing N N 299 
TYR N   CA   sing N N 300 
TYR N   H    sing N N 301 
TYR N   H2   sing N N 302 
TYR CA  C    sing N N 303 
TYR CA  CB   sing N N 304 
TYR CA  HA   sing N N 305 
TYR C   O    doub N N 306 
TYR C   OXT  sing N N 307 
TYR CB  CG   sing N N 308 
TYR CB  HB2  sing N N 309 
TYR CB  HB3  sing N N 310 
TYR CG  CD1  doub Y N 311 
TYR CG  CD2  sing Y N 312 
TYR CD1 CE1  sing Y N 313 
TYR CD1 HD1  sing N N 314 
TYR CD2 CE2  doub Y N 315 
TYR CD2 HD2  sing N N 316 
TYR CE1 CZ   doub Y N 317 
TYR CE1 HE1  sing N N 318 
TYR CE2 CZ   sing Y N 319 
TYR CE2 HE2  sing N N 320 
TYR CZ  OH   sing N N 321 
TYR OH  HH   sing N N 322 
TYR OXT HXT  sing N N 323 
VAL N   CA   sing N N 324 
VAL N   H    sing N N 325 
VAL N   H2   sing N N 326 
VAL CA  C    sing N N 327 
VAL CA  CB   sing N N 328 
VAL CA  HA   sing N N 329 
VAL C   O    doub N N 330 
VAL C   OXT  sing N N 331 
VAL CB  CG1  sing N N 332 
VAL CB  CG2  sing N N 333 
VAL CB  HB   sing N N 334 
VAL CG1 HG11 sing N N 335 
VAL CG1 HG12 sing N N 336 
VAL CG1 HG13 sing N N 337 
VAL CG2 HG21 sing N N 338 
VAL CG2 HG22 sing N N 339 
VAL CG2 HG23 sing N N 340 
VAL OXT HXT  sing N N 341 
# 
_atom_sites.entry_id                    2H36 
_atom_sites.fract_transf_matrix[1][1]   0.00552330 
_atom_sites.fract_transf_matrix[1][2]   -0.01533275 
_atom_sites.fract_transf_matrix[1][3]   -0.00468249 
_atom_sites.fract_transf_matrix[2][1]   0.00406003 
_atom_sites.fract_transf_matrix[2][2]   -0.01150814 
_atom_sites.fract_transf_matrix[2][3]   0.01177220 
_atom_sites.fract_transf_matrix[3][1]   -0.00710789 
_atom_sites.fract_transf_matrix[3][2]   -0.00254832 
_atom_sites.fract_transf_matrix[3][3]   -0.00003977 
_atom_sites.fract_transf_vector[1]      0.370948 
_atom_sites.fract_transf_vector[2]      0.116888 
_atom_sites.fract_transf_vector[3]      0.411495 
# 
loop_
_atom_type.symbol 
C 
N 
O 
S 
# 
loop_
_atom_site.group_PDB 
_atom_site.id 
_atom_site.type_symbol 
_atom_site.label_atom_id 
_atom_site.label_alt_id 
_atom_site.label_comp_id 
_atom_site.label_asym_id 
_atom_site.label_entity_id 
_atom_site.label_seq_id 
_atom_site.pdbx_PDB_ins_code 
_atom_site.Cartn_x 
_atom_site.Cartn_y 
_atom_site.Cartn_z 
_atom_site.occupancy 
_atom_site.B_iso_or_equiv 
_atom_site.pdbx_formal_charge 
_atom_site.auth_seq_id 
_atom_site.auth_comp_id 
_atom_site.auth_asym_id 
_atom_site.auth_atom_id 
_atom_site.pdbx_PDB_model_num 
ATOM   1   N N   . LYS A 1 3   ? 16.354  -25.890 -31.627 1.00 16.98 ? 2   LYS X N   1 
ATOM   2   C CA  . LYS A 1 3   ? 15.114  -25.156 -31.235 1.00 16.87 ? 2   LYS X CA  1 
ATOM   3   C C   . LYS A 1 3   ? 14.539  -25.702 -29.928 1.00 16.85 ? 2   LYS X C   1 
ATOM   4   O O   . LYS A 1 3   ? 13.371  -25.465 -29.593 1.00 16.67 ? 2   LYS X O   1 
ATOM   5   C CB  . LYS A 1 3   ? 14.068  -25.172 -32.372 1.00 16.83 ? 2   LYS X CB  1 
ATOM   6   C CG  . LYS A 1 3   ? 13.450  -26.532 -32.691 1.00 16.44 ? 2   LYS X CG  1 
ATOM   7   C CD  . LYS A 1 3   ? 12.163  -26.374 -33.502 1.00 16.12 ? 2   LYS X CD  1 
ATOM   8   C CE  . LYS A 1 3   ? 11.523  -27.730 -33.806 1.00 15.93 ? 2   LYS X CE  1 
ATOM   9   N NZ  . LYS A 1 3   ? 10.365  -27.639 -34.754 1.00 15.01 ? 2   LYS X NZ  1 
ATOM   10  N N   . GLN A 1 4   ? 15.368  -26.440 -29.193 1.00 16.95 ? 3   GLN X N   1 
ATOM   11  C CA  . GLN A 1 4   ? 14.959  -26.935 -27.884 1.00 17.06 ? 3   GLN X CA  1 
ATOM   12  C C   . GLN A 1 4   ? 15.499  -26.122 -26.695 1.00 16.81 ? 3   GLN X C   1 
ATOM   13  O O   . GLN A 1 4   ? 15.907  -26.662 -25.662 1.00 16.57 ? 3   GLN X O   1 
ATOM   14  C CB  . GLN A 1 4   ? 15.200  -28.447 -27.745 1.00 17.26 ? 3   GLN X CB  1 
ATOM   15  C CG  . GLN A 1 4   ? 13.957  -29.229 -27.265 1.00 18.01 ? 3   GLN X CG  1 
ATOM   16  C CD  . GLN A 1 4   ? 13.301  -28.676 -25.975 1.00 19.02 ? 3   GLN X CD  1 
ATOM   17  O OE1 . GLN A 1 4   ? 12.536  -29.381 -25.315 1.00 19.74 ? 3   GLN X OE1 1 
ATOM   18  N NE2 . GLN A 1 4   ? 13.594  -27.427 -25.625 1.00 18.05 ? 3   GLN X NE2 1 
ATOM   19  N N   . ASP A 1 5   ? 15.481  -24.805 -26.880 1.00 16.78 ? 4   ASP X N   1 
ATOM   20  C CA  . ASP A 1 5   ? 15.853  -23.845 -25.850 1.00 16.60 ? 4   ASP X CA  1 
ATOM   21  C C   . ASP A 1 5   ? 14.625  -23.422 -25.035 1.00 16.45 ? 4   ASP X C   1 
ATOM   22  O O   . ASP A 1 5   ? 14.732  -22.636 -24.082 1.00 16.89 ? 4   ASP X O   1 
ATOM   23  C CB  . ASP A 1 5   ? 16.642  -22.671 -26.461 1.00 16.67 ? 4   ASP X CB  1 
ATOM   24  C CG  . ASP A 1 5   ? 16.146  -22.275 -27.863 1.00 17.14 ? 4   ASP X CG  1 
ATOM   25  O OD1 . ASP A 1 5   ? 16.916  -21.620 -28.602 1.00 17.35 ? 4   ASP X OD1 1 
ATOM   26  O OD2 . ASP A 1 5   ? 15.000  -22.617 -28.236 1.00 17.37 ? 4   ASP X OD2 1 
ATOM   27  N N   . LEU A 1 6   ? 13.477  -24.087 -25.345 1.00 15.83 ? 5   LEU X N   1 
ATOM   28  C CA  . LEU A 1 6   ? 12.268  -23.749 -24.599 1.00 15.22 ? 5   LEU X CA  1 
ATOM   29  C C   . LEU A 1 6   ? 12.398  -24.516 -23.266 1.00 15.04 ? 5   LEU X C   1 
ATOM   30  O O   . LEU A 1 6   ? 11.644  -24.275 -22.316 1.00 15.15 ? 5   LEU X O   1 
ATOM   31  C CB  . LEU A 1 6   ? 10.959  -23.961 -25.381 1.00 15.15 ? 5   LEU X CB  1 
ATOM   32  C CG  . LEU A 1 6   ? 10.353  -25.305 -25.781 1.00 14.84 ? 5   LEU X CG  1 
ATOM   33  C CD1 . LEU A 1 6   ? 8.897   -25.067 -26.121 1.00 15.01 ? 5   LEU X CD1 1 
ATOM   34  C CD2 . LEU A 1 6   ? 11.064  -25.894 -26.984 1.00 15.43 ? 5   LEU X CD2 1 
ATOM   35  N N   . GLU A 1 7   ? 13.487  -25.333 -23.185 1.00 14.54 ? 6   GLU X N   1 
ATOM   36  C CA  . GLU A 1 7   ? 13.750  -26.024 -21.932 1.00 14.01 ? 6   GLU X CA  1 
ATOM   37  C C   . GLU A 1 7   ? 14.253  -24.920 -21.004 1.00 13.83 ? 6   GLU X C   1 
ATOM   38  O O   . GLU A 1 7   ? 13.862  -24.859 -19.837 1.00 13.69 ? 6   GLU X O   1 
ATOM   39  C CB  . GLU A 1 7   ? 14.790  -27.134 -22.119 0.70 14.10 ? 6   GLU X CB  1 
ATOM   40  C CG  . GLU A 1 7   ? 14.162  -28.475 -22.525 0.70 14.02 ? 6   GLU X CG  1 
ATOM   41  C CD  . GLU A 1 7   ? 15.171  -29.561 -22.878 0.70 13.78 ? 6   GLU X CD  1 
ATOM   42  O OE1 . GLU A 1 7   ? 16.210  -29.266 -23.508 0.70 13.34 ? 6   GLU X OE1 1 
ATOM   43  O OE2 . GLU A 1 7   ? 14.901  -30.730 -22.538 0.70 13.40 ? 6   GLU X OE2 1 
ATOM   44  N N   . LYS A 1 8   ? 15.089  -24.034 -21.556 1.00 13.60 ? 7   LYS X N   1 
ATOM   45  C CA  . LYS A 1 8   ? 15.608  -22.839 -20.870 1.00 13.14 ? 7   LYS X CA  1 
ATOM   46  C C   . LYS A 1 8   ? 14.482  -21.917 -20.380 1.00 13.04 ? 7   LYS X C   1 
ATOM   47  O O   . LYS A 1 8   ? 14.573  -21.335 -19.298 1.00 13.00 ? 7   LYS X O   1 
ATOM   48  C CB  . LYS A 1 8   ? 16.561  -22.085 -21.809 0.50 13.02 ? 7   LYS X CB  1 
ATOM   49  C CG  . LYS A 1 8   ? 17.247  -20.866 -21.219 0.50 13.02 ? 7   LYS X CG  1 
ATOM   50  C CD  . LYS A 1 8   ? 18.075  -20.145 -22.279 0.50 12.96 ? 7   LYS X CD  1 
ATOM   51  C CE  . LYS A 1 8   ? 18.483  -18.742 -21.832 0.50 12.40 ? 7   LYS X CE  1 
ATOM   52  N NZ  . LYS A 1 8   ? 19.342  -18.742 -20.614 0.50 11.55 ? 7   LYS X NZ  1 
ATOM   53  N N   . ILE A 1 9   ? 13.422  -21.801 -21.175 1.00 13.00 ? 8   ILE X N   1 
ATOM   54  C CA  . ILE A 1 9   ? 12.272  -20.960 -20.831 1.00 12.70 ? 8   ILE X CA  1 
ATOM   55  C C   . ILE A 1 9   ? 11.452  -21.528 -19.679 1.00 13.10 ? 8   ILE X C   1 
ATOM   56  O O   . ILE A 1 9   ? 10.989  -20.776 -18.833 1.00 13.31 ? 8   ILE X O   1 
ATOM   57  C CB  . ILE A 1 9   ? 11.343  -20.714 -22.050 1.00 12.59 ? 8   ILE X CB  1 
ATOM   58  C CG1 . ILE A 1 9   ? 11.986  -19.731 -23.033 1.00 12.21 ? 8   ILE X CG1 1 
ATOM   59  C CG2 . ILE A 1 9   ? 9.985   -20.200 -21.599 1.00 11.97 ? 8   ILE X CG2 1 
ATOM   60  C CD1 . ILE A 1 9   ? 11.311  -19.671 -24.384 1.00 12.11 ? 8   ILE X CD1 1 
ATOM   61  N N   . GLU A 1 10  ? 11.257  -22.842 -19.635 1.00 13.61 ? 9   GLU X N   1 
ATOM   62  C CA  . GLU A 1 10  ? 10.455  -23.391 -18.547 1.00 14.26 ? 9   GLU X CA  1 
ATOM   63  C C   . GLU A 1 10  ? 11.273  -23.543 -17.274 1.00 14.59 ? 9   GLU X C   1 
ATOM   64  O O   . GLU A 1 10  ? 10.739  -23.457 -16.167 1.00 14.59 ? 9   GLU X O   1 
ATOM   65  C CB  . GLU A 1 10  ? 9.739   -24.679 -18.951 1.00 14.25 ? 9   GLU X CB  1 
ATOM   66  C CG  . GLU A 1 10  ? 10.602  -25.901 -19.086 1.00 15.22 ? 9   GLU X CG  1 
ATOM   67  C CD  . GLU A 1 10  ? 9.790   -27.112 -19.503 1.00 15.91 ? 9   GLU X CD  1 
ATOM   68  O OE1 . GLU A 1 10  ? 9.537   -27.270 -20.722 1.00 15.98 ? 9   GLU X OE1 1 
ATOM   69  O OE2 . GLU A 1 10  ? 9.407   -27.900 -18.611 1.00 15.82 ? 9   GLU X OE2 1 
ATOM   70  N N   . SER A 1 11  ? 12.577  -23.737 -17.448 1.00 15.15 ? 10  SER X N   1 
ATOM   71  C CA  . SER A 1 11  ? 13.532  -23.769 -16.345 1.00 15.54 ? 10  SER X CA  1 
ATOM   72  C C   . SER A 1 11  ? 13.773  -22.397 -15.705 1.00 15.92 ? 10  SER X C   1 
ATOM   73  O O   . SER A 1 11  ? 14.410  -22.300 -14.653 1.00 15.89 ? 10  SER X O   1 
ATOM   74  C CB  . SER A 1 11  ? 14.907  -24.164 -16.882 1.00 15.37 ? 10  SER X CB  1 
ATOM   75  O OG  . SER A 1 11  ? 15.813  -24.416 -15.828 1.00 15.61 ? 10  SER X OG  1 
ATOM   76  N N   . ASP A 1 12  ? 13.249  -21.356 -16.353 1.00 16.39 ? 11  ASP X N   1 
ATOM   77  C CA  . ASP A 1 12  ? 13.440  -19.971 -15.942 1.00 17.00 ? 11  ASP X CA  1 
ATOM   78  C C   . ASP A 1 12  ? 12.684  -19.612 -14.662 1.00 17.55 ? 11  ASP X C   1 
ATOM   79  O O   . ASP A 1 12  ? 11.499  -19.913 -14.526 1.00 17.60 ? 11  ASP X O   1 
ATOM   80  C CB  . ASP A 1 12  ? 12.985  -19.047 -17.079 1.00 16.90 ? 11  ASP X CB  1 
ATOM   81  C CG  . ASP A 1 12  ? 13.428  -17.616 -16.884 1.00 17.22 ? 11  ASP X CG  1 
ATOM   82  O OD1 . ASP A 1 12  ? 14.654  -17.407 -16.759 1.00 18.67 ? 11  ASP X OD1 1 
ATOM   83  O OD2 . ASP A 1 12  ? 12.565  -16.704 -16.847 1.00 15.99 ? 11  ASP X OD2 1 
ATOM   84  N N   . ILE A 1 13  ? 13.363  -18.955 -13.727 1.00 18.33 ? 12  ILE X N   1 
ATOM   85  C CA  . ILE A 1 13  ? 12.693  -18.482 -12.512 1.00 19.30 ? 12  ILE X CA  1 
ATOM   86  C C   . ILE A 1 13  ? 12.187  -17.051 -12.726 1.00 20.27 ? 12  ILE X C   1 
ATOM   87  O O   . ILE A 1 13  ? 12.926  -16.191 -13.212 1.00 20.26 ? 12  ILE X O   1 
ATOM   88  C CB  . ILE A 1 13  ? 13.606  -18.563 -11.249 1.00 19.06 ? 12  ILE X CB  1 
ATOM   89  C CG1 . ILE A 1 13  ? 14.317  -19.917 -11.185 1.00 18.70 ? 12  ILE X CG1 1 
ATOM   90  C CG2 . ILE A 1 13  ? 12.793  -18.337 -9.976  1.00 18.13 ? 12  ILE X CG2 1 
ATOM   91  C CD1 . ILE A 1 13  ? 15.788  -19.821 -10.845 1.00 18.64 ? 12  ILE X CD1 1 
ATOM   92  N N   . ILE A 1 14  ? 10.921  -16.817 -12.375 1.00 21.55 ? 13  ILE X N   1 
ATOM   93  C CA  . ILE A 1 14  ? 10.296  -15.487 -12.445 1.00 22.67 ? 13  ILE X CA  1 
ATOM   94  C C   . ILE A 1 14  ? 9.377   -15.230 -11.248 1.00 23.39 ? 13  ILE X C   1 
ATOM   95  O O   . ILE A 1 14  ? 8.934   -16.170 -10.600 1.00 23.51 ? 13  ILE X O   1 
ATOM   96  C CB  . ILE A 1 14  ? 9.501   -15.272 -13.771 1.00 22.74 ? 13  ILE X CB  1 
ATOM   97  C CG1 . ILE A 1 14  ? 8.774   -16.556 -14.209 1.00 22.05 ? 13  ILE X CG1 1 
ATOM   98  C CG2 . ILE A 1 14  ? 10.438  -14.722 -14.861 1.00 23.53 ? 13  ILE X CG2 1 
ATOM   99  C CD1 . ILE A 1 14  ? 7.502   -16.314 -14.999 1.00 20.62 ? 13  ILE X CD1 1 
ATOM   100 N N   . ASN A 1 15  ? 9.097   -13.966 -10.932 1.00 24.54 ? 14  ASN X N   1 
ATOM   101 C CA  . ASN A 1 15  ? 9.706   -12.797 -11.578 1.00 25.48 ? 14  ASN X CA  1 
ATOM   102 C C   . ASN A 1 15  ? 10.443  -11.949 -10.543 1.00 26.04 ? 14  ASN X C   1 
ATOM   103 O O   . ASN A 1 15  ? 11.670  -11.847 -10.622 1.00 26.33 ? 14  ASN X O   1 
ATOM   104 C CB  . ASN A 1 15  ? 8.669   -11.974 -12.369 0.40 25.39 ? 14  ASN X CB  1 
ATOM   105 C CG  . ASN A 1 15  ? 9.193   -10.602 -12.795 0.40 25.33 ? 14  ASN X CG  1 
ATOM   106 O OD1 . ASN A 1 15  ? 10.369  -10.440 -13.130 0.40 25.36 ? 14  ASN X OD1 1 
ATOM   107 N ND2 . ASN A 1 15  ? 8.310   -9.611  -12.790 0.40 25.00 ? 14  ASN X ND2 1 
ATOM   108 N N   . ASP A 1 16  ? 9.740   -11.340 -9.582  1.00 26.47 ? 15  ASP X N   1 
ATOM   109 C CA  . ASP A 1 16  ? 8.273   -11.311 -9.473  1.00 27.11 ? 15  ASP X CA  1 
ATOM   110 C C   . ASP A 1 16  ? 7.885   -9.939  -8.923  1.00 27.62 ? 15  ASP X C   1 
ATOM   111 O O   . ASP A 1 16  ? 6.721   -9.515  -8.967  1.00 27.61 ? 15  ASP X O   1 
ATOM   112 C CB  . ASP A 1 16  ? 7.770   -12.405 -8.527  1.00 27.07 ? 15  ASP X CB  1 
ATOM   113 C CG  . ASP A 1 16  ? 6.264   -12.554 -8.565  1.00 27.16 ? 15  ASP X CG  1 
ATOM   114 O OD1 . ASP A 1 16  ? 5.716   -12.687 -9.681  1.00 27.44 ? 15  ASP X OD1 1 
ATOM   115 O OD2 . ASP A 1 16  ? 5.626   -12.528 -7.488  1.00 26.90 ? 15  ASP X OD2 1 
ATOM   116 N N   . TRP A 1 17  ? 8.913   -9.273  -8.403  1.00 28.06 ? 16  TRP X N   1 
ATOM   117 C CA  . TRP A 1 17  ? 8.856   -7.977  -7.750  1.00 28.32 ? 16  TRP X CA  1 
ATOM   118 C C   . TRP A 1 17  ? 8.116   -6.916  -8.552  1.00 28.55 ? 16  TRP X C   1 
ATOM   119 O O   . TRP A 1 17  ? 8.226   -6.849  -9.775  1.00 28.43 ? 16  TRP X O   1 
ATOM   120 C CB  . TRP A 1 17  ? 10.299  -7.535  -7.492  1.00 28.41 ? 16  TRP X CB  1 
ATOM   121 C CG  . TRP A 1 17  ? 10.500  -6.202  -6.874  1.00 28.36 ? 16  TRP X CG  1 
ATOM   122 C CD1 . TRP A 1 17  ? 10.724  -5.938  -5.557  1.00 28.30 ? 16  TRP X CD1 1 
ATOM   123 C CD2 . TRP A 1 17  ? 10.557  -4.943  -7.556  1.00 28.77 ? 16  TRP X CD2 1 
ATOM   124 N NE1 . TRP A 1 17  ? 10.893  -4.588  -5.366  1.00 28.79 ? 16  TRP X NE1 1 
ATOM   125 C CE2 . TRP A 1 17  ? 10.797  -3.951  -6.578  1.00 28.88 ? 16  TRP X CE2 1 
ATOM   126 C CE3 . TRP A 1 17  ? 10.418  -4.552  -8.900  1.00 28.59 ? 16  TRP X CE3 1 
ATOM   127 C CZ2 . TRP A 1 17  ? 10.901  -2.586  -6.899  1.00 28.74 ? 16  TRP X CZ2 1 
ATOM   128 C CZ3 . TRP A 1 17  ? 10.519  -3.198  -9.220  1.00 28.48 ? 16  TRP X CZ3 1 
ATOM   129 C CH2 . TRP A 1 17  ? 10.758  -2.232  -8.221  1.00 28.56 ? 16  TRP X CH2 1 
ATOM   130 N N   . THR A 1 18  ? 7.429   -6.043  -7.808  1.00 29.00 ? 17  THR X N   1 
ATOM   131 C CA  . THR A 1 18  ? 6.665   -4.953  -8.377  1.00 29.12 ? 17  THR X CA  1 
ATOM   132 C C   . THR A 1 18  ? 6.831   -3.840  -7.362  1.00 29.40 ? 17  THR X C   1 
ATOM   133 O O   . THR A 1 18  ? 7.185   -4.114  -6.213  1.00 29.41 ? 17  THR X O   1 
ATOM   134 C CB  . THR A 1 18  ? 5.172   -5.248  -8.626  1.00 29.08 ? 17  THR X CB  1 
ATOM   135 O OG1 . THR A 1 18  ? 4.600   -4.177  -9.384  1.00 29.97 ? 17  THR X OG1 1 
ATOM   136 C CG2 . THR A 1 18  ? 4.393   -5.413  -7.313  1.00 28.61 ? 17  THR X CG2 1 
ATOM   137 N N   . GLU A 1 19  ? 6.591   -2.594  -7.781  1.00 29.85 ? 18  GLU X N   1 
ATOM   138 C CA  . GLU A 1 19  ? 6.625   -1.434  -6.877  1.00 30.20 ? 18  GLU X CA  1 
ATOM   139 C C   . GLU A 1 19  ? 5.793   -1.642  -5.609  1.00 30.33 ? 18  GLU X C   1 
ATOM   140 O O   . GLU A 1 19  ? 6.261   -1.347  -4.520  1.00 30.78 ? 18  GLU X O   1 
ATOM   141 C CB  . GLU A 1 19  ? 6.178   -0.161  -7.594  1.00 30.21 ? 18  GLU X CB  1 
ATOM   142 C CG  . GLU A 1 19  ? 7.317   0.664   -8.195  1.00 30.73 ? 18  GLU X CG  1 
ATOM   143 C CD  . GLU A 1 19  ? 6.843   1.676   -9.257  1.00 30.65 ? 18  GLU X CD  1 
ATOM   144 O OE1 . GLU A 1 19  ? 5.657   2.081   -9.252  1.00 30.40 ? 18  GLU X OE1 1 
ATOM   145 O OE2 . GLU A 1 19  ? 7.673   2.069   -10.107 1.00 31.09 ? 18  GLU X OE2 1 
ATOM   146 N N   . ALA A 1 20  ? 4.571   -2.154  -5.741  1.00 30.44 ? 19  ALA X N   1 
ATOM   147 C CA  . ALA A 1 20  ? 3.745   -2.481  -4.569  1.00 30.39 ? 19  ALA X CA  1 
ATOM   148 C C   . ALA A 1 20  ? 4.479   -3.365  -3.557  1.00 30.25 ? 19  ALA X C   1 
ATOM   149 O O   . ALA A 1 20  ? 4.453   -3.094  -2.365  1.00 30.42 ? 19  ALA X O   1 
ATOM   150 C CB  . ALA A 1 20  ? 2.439   -3.144  -4.990  1.00 30.58 ? 19  ALA X CB  1 
ATOM   151 N N   . ASP A 1 21  ? 5.133   -4.417  -4.037  1.00 30.15 ? 20  ASP X N   1 
ATOM   152 C CA  . ASP A 1 21  ? 5.900   -5.307  -3.170  1.00 29.88 ? 20  ASP X CA  1 
ATOM   153 C C   . ASP A 1 21  ? 6.925   -4.520  -2.372  1.00 29.78 ? 20  ASP X C   1 
ATOM   154 O O   . ASP A 1 21  ? 7.149   -4.786  -1.189  1.00 29.80 ? 20  ASP X O   1 
ATOM   155 C CB  . ASP A 1 21  ? 6.605   -6.379  -3.997  1.00 29.70 ? 20  ASP X CB  1 
ATOM   156 C CG  . ASP A 1 21  ? 5.637   -7.274  -4.725  1.00 29.68 ? 20  ASP X CG  1 
ATOM   157 O OD1 . ASP A 1 21  ? 4.493   -7.436  -4.246  1.00 30.01 ? 20  ASP X OD1 1 
ATOM   158 O OD2 . ASP A 1 21  ? 6.017   -7.819  -5.779  1.00 30.05 ? 20  ASP X OD2 1 
ATOM   159 N N   . ASP A 1 22  ? 7.519   -3.534  -3.036  1.00 29.55 ? 21  ASP X N   1 
ATOM   160 C CA  . ASP A 1 22  ? 8.598   -2.735  -2.482  1.00 29.15 ? 21  ASP X CA  1 
ATOM   161 C C   . ASP A 1 22  ? 8.074   -1.805  -1.400  1.00 28.45 ? 21  ASP X C   1 
ATOM   162 O O   . ASP A 1 22  ? 8.728   -1.587  -0.386  1.00 28.17 ? 21  ASP X O   1 
ATOM   163 C CB  . ASP A 1 22  ? 9.238   -1.940  -3.607  1.00 29.28 ? 21  ASP X CB  1 
ATOM   164 C CG  . ASP A 1 22  ? 10.733  -1.848  -3.483  1.00 30.94 ? 21  ASP X CG  1 
ATOM   165 O OD1 . ASP A 1 22  ? 11.391  -2.829  -3.019  1.00 31.79 ? 21  ASP X OD1 1 
ATOM   166 O OD2 . ASP A 1 22  ? 11.246  -0.776  -3.888  1.00 33.36 ? 21  ASP X OD2 1 
ATOM   167 N N   . LEU A 1 23  ? 6.882   -1.267  -1.631  1.00 28.01 ? 22  LEU X N   1 
ATOM   168 C CA  . LEU A 1 23  ? 6.202   -0.439  -0.659  1.00 27.81 ? 22  LEU X CA  1 
ATOM   169 C C   . LEU A 1 23  ? 5.721   -1.308  0.492   1.00 28.03 ? 22  LEU X C   1 
ATOM   170 O O   . LEU A 1 23  ? 5.878   -0.966  1.659   1.00 27.77 ? 22  LEU X O   1 
ATOM   171 C CB  . LEU A 1 23  ? 5.017   0.273   -1.312  1.00 27.45 ? 22  LEU X CB  1 
ATOM   172 C CG  . LEU A 1 23  ? 4.039   0.937   -0.341  1.00 27.17 ? 22  LEU X CG  1 
ATOM   173 C CD1 . LEU A 1 23  ? 4.716   2.106   0.341   1.00 27.75 ? 22  LEU X CD1 1 
ATOM   174 C CD2 . LEU A 1 23  ? 2.772   1.407   -1.020  1.00 27.37 ? 22  LEU X CD2 1 
ATOM   175 N N   . ASP A 1 24  ? 5.138   -2.445  0.137   1.00 28.68 ? 23  ASP X N   1 
ATOM   176 C CA  . ASP A 1 24  ? 4.564   -3.376  1.092   1.00 29.21 ? 23  ASP X CA  1 
ATOM   177 C C   . ASP A 1 24  ? 5.609   -3.734  2.122   1.00 29.15 ? 23  ASP X C   1 
ATOM   178 O O   . ASP A 1 24  ? 5.315   -3.818  3.313   1.00 29.48 ? 23  ASP X O   1 
ATOM   179 C CB  . ASP A 1 24  ? 4.085   -4.642  0.370   1.00 29.40 ? 23  ASP X CB  1 
ATOM   180 C CG  . ASP A 1 24  ? 3.171   -5.502  1.227   1.00 30.59 ? 23  ASP X CG  1 
ATOM   181 O OD1 . ASP A 1 24  ? 2.328   -4.942  1.963   1.00 32.78 ? 23  ASP X OD1 1 
ATOM   182 O OD2 . ASP A 1 24  ? 3.290   -6.744  1.160   1.00 32.08 ? 23  ASP X OD2 1 
ATOM   183 N N   . ASP A 1 25  ? 6.831   -3.916  1.627   1.00 29.17 ? 24  ASP X N   1 
ATOM   184 C CA  . ASP A 1 25  ? 8.009   -4.272  2.408   1.00 28.92 ? 24  ASP X CA  1 
ATOM   185 C C   . ASP A 1 25  ? 8.387   -3.158  3.362   1.00 28.66 ? 24  ASP X C   1 
ATOM   186 O O   . ASP A 1 25  ? 8.820   -3.414  4.480   1.00 28.64 ? 24  ASP X O   1 
ATOM   187 C CB  . ASP A 1 25  ? 9.170   -4.499  1.452   1.00 28.90 ? 24  ASP X CB  1 
ATOM   188 C CG  . ASP A 1 25  ? 9.963   -5.714  1.793   1.00 30.08 ? 24  ASP X CG  1 
ATOM   189 O OD1 . ASP A 1 25  ? 9.342   -6.795  1.943   1.00 32.06 ? 24  ASP X OD1 1 
ATOM   190 O OD2 . ASP A 1 25  ? 11.205  -5.594  1.899   1.00 31.09 ? 24  ASP X OD2 1 
ATOM   191 N N   . ALA A 1 26  ? 8.242   -1.919  2.890   1.00 28.52 ? 25  ALA X N   1 
ATOM   192 C CA  . ALA A 1 26  ? 8.485   -0.737  3.701   1.00 28.09 ? 25  ALA X CA  1 
ATOM   193 C C   . ALA A 1 26  ? 7.408   -0.645  4.766   1.00 27.98 ? 25  ALA X C   1 
ATOM   194 O O   . ALA A 1 26  ? 7.712   -0.421  5.938   1.00 28.32 ? 25  ALA X O   1 
ATOM   195 C CB  . ALA A 1 26  ? 8.498   0.515   2.839   1.00 27.81 ? 25  ALA X CB  1 
ATOM   196 N N   . LEU A 1 27  ? 6.150   -0.834  4.364   1.00 27.49 ? 26  LEU X N   1 
ATOM   197 C CA  . LEU A 1 27  ? 5.049   -0.792  5.311   1.00 26.83 ? 26  LEU X CA  1 
ATOM   198 C C   . LEU A 1 27  ? 5.386   -1.776  6.423   1.00 26.71 ? 26  LEU X C   1 
ATOM   199 O O   . LEU A 1 27  ? 5.425   -1.400  7.581   1.00 26.39 ? 26  LEU X O   1 
ATOM   200 C CB  . LEU A 1 27  ? 3.708   -0.952  4.604   1.00 26.77 ? 26  LEU X CB  1 
ATOM   201 C CG  . LEU A 1 27  ? 3.188   0.225   3.767   1.00 26.37 ? 26  LEU X CG  1 
ATOM   202 C CD1 . LEU A 1 27  ? 1.769   -0.070  3.276   1.00 26.99 ? 26  LEU X CD1 1 
ATOM   203 C CD2 . LEU A 1 27  ? 3.186   1.525   4.522   1.00 25.02 ? 26  LEU X CD2 1 
ATOM   204 N N   . ASP A 1 28  ? 5.667   -3.024  6.061   1.00 27.15 ? 27  ASP X N   1 
ATOM   205 C CA  . ASP A 1 28  ? 6.096   -4.031  7.043   1.00 27.51 ? 27  ASP X CA  1 
ATOM   206 C C   . ASP A 1 28  ? 6.899   -3.395  8.164   1.00 27.27 ? 27  ASP X C   1 
ATOM   207 O O   . ASP A 1 28  ? 6.620   -3.624  9.342   1.00 27.39 ? 27  ASP X O   1 
ATOM   208 C CB  . ASP A 1 28  ? 6.968   -5.110  6.381   1.00 27.95 ? 27  ASP X CB  1 
ATOM   209 C CG  . ASP A 1 28  ? 6.200   -6.378  6.063   1.00 29.16 ? 27  ASP X CG  1 
ATOM   210 O OD1 . ASP A 1 28  ? 6.841   -7.463  6.004   1.00 29.85 ? 27  ASP X OD1 1 
ATOM   211 O OD2 . ASP A 1 28  ? 4.959   -6.287  5.885   1.00 30.52 ? 27  ASP X OD2 1 
ATOM   212 N N   . PHE A 1 29  ? 7.902   -2.606  7.774   1.00 27.03 ? 28  PHE X N   1 
ATOM   213 C CA  . PHE A 1 29  ? 8.816   -1.946  8.706   1.00 26.59 ? 28  PHE X CA  1 
ATOM   214 C C   . PHE A 1 29  ? 8.067   -0.885  9.492   1.00 26.75 ? 28  PHE X C   1 
ATOM   215 O O   . PHE A 1 29  ? 8.048   -0.896  10.723  1.00 26.75 ? 28  PHE X O   1 
ATOM   216 C CB  . PHE A 1 29  ? 9.992   -1.319  7.940   1.00 25.87 ? 28  PHE X CB  1 
ATOM   217 C CG  . PHE A 1 29  ? 10.966  -0.595  8.814   1.00 25.00 ? 28  PHE X CG  1 
ATOM   218 C CD1 . PHE A 1 29  ? 11.724  -1.282  9.756   1.00 24.48 ? 28  PHE X CD1 1 
ATOM   219 C CD2 . PHE A 1 29  ? 11.131  0.777   8.698   1.00 23.92 ? 28  PHE X CD2 1 
ATOM   220 C CE1 . PHE A 1 29  ? 12.628  -0.608  10.570  1.00 24.34 ? 28  PHE X CE1 1 
ATOM   221 C CE2 . PHE A 1 29  ? 12.031  1.459   9.512   1.00 23.38 ? 28  PHE X CE2 1 
ATOM   222 C CZ  . PHE A 1 29  ? 12.781  0.766   10.444  1.00 24.24 ? 28  PHE X CZ  1 
ATOM   223 N N   . LEU A 1 30  ? 7.422   0.000   8.743   1.00 27.02 ? 29  LEU X N   1 
ATOM   224 C CA  . LEU A 1 30  ? 6.735   1.168   9.256   1.00 27.37 ? 29  LEU X CA  1 
ATOM   225 C C   . LEU A 1 30  ? 5.549   0.860   10.176  1.00 27.68 ? 29  LEU X C   1 
ATOM   226 O O   . LEU A 1 30  ? 5.043   1.751   10.862  1.00 28.13 ? 29  LEU X O   1 
ATOM   227 C CB  . LEU A 1 30  ? 6.269   2.009   8.061   1.00 27.30 ? 29  LEU X CB  1 
ATOM   228 C CG  . LEU A 1 30  ? 7.161   3.126   7.494   1.00 26.69 ? 29  LEU X CG  1 
ATOM   229 C CD1 . LEU A 1 30  ? 8.519   3.261   8.167   1.00 24.73 ? 29  LEU X CD1 1 
ATOM   230 C CD2 . LEU A 1 30  ? 7.294   2.984   5.982   1.00 26.02 ? 29  LEU X CD2 1 
ATOM   231 N N   . PHE A 1 31  ? 5.108   -0.393  10.182  1.00 27.88 ? 30  PHE X N   1 
ATOM   232 C CA  . PHE A 1 31  ? 3.965   -0.811  10.983  1.00 27.82 ? 30  PHE X CA  1 
ATOM   233 C C   . PHE A 1 31  ? 4.382   -1.348  12.334  1.00 27.47 ? 30  PHE X C   1 
ATOM   234 O O   . PHE A 1 31  ? 3.539   -1.590  13.193  1.00 27.70 ? 30  PHE X O   1 
ATOM   235 C CB  . PHE A 1 31  ? 3.129   -1.855  10.239  1.00 28.34 ? 30  PHE X CB  1 
ATOM   236 C CG  . PHE A 1 31  ? 1.876   -1.300  9.643   1.00 29.54 ? 30  PHE X CG  1 
ATOM   237 C CD1 . PHE A 1 31  ? 0.636   -1.568  10.237  0.70 30.71 ? 30  PHE X CD1 1 
ATOM   238 C CD2 . PHE A 1 31  ? 1.928   -0.493  8.502   0.70 29.97 ? 30  PHE X CD2 1 
ATOM   239 C CE1 . PHE A 1 31  ? -0.541  -1.053  9.701   0.70 30.83 ? 30  PHE X CE1 1 
ATOM   240 C CE2 . PHE A 1 31  ? 0.768   0.033   7.952   0.70 30.37 ? 30  PHE X CE2 1 
ATOM   241 C CZ  . PHE A 1 31  ? -0.474  -0.246  8.551   0.70 30.80 ? 30  PHE X CZ  1 
ATOM   242 N N   . MET A 1 32  ? 5.678   -1.526  12.541  1.00 27.06 ? 31  MET X N   1 
ATOM   243 C CA  . MET A 1 32  ? 6.140   -2.068  13.811  1.00 26.94 ? 31  MET X CA  1 
ATOM   244 C C   . MET A 1 32  ? 5.723   -1.204  15.003  1.00 26.55 ? 31  MET X C   1 
ATOM   245 O O   . MET A 1 32  ? 5.616   0.020   14.896  1.00 26.31 ? 31  MET X O   1 
ATOM   246 C CB  . MET A 1 32  ? 7.640   -2.315  13.791  0.80 26.62 ? 31  MET X CB  1 
ATOM   247 C CG  . MET A 1 32  ? 8.014   -3.504  12.940  0.80 26.89 ? 31  MET X CG  1 
ATOM   248 S SD  . MET A 1 32  ? 9.784   -3.750  12.946  0.80 27.86 ? 31  MET X SD  1 
ATOM   249 C CE  . MET A 1 32  ? 10.327  -2.037  12.834  0.80 27.08 ? 31  MET X CE  1 
ATOM   250 N N   . GLU A 1 33  ? 5.479   -1.872  16.128  1.00 26.35 ? 32  GLU X N   1 
ATOM   251 C CA  . GLU A 1 33  ? 5.017   -1.245  17.359  1.00 25.99 ? 32  GLU X CA  1 
ATOM   252 C C   . GLU A 1 33  ? 5.842   -0.010  17.749  1.00 25.85 ? 32  GLU X C   1 
ATOM   253 O O   . GLU A 1 33  ? 5.320   0.926   18.363  1.00 25.98 ? 32  GLU X O   1 
ATOM   254 C CB  . GLU A 1 33  ? 5.037   -2.274  18.487  0.70 25.93 ? 32  GLU X CB  1 
ATOM   255 C CG  . GLU A 1 33  ? 3.870   -2.183  19.450  0.70 26.11 ? 32  GLU X CG  1 
ATOM   256 C CD  . GLU A 1 33  ? 4.039   -3.113  20.646  0.70 26.58 ? 32  GLU X CD  1 
ATOM   257 O OE1 . GLU A 1 33  ? 5.184   -3.252  21.135  0.70 26.10 ? 32  GLU X OE1 1 
ATOM   258 O OE2 . GLU A 1 33  ? 3.029   -3.704  21.100  0.70 26.51 ? 32  GLU X OE2 1 
ATOM   259 N N   . LYS A 1 34  ? 7.122   -0.002  17.377  1.00 25.55 ? 33  LYS X N   1 
ATOM   260 C CA  . LYS A 1 34  ? 8.026   1.072   17.782  1.00 25.12 ? 33  LYS X CA  1 
ATOM   261 C C   . LYS A 1 34  ? 7.813   2.328   16.947  1.00 24.83 ? 33  LYS X C   1 
ATOM   262 O O   . LYS A 1 34  ? 7.984   3.438   17.456  1.00 25.14 ? 33  LYS X O   1 
ATOM   263 C CB  . LYS A 1 34  ? 9.460   0.569   18.002  0.70 25.26 ? 33  LYS X CB  1 
ATOM   264 C CG  . LYS A 1 34  ? 9.889   -0.584  17.124  0.70 25.79 ? 33  LYS X CG  1 
ATOM   265 C CD  . LYS A 1 34  ? 10.851  -0.132  16.047  0.70 26.42 ? 33  LYS X CD  1 
ATOM   266 C CE  . LYS A 1 34  ? 11.768  -1.282  15.654  0.70 26.80 ? 33  LYS X CE  1 
ATOM   267 N NZ  . LYS A 1 34  ? 12.649  -1.732  16.781  0.70 26.53 ? 33  LYS X NZ  1 
ATOM   268 N N   . VAL A 1 35  ? 7.425   2.169   15.686  1.00 24.13 ? 34  VAL X N   1 
ATOM   269 C CA  . VAL A 1 35  ? 7.147   3.344   14.864  1.00 23.53 ? 34  VAL X CA  1 
ATOM   270 C C   . VAL A 1 35  ? 5.868   4.017   15.374  1.00 23.32 ? 34  VAL X C   1 
ATOM   271 O O   . VAL A 1 35  ? 4.808   3.403   15.385  1.00 23.45 ? 34  VAL X O   1 
ATOM   272 C CB  . VAL A 1 35  ? 6.992   2.969   13.374  1.00 23.42 ? 34  VAL X CB  1 
ATOM   273 C CG1 . VAL A 1 35  ? 6.680   4.211   12.531  1.00 23.10 ? 34  VAL X CG1 1 
ATOM   274 C CG2 . VAL A 1 35  ? 8.238   2.284   12.873  1.00 22.84 ? 34  VAL X CG2 1 
ATOM   275 N N   . SER A 1 36  ? 5.952   5.266   15.807  1.00 23.20 ? 35  SER X N   1 
ATOM   276 C CA  . SER A 1 36  ? 4.739   5.968   16.247  1.00 23.22 ? 35  SER X CA  1 
ATOM   277 C C   . SER A 1 36  ? 4.037   6.648   15.084  1.00 23.22 ? 35  SER X C   1 
ATOM   278 O O   . SER A 1 36  ? 2.810   6.746   15.074  1.00 23.46 ? 35  SER X O   1 
ATOM   279 C CB  . SER A 1 36  ? 5.027   6.967   17.358  1.00 23.02 ? 35  SER X CB  1 
ATOM   280 O OG  . SER A 1 36  ? 5.902   7.969   16.886  1.00 23.23 ? 35  SER X OG  1 
ATOM   281 N N   . GLU A 1 37  ? 4.823   7.052   14.078  1.00 23.18 ? 36  GLU X N   1 
ATOM   282 C CA  . GLU A 1 37  ? 4.262   7.659   12.869  1.00 23.18 ? 36  GLU X CA  1 
ATOM   283 C C   . GLU A 1 37  ? 5.277   7.888   11.757  1.00 23.28 ? 36  GLU X C   1 
ATOM   284 O O   . GLU A 1 37  ? 6.434   8.246   12.010  1.00 23.42 ? 36  GLU X O   1 
ATOM   285 C CB  . GLU A 1 37  ? 3.628   9.031   13.096  1.00 23.19 ? 36  GLU X CB  1 
ATOM   286 C CG  . GLU A 1 37  ? 4.618   10.139  13.424  1.00 23.04 ? 36  GLU X CG  1 
ATOM   287 C CD  . GLU A 1 37  ? 3.946   11.405  13.870  1.00 23.53 ? 36  GLU X CD  1 
ATOM   288 O OE1 . GLU A 1 37  ? 2.934   11.802  13.252  1.00 24.75 ? 36  GLU X OE1 1 
ATOM   289 O OE2 . GLU A 1 37  ? 4.430   12.007  14.845  1.00 24.32 ? 36  GLU X OE2 1 
ATOM   290 N N   . PHE A 1 38  ? 4.826   7.701   10.526  1.00 23.21 ? 37  PHE X N   1 
ATOM   291 C CA  . PHE A 1 38  ? 5.663   7.931   9.376   1.00 23.72 ? 37  PHE X CA  1 
ATOM   292 C C   . PHE A 1 38  ? 4.820   8.668   8.360   1.00 24.57 ? 37  PHE X C   1 
ATOM   293 O O   . PHE A 1 38  ? 3.593   8.613   8.414   1.00 24.83 ? 37  PHE X O   1 
ATOM   294 C CB  . PHE A 1 38  ? 6.140   6.600   8.772   1.00 23.74 ? 37  PHE X CB  1 
ATOM   295 C CG  . PHE A 1 38  ? 5.050   5.822   8.094   1.00 23.38 ? 37  PHE X CG  1 
ATOM   296 C CD1 . PHE A 1 38  ? 4.762   6.033   6.749   1.00 23.58 ? 37  PHE X CD1 1 
ATOM   297 C CD2 . PHE A 1 38  ? 4.296   4.898   8.805   1.00 23.13 ? 37  PHE X CD2 1 
ATOM   298 C CE1 . PHE A 1 38  ? 3.729   5.339   6.124   1.00 24.33 ? 37  PHE X CE1 1 
ATOM   299 C CE2 . PHE A 1 38  ? 3.272   4.197   8.192   1.00 23.37 ? 37  PHE X CE2 1 
ATOM   300 C CZ  . PHE A 1 38  ? 2.982   4.420   6.849   1.00 24.12 ? 37  PHE X CZ  1 
ATOM   301 N N   . LYS A 1 39  ? 5.506   9.253   7.361   1.00 25.54 ? 38  LYS X N   1 
ATOM   302 C CA  . LYS A 1 39  ? 4.817   9.918   6.261   1.00 26.18 ? 38  LYS X CA  1 
ATOM   303 C C   . LYS A 1 39  ? 5.730   9.800   5.054   1.00 26.31 ? 38  LYS X C   1 
ATOM   304 O O   . LYS A 1 39  ? 6.891   10.210  5.126   1.00 26.71 ? 38  LYS X O   1 
ATOM   305 C CB  . LYS A 1 39  ? 4.551   11.397  6.499   1.00 26.42 ? 38  LYS X CB  1 
ATOM   306 C CG  . LYS A 1 39  ? 3.993   12.142  5.304   1.00 28.58 ? 38  LYS X CG  1 
ATOM   307 C CD  . LYS A 1 39  ? 4.063   13.648  5.528   1.00 31.98 ? 38  LYS X CD  1 
ATOM   308 C CE  . LYS A 1 39  ? 3.437   14.401  4.361   1.00 35.00 ? 38  LYS X CE  1 
ATOM   309 N NZ  . LYS A 1 39  ? 3.598   15.899  4.474   1.00 37.34 ? 38  LYS X NZ  1 
ATOM   310 N N   . ILE A 1 40  ? 5.169   9.320   3.927   1.00 26.09 ? 39  ILE X N   1 
ATOM   311 C CA  . ILE A 1 40  ? 5.959   9.205   2.697   1.00 25.75 ? 39  ILE X CA  1 
ATOM   312 C C   . ILE A 1 40  ? 5.265   9.967   1.576   1.00 25.79 ? 39  ILE X C   1 
ATOM   313 O O   . ILE A 1 40  ? 4.111   9.666   1.242   1.00 25.84 ? 39  ILE X O   1 
ATOM   314 C CB  . ILE A 1 40  ? 6.112   7.794   2.135   1.00 25.46 ? 39  ILE X CB  1 
ATOM   315 C CG1 . ILE A 1 40  ? 6.660   6.848   3.201   1.00 26.17 ? 39  ILE X CG1 1 
ATOM   316 C CG2 . ILE A 1 40  ? 6.996   7.805   0.898   1.00 24.59 ? 39  ILE X CG2 1 
ATOM   317 C CD1 . ILE A 1 40  ? 6.519   5.343   2.824   1.00 26.06 ? 39  ILE X CD1 1 
ATOM   318 N N   . LYS A 1 41  ? 5.965   10.944  1.000   1.00 25.83 ? 40  LYS X N   1 
ATOM   319 C CA  . LYS A 1 41  ? 5.428   11.722  -0.126  1.00 26.21 ? 40  LYS X CA  1 
ATOM   320 C C   . LYS A 1 41  ? 6.113   11.379  -1.441  1.00 26.46 ? 40  LYS X C   1 
ATOM   321 O O   . LYS A 1 41  ? 7.338   11.292  -1.506  1.00 26.59 ? 40  LYS X O   1 
ATOM   322 C CB  . LYS A 1 41  ? 5.600   13.208  0.117   1.00 26.12 ? 40  LYS X CB  1 
ATOM   323 C CG  . LYS A 1 41  ? 4.417   13.936  0.693   1.00 26.57 ? 40  LYS X CG  1 
ATOM   324 C CD  . LYS A 1 41  ? 4.444   15.344  0.110   1.00 28.55 ? 40  LYS X CD  1 
ATOM   325 C CE  . LYS A 1 41  ? 3.912   16.400  1.047   1.00 29.21 ? 40  LYS X CE  1 
ATOM   326 N NZ  . LYS A 1 41  ? 4.565   17.703  0.686   1.00 30.42 ? 40  LYS X NZ  1 
ATOM   327 N N   . PHE A 1 42  ? 5.324   11.204  -2.496  1.00 26.97 ? 41  PHE X N   1 
ATOM   328 C CA  . PHE A 1 42  ? 5.866   10.820  -3.804  1.00 27.29 ? 41  PHE X CA  1 
ATOM   329 C C   . PHE A 1 42  ? 5.801   11.907  -4.872  1.00 27.63 ? 41  PHE X C   1 
ATOM   330 O O   . PHE A 1 42  ? 4.711   12.325  -5.266  1.00 27.65 ? 41  PHE X O   1 
ATOM   331 C CB  . PHE A 1 42  ? 5.125   9.600   -4.360  1.00 27.05 ? 41  PHE X CB  1 
ATOM   332 C CG  . PHE A 1 42  ? 5.293   8.351   -3.535  1.00 26.80 ? 41  PHE X CG  1 
ATOM   333 C CD1 . PHE A 1 42  ? 4.331   7.988   -2.594  1.00 26.48 ? 41  PHE X CD1 1 
ATOM   334 C CD2 . PHE A 1 42  ? 6.405   7.530   -3.704  1.00 26.78 ? 41  PHE X CD2 1 
ATOM   335 C CE1 . PHE A 1 42  ? 4.473   6.828   -1.829  1.00 25.99 ? 41  PHE X CE1 1 
ATOM   336 C CE2 . PHE A 1 42  ? 6.556   6.365   -2.951  1.00 26.96 ? 41  PHE X CE2 1 
ATOM   337 C CZ  . PHE A 1 42  ? 5.584   6.015   -2.006  1.00 26.55 ? 41  PHE X CZ  1 
ATOM   338 N N   . LYS A 1 43  ? 6.980   12.328  -5.352  1.00 28.19 ? 42  LYS X N   1 
ATOM   339 C CA  . LYS A 1 43  ? 7.089   13.354  -6.403  1.00 28.59 ? 42  LYS X CA  1 
ATOM   340 C C   . LYS A 1 43  ? 6.272   12.728  -7.537  1.00 28.93 ? 42  LYS X C   1 
ATOM   341 O O   . LYS A 1 43  ? 5.198   13.219  -7.904  1.00 28.71 ? 42  LYS X O   1 
ATOM   342 C CB  . LYS A 1 43  ? 8.571   13.595  -6.739  0.60 28.53 ? 42  LYS X CB  1 
ATOM   343 C CG  . LYS A 1 43  ? 8.864   14.759  -7.692  0.60 28.64 ? 42  LYS X CG  1 
ATOM   344 C CD  . LYS A 1 43  ? 10.373  14.905  -7.974  0.60 28.53 ? 42  LYS X CD  1 
ATOM   345 C CE  . LYS A 1 43  ? 11.134  15.541  -6.798  0.60 28.31 ? 42  LYS X CE  1 
ATOM   346 N NZ  . LYS A 1 43  ? 12.622  15.501  -6.971  0.60 27.77 ? 42  LYS X NZ  1 
ATOM   347 N N   . ASP A 1 44  ? 6.765   11.550  -7.980  1.00 29.25 ? 43  ASP X N   1 
ATOM   348 C CA  . ASP A 1 44  ? 6.120   10.807  -9.050  1.00 29.51 ? 43  ASP X CA  1 
ATOM   349 C C   . ASP A 1 44  ? 5.324   9.818   -8.207  1.00 29.54 ? 43  ASP X C   1 
ATOM   350 O O   . ASP A 1 44  ? 5.872   9.245   -7.257  1.00 29.61 ? 43  ASP X O   1 
ATOM   351 C CB  . ASP A 1 44  ? 7.125   10.169  -10.008 1.00 29.42 ? 43  ASP X CB  1 
ATOM   352 C CG  . ASP A 1 44  ? 8.164   11.161  -10.496 1.00 29.87 ? 43  ASP X CG  1 
ATOM   353 O OD1 . ASP A 1 44  ? 7.778   12.179  -11.123 1.00 29.91 ? 43  ASP X OD1 1 
ATOM   354 O OD2 . ASP A 1 44  ? 9.368   10.922  -10.244 1.00 30.59 ? 43  ASP X OD2 1 
ATOM   355 N N   . PRO A 1 45  ? 4.031   9.615   -8.541  1.00 29.52 ? 44  PRO X N   1 
ATOM   356 C CA  . PRO A 1 45  ? 3.194   8.728   -7.735  1.00 29.56 ? 44  PRO X CA  1 
ATOM   357 C C   . PRO A 1 45  ? 3.539   7.257   -7.959  1.00 29.59 ? 44  PRO X C   1 
ATOM   358 O O   . PRO A 1 45  ? 3.988   6.886   -9.040  1.00 29.56 ? 44  PRO X O   1 
ATOM   359 C CB  . PRO A 1 45  ? 1.778   9.043   -8.217  1.00 29.32 ? 44  PRO X CB  1 
ATOM   360 C CG  . PRO A 1 45  ? 1.963   9.503   -9.607  1.00 29.56 ? 44  PRO X CG  1 
ATOM   361 C CD  . PRO A 1 45  ? 3.251   10.273  -9.603  1.00 29.57 ? 44  PRO X CD  1 
ATOM   362 N N   . LEU A 1 46  ? 3.349   6.439   -6.928  1.00 29.82 ? 45  LEU X N   1 
ATOM   363 C CA  . LEU A 1 46  ? 3.677   5.034   -7.001  1.00 30.01 ? 45  LEU X CA  1 
ATOM   364 C C   . LEU A 1 46  ? 2.519   4.284   -7.607  1.00 30.18 ? 45  LEU X C   1 
ATOM   365 O O   . LEU A 1 46  ? 1.512   4.071   -6.936  1.00 30.37 ? 45  LEU X O   1 
ATOM   366 C CB  . LEU A 1 46  ? 3.956   4.491   -5.613  1.00 30.05 ? 45  LEU X CB  1 
ATOM   367 C CG  . LEU A 1 46  ? 4.523   3.079   -5.647  1.00 30.72 ? 45  LEU X CG  1 
ATOM   368 C CD1 . LEU A 1 46  ? 6.030   3.157   -5.717  1.00 31.66 ? 45  LEU X CD1 1 
ATOM   369 C CD2 . LEU A 1 46  ? 4.096   2.305   -4.425  1.00 31.84 ? 45  LEU X CD2 1 
ATOM   370 N N   . LYS A 1 47  ? 2.671   3.901   -8.877  1.00 30.39 ? 46  LYS X N   1 
ATOM   371 C CA  . LYS A 1 47  ? 1.647   3.184   -9.663  1.00 30.53 ? 46  LYS X CA  1 
ATOM   372 C C   . LYS A 1 47  ? 1.385   1.818   -9.033  1.00 30.35 ? 46  LYS X C   1 
ATOM   373 O O   . LYS A 1 47  ? 2.275   1.220   -8.441  1.00 30.77 ? 46  LYS X O   1 
ATOM   374 C CB  . LYS A 1 47  ? 2.112   3.062   -11.112 1.00 30.69 ? 46  LYS X CB  1 
ATOM   375 C CG  . LYS A 1 47  ? 1.069   2.627   -12.117 1.00 31.57 ? 46  LYS X CG  1 
ATOM   376 C CD  . LYS A 1 47  ? 1.773   2.336   -13.438 1.00 33.88 ? 46  LYS X CD  1 
ATOM   377 C CE  . LYS A 1 47  ? 0.801   2.254   -14.600 1.00 35.08 ? 46  LYS X CE  1 
ATOM   378 N NZ  . LYS A 1 47  ? 1.453   2.576   -15.911 1.00 35.35 ? 46  LYS X NZ  1 
ATOM   379 N N   . VAL A 1 48  ? 0.095   1.409   -9.072  1.00 30.01 ? 47  VAL X N   1 
ATOM   380 C CA  . VAL A 1 48  ? -0.256  0.160   -8.428  1.00 29.73 ? 47  VAL X CA  1 
ATOM   381 C C   . VAL A 1 48  ? -1.610  -0.308  -8.933  1.00 29.38 ? 47  VAL X C   1 
ATOM   382 O O   . VAL A 1 48  ? -2.441  0.493   -9.322  1.00 28.85 ? 47  VAL X O   1 
ATOM   383 C CB  . VAL A 1 48  ? -0.234  0.502   -6.894  1.00 29.95 ? 47  VAL X CB  1 
ATOM   384 C CG1 . VAL A 1 48  ? -1.611  0.386   -6.215  1.00 30.55 ? 47  VAL X CG1 1 
ATOM   385 C CG2 . VAL A 1 48  ? 0.816   -0.316  -6.185  1.00 29.84 ? 47  VAL X CG2 1 
ATOM   386 N N   . THR A 1 49  ? -1.828  -1.610  -8.960  1.00 29.77 ? 48  THR X N   1 
ATOM   387 C CA  . THR A 1 49  ? -3.097  -2.111  -9.476  1.00 30.15 ? 48  THR X CA  1 
ATOM   388 C C   . THR A 1 49  ? -4.076  -2.178  -8.319  1.00 30.66 ? 48  THR X C   1 
ATOM   389 O O   . THR A 1 49  ? -3.657  -2.098  -7.163  1.00 30.97 ? 48  THR X O   1 
ATOM   390 C CB  . THR A 1 49  ? -2.945  -3.470  -10.181 1.00 29.74 ? 48  THR X CB  1 
ATOM   391 O OG1 . THR A 1 49  ? -2.898  -4.515  -9.208  1.00 29.56 ? 48  THR X OG1 1 
ATOM   392 C CG2 . THR A 1 49  ? -1.672  -3.485  -10.988 1.00 29.32 ? 48  THR X CG2 1 
ATOM   393 N N   . GLU A 1 50  ? -5.368  -2.296  -8.626  1.00 31.21 ? 49  GLU X N   1 
ATOM   394 C CA  . GLU A 1 50  ? -6.406  -2.332  -7.591  1.00 31.86 ? 49  GLU X CA  1 
ATOM   395 C C   . GLU A 1 50  ? -6.143  -3.457  -6.586  1.00 32.00 ? 49  GLU X C   1 
ATOM   396 O O   . GLU A 1 50  ? -6.216  -3.244  -5.369  1.00 31.90 ? 49  GLU X O   1 
ATOM   397 C CB  . GLU A 1 50  ? -7.803  -2.466  -8.211  1.00 31.66 ? 49  GLU X CB  1 
ATOM   398 C CG  . GLU A 1 50  ? -8.326  -1.189  -8.872  1.00 32.13 ? 49  GLU X CG  1 
ATOM   399 C CD  . GLU A 1 50  ? -9.475  -1.437  -9.870  1.00 32.89 ? 49  GLU X CD  1 
ATOM   400 O OE1 . GLU A 1 50  ? -9.358  -2.341  -10.745 1.00 34.10 ? 49  GLU X OE1 1 
ATOM   401 O OE2 . GLU A 1 50  ? -10.489 -0.701  -9.800  1.00 33.87 ? 49  GLU X OE2 1 
ATOM   402 N N   . GLU A 1 51  ? -5.804  -4.641  -7.095  1.00 32.22 ? 50  GLU X N   1 
ATOM   403 C CA  . GLU A 1 51  ? -5.566  -5.777  -6.217  1.00 32.62 ? 50  GLU X CA  1 
ATOM   404 C C   . GLU A 1 51  ? -4.217  -5.668  -5.505  1.00 32.65 ? 50  GLU X C   1 
ATOM   405 O O   . GLU A 1 51  ? -4.096  -6.096  -4.357  1.00 33.08 ? 50  GLU X O   1 
ATOM   406 C CB  . GLU A 1 51  ? -5.892  -7.119  -6.891  1.00 32.61 ? 50  GLU X CB  1 
ATOM   407 C CG  . GLU A 1 51  ? -4.910  -7.619  -7.923  1.00 33.35 ? 50  GLU X CG  1 
ATOM   408 C CD  . GLU A 1 51  ? -5.117  -9.111  -8.165  1.00 35.04 ? 50  GLU X CD  1 
ATOM   409 O OE1 . GLU A 1 51  ? -5.077  -9.862  -7.162  1.00 35.67 ? 50  GLU X OE1 1 
ATOM   410 O OE2 . GLU A 1 51  ? -5.325  -9.537  -9.338  1.00 35.41 ? 50  GLU X OE2 1 
ATOM   411 N N   . GLU A 1 52  ? -3.256  -4.969  -6.158  1.00 32.55 ? 51  GLU X N   1 
ATOM   412 C CA  . GLU A 1 52  ? -1.970  -4.779  -5.486  1.00 32.72 ? 51  GLU X CA  1 
ATOM   413 C C   . GLU A 1 52  ? -2.271  -3.899  -4.254  1.00 32.85 ? 51  GLU X C   1 
ATOM   414 O O   . GLU A 1 52  ? -1.736  -4.139  -3.163  1.00 32.81 ? 51  GLU X O   1 
ATOM   415 C CB  . GLU A 1 52  ? -0.979  -4.078  -6.412  1.00 32.55 ? 51  GLU X CB  1 
ATOM   416 C CG  . GLU A 1 52  ? 0.030   -5.003  -7.078  1.00 32.98 ? 51  GLU X CG  1 
ATOM   417 C CD  . GLU A 1 52  ? 0.864   -4.303  -8.158  1.00 33.05 ? 51  GLU X CD  1 
ATOM   418 O OE1 . GLU A 1 52  ? 0.928   -3.053  -8.165  1.00 34.20 ? 51  GLU X OE1 1 
ATOM   419 O OE2 . GLU A 1 52  ? 1.457   -5.006  -9.004  1.00 32.43 ? 51  GLU X OE2 1 
ATOM   420 N N   . TYR A 1 53  ? -3.140  -2.903  -4.445  1.00 32.76 ? 52  TYR X N   1 
ATOM   421 C CA  . TYR A 1 53  ? -3.556  -1.971  -3.400  1.00 32.88 ? 52  TYR X CA  1 
ATOM   422 C C   . TYR A 1 53  ? -4.337  -2.645  -2.277  1.00 33.29 ? 52  TYR X C   1 
ATOM   423 O O   . TYR A 1 53  ? -4.212  -2.262  -1.118  1.00 32.87 ? 52  TYR X O   1 
ATOM   424 C CB  . TYR A 1 53  ? -4.409  -0.857  -4.016  1.00 32.84 ? 52  TYR X CB  1 
ATOM   425 C CG  . TYR A 1 53  ? -4.849  0.256   -3.066  1.00 31.90 ? 52  TYR X CG  1 
ATOM   426 C CD1 . TYR A 1 53  ? -6.192  0.422   -2.739  1.00 30.70 ? 52  TYR X CD1 1 
ATOM   427 C CD2 . TYR A 1 53  ? -3.922  1.153   -2.527  1.00 31.32 ? 52  TYR X CD2 1 
ATOM   428 C CE1 . TYR A 1 53  ? -6.608  1.438   -1.886  1.00 31.54 ? 52  TYR X CE1 1 
ATOM   429 C CE2 . TYR A 1 53  ? -4.319  2.177   -1.669  1.00 32.01 ? 52  TYR X CE2 1 
ATOM   430 C CZ  . TYR A 1 53  ? -5.671  2.321   -1.347  1.00 32.69 ? 52  TYR X CZ  1 
ATOM   431 O OH  . TYR A 1 53  ? -6.089  3.345   -0.502  1.00 32.19 ? 52  TYR X OH  1 
ATOM   432 N N   . ARG A 1 54  ? -5.152  -3.635  -2.630  1.00 34.06 ? 53  ARG X N   1 
ATOM   433 C CA  . ARG A 1 54  ? -5.941  -4.363  -1.637  1.00 34.67 ? 53  ARG X CA  1 
ATOM   434 C C   . ARG A 1 54  ? -5.031  -5.267  -0.810  1.00 34.87 ? 53  ARG X C   1 
ATOM   435 O O   . ARG A 1 54  ? -5.323  -5.559  0.356   1.00 35.24 ? 53  ARG X O   1 
ATOM   436 C CB  . ARG A 1 54  ? -7.042  -5.197  -2.300  1.00 34.71 ? 53  ARG X CB  1 
ATOM   437 C CG  . ARG A 1 54  ? -8.043  -4.401  -3.122  1.00 35.61 ? 53  ARG X CG  1 
ATOM   438 C CD  . ARG A 1 54  ? -9.282  -5.236  -3.426  1.00 36.74 ? 53  ARG X CD  1 
ATOM   439 N NE  . ARG A 1 54  ? -9.773  -5.051  -4.791  1.00 37.18 ? 53  ARG X NE  1 
ATOM   440 C CZ  . ARG A 1 54  ? -9.539  -5.902  -5.791  1.00 38.57 ? 53  ARG X CZ  1 
ATOM   441 N NH1 . ARG A 1 54  ? -8.822  -7.007  -5.587  1.00 38.69 ? 53  ARG X NH1 1 
ATOM   442 N NH2 . ARG A 1 54  ? -10.030 -5.659  -7.002  1.00 39.22 ? 53  ARG X NH2 1 
ATOM   443 N N   . GLU A 1 55  ? -3.931  -5.700  -1.426  1.00 34.75 ? 54  GLU X N   1 
ATOM   444 C CA  . GLU A 1 55  ? -2.933  -6.539  -0.768  1.00 34.66 ? 54  GLU X CA  1 
ATOM   445 C C   . GLU A 1 55  ? -2.082  -5.740  0.225   1.00 34.02 ? 54  GLU X C   1 
ATOM   446 O O   . GLU A 1 55  ? -1.493  -6.302  1.138   1.00 34.02 ? 54  GLU X O   1 
ATOM   447 C CB  . GLU A 1 55  ? -2.039  -7.169  -1.832  1.00 34.94 ? 54  GLU X CB  1 
ATOM   448 C CG  . GLU A 1 55  ? -1.341  -8.450  -1.415  1.00 36.24 ? 54  GLU X CG  1 
ATOM   449 C CD  . GLU A 1 55  ? -0.753  -9.188  -2.612  1.00 38.32 ? 54  GLU X CD  1 
ATOM   450 O OE1 . GLU A 1 55  ? -1.273  -9.021  -3.742  1.00 38.52 ? 54  GLU X OE1 1 
ATOM   451 O OE2 . GLU A 1 55  ? 0.228   -9.944  -2.422  1.00 39.51 ? 54  GLU X OE2 1 
ATOM   452 N N   . LEU A 1 56  ? -2.021  -4.431  0.016   1.00 33.37 ? 55  LEU X N   1 
ATOM   453 C CA  . LEU A 1 56  ? -1.253  -3.515  0.844   1.00 32.93 ? 55  LEU X CA  1 
ATOM   454 C C   . LEU A 1 56  ? -2.009  -3.092  2.087   1.00 33.02 ? 55  LEU X C   1 
ATOM   455 O O   . LEU A 1 56  ? -1.436  -2.517  3.013   1.00 33.40 ? 55  LEU X O   1 
ATOM   456 C CB  . LEU A 1 56  ? -1.071  -2.202  0.084   1.00 32.69 ? 55  LEU X CB  1 
ATOM   457 C CG  . LEU A 1 56  ? 0.241   -1.706  -0.510  1.00 31.97 ? 55  LEU X CG  1 
ATOM   458 C CD1 . LEU A 1 56  ? 1.232   -2.819  -0.764  1.00 32.04 ? 55  LEU X CD1 1 
ATOM   459 C CD2 . LEU A 1 56  ? -0.061  -0.944  -1.785  1.00 30.82 ? 55  LEU X CD2 1 
ATOM   460 N N   . LEU A 1 57  ? -3.310  -3.352  2.075   1.00 32.77 ? 56  LEU X N   1 
ATOM   461 C CA  . LEU A 1 57  ? -4.210  -2.961  3.144   1.00 32.34 ? 56  LEU X CA  1 
ATOM   462 C C   . LEU A 1 57  ? -4.374  -4.099  4.148   1.00 32.28 ? 56  LEU X C   1 
ATOM   463 O O   . LEU A 1 57  ? -4.418  -3.862  5.354   1.00 32.78 ? 56  LEU X O   1 
ATOM   464 C CB  . LEU A 1 57  ? -5.581  -2.617  2.549   1.00 32.25 ? 56  LEU X CB  1 
ATOM   465 C CG  . LEU A 1 57  ? -5.964  -1.244  1.985   1.00 31.84 ? 56  LEU X CG  1 
ATOM   466 C CD1 . LEU A 1 57  ? -4.790  -0.378  1.534   1.00 31.37 ? 56  LEU X CD1 1 
ATOM   467 C CD2 . LEU A 1 57  ? -6.946  -1.450  0.855   1.00 31.17 ? 56  LEU X CD2 1 
ATOM   468 N N   . GLY A 1 58  ? -4.494  -5.319  3.629   1.00 31.65 ? 57  GLY X N   1 
ATOM   469 C CA  . GLY A 1 58  ? -4.719  -6.527  4.407   1.00 31.06 ? 57  GLY X CA  1 
ATOM   470 C C   . GLY A 1 58  ? -5.387  -6.554  5.767   1.00 30.75 ? 57  GLY X C   1 
ATOM   471 O O   . GLY A 1 58  ? -4.710  -6.527  6.793   1.00 30.84 ? 57  GLY X O   1 
ATOM   472 N N   . ASN A 1 59  ? -6.730  -6.719  5.743   1.00 30.54 ? 58  ASN X N   1 
ATOM   473 C CA  . ASN A 1 59  ? -7.490  -6.876  7.006   1.00 30.46 ? 58  ASN X CA  1 
ATOM   474 C C   . ASN A 1 59  ? -7.697  -5.801  8.088   1.00 29.97 ? 58  ASN X C   1 
ATOM   475 O O   . ASN A 1 59  ? -7.702  -6.090  9.287   1.00 29.88 ? 58  ASN X O   1 
ATOM   476 C CB  . ASN A 1 59  ? -7.073  -8.206  7.657   1.00 30.60 ? 58  ASN X CB  1 
ATOM   477 C CG  . ASN A 1 59  ? -8.173  -8.795  8.525   1.00 31.61 ? 58  ASN X CG  1 
ATOM   478 O OD1 . ASN A 1 59  ? -9.206  -9.253  8.021   1.00 32.79 ? 58  ASN X OD1 1 
ATOM   479 N ND2 . ASN A 1 59  ? -7.956  -8.789  9.839   1.00 32.27 ? 58  ASN X ND2 1 
ATOM   480 N N   . TYR A 1 60  ? -7.976  -4.570  7.589   1.00 29.29 ? 59  TYR X N   1 
ATOM   481 C CA  . TYR A 1 60  ? -8.233  -3.456  8.484   1.00 28.27 ? 59  TYR X CA  1 
ATOM   482 C C   . TYR A 1 60  ? -9.587  -3.773  9.100   1.00 27.46 ? 59  TYR X C   1 
ATOM   483 O O   . TYR A 1 60  ? -10.282 -4.684  8.655   1.00 27.26 ? 59  TYR X O   1 
ATOM   484 C CB  . TYR A 1 60  ? -8.324  -2.168  7.665   1.00 28.46 ? 59  TYR X CB  1 
ATOM   485 C CG  . TYR A 1 60  ? -9.034  -2.380  6.351   1.00 28.94 ? 59  TYR X CG  1 
ATOM   486 C CD1 . TYR A 1 60  ? -8.321  -2.779  5.212   1.00 29.31 ? 59  TYR X CD1 1 
ATOM   487 C CD2 . TYR A 1 60  ? -10.427 -2.221  6.250   1.00 28.70 ? 59  TYR X CD2 1 
ATOM   488 C CE1 . TYR A 1 60  ? -8.979  -3.001  3.998   1.00 29.54 ? 59  TYR X CE1 1 
ATOM   489 C CE2 . TYR A 1 60  ? -11.090 -2.440  5.041   1.00 28.87 ? 59  TYR X CE2 1 
ATOM   490 C CZ  . TYR A 1 60  ? -10.358 -2.829  3.921   1.00 28.73 ? 59  TYR X CZ  1 
ATOM   491 O OH  . TYR A 1 60  ? -10.992 -3.041  2.726   1.00 27.93 ? 59  TYR X OH  1 
ATOM   492 N N   . ASP A 1 61  ? -9.960  -3.011  10.119  1.00 26.65 ? 60  ASP X N   1 
ATOM   493 C CA  . ASP A 1 61  ? -11.211 -3.232  10.823  1.00 25.80 ? 60  ASP X CA  1 
ATOM   494 C C   . ASP A 1 61  ? -12.296 -2.317  10.281  1.00 25.19 ? 60  ASP X C   1 
ATOM   495 O O   . ASP A 1 61  ? -13.477 -2.665  10.288  1.00 25.38 ? 60  ASP X O   1 
ATOM   496 C CB  . ASP A 1 61  ? -11.011 -3.007  12.323  1.00 25.94 ? 60  ASP X CB  1 
ATOM   497 C CG  . ASP A 1 61  ? -10.124 -4.063  12.952  1.00 26.10 ? 60  ASP X CG  1 
ATOM   498 O OD1 . ASP A 1 61  ? -8.920  -3.797  13.149  1.00 26.27 ? 60  ASP X OD1 1 
ATOM   499 O OD2 . ASP A 1 61  ? -10.627 -5.172  13.234  1.00 26.68 ? 60  ASP X OD2 1 
ATOM   500 N N   . SER A 1 62  ? -11.886 -1.146  9.808   1.00 24.38 ? 61  SER X N   1 
ATOM   501 C CA  . SER A 1 62  ? -12.806 -0.169  9.245   1.00 23.75 ? 61  SER X CA  1 
ATOM   502 C C   . SER A 1 62  ? -12.045 0.811   8.362   1.00 23.33 ? 61  SER X C   1 
ATOM   503 O O   . SER A 1 62  ? -10.817 0.912   8.432   1.00 23.29 ? 61  SER X O   1 
ATOM   504 C CB  . SER A 1 62  ? -13.537 0.599   10.351  1.00 23.73 ? 61  SER X CB  1 
ATOM   505 O OG  . SER A 1 62  ? -12.708 1.624   10.885  1.00 23.41 ? 61  SER X OG  1 
ATOM   506 N N   . SER A 1 63  ? -12.787 1.537   7.537   1.00 22.80 ? 62  SER X N   1 
ATOM   507 C CA  . SER A 1 63  ? -12.200 2.545   6.667   1.00 22.04 ? 62  SER X CA  1 
ATOM   508 C C   . SER A 1 63  ? -13.208 3.603   6.249   1.00 21.88 ? 62  SER X C   1 
ATOM   509 O O   . SER A 1 63  ? -14.424 3.409   6.323   1.00 21.48 ? 62  SER X O   1 
ATOM   510 C CB  . SER A 1 63  ? -11.671 1.920   5.358   1.00 22.08 ? 62  SER X CB  1 
ATOM   511 O OG  . SER A 1 63  ? -12.700 1.660   4.410   1.00 20.37 ? 62  SER X OG  1 
ATOM   512 N N   . ASN A 1 64  ? -12.650 4.719   5.776   1.00 21.69 ? 63  ASN X N   1 
ATOM   513 C CA  . ASN A 1 64  ? -13.446 5.797   5.256   1.00 21.64 ? 63  ASN X CA  1 
ATOM   514 C C   . ASN A 1 64  ? -12.562 6.464   4.224   1.00 21.48 ? 63  ASN X C   1 
ATOM   515 O O   . ASN A 1 64  ? -11.347 6.559   4.400   1.00 21.30 ? 63  ASN X O   1 
ATOM   516 C CB  . ASN A 1 64  ? -13.850 6.804   6.325   1.00 21.80 ? 63  ASN X CB  1 
ATOM   517 C CG  . ASN A 1 64  ? -12.684 7.622   6.797   1.00 22.25 ? 63  ASN X CG  1 
ATOM   518 O OD1 . ASN A 1 64  ? -11.909 7.195   7.661   1.00 21.60 ? 63  ASN X OD1 1 
ATOM   519 N ND2 . ASN A 1 64  ? -12.520 8.799   6.200   1.00 24.09 ? 63  ASN X ND2 1 
ATOM   520 N N   . SER A 1 65  ? -13.167 6.906   3.136   1.00 21.53 ? 64  SER X N   1 
ATOM   521 C CA  . SER A 1 65  ? -12.446 7.656   2.136   1.00 21.61 ? 64  SER X CA  1 
ATOM   522 C C   . SER A 1 65  ? -13.274 8.813   1.650   1.00 21.65 ? 64  SER X C   1 
ATOM   523 O O   . SER A 1 65  ? -14.505 8.755   1.651   1.00 21.63 ? 64  SER X O   1 
ATOM   524 C CB  . SER A 1 65  ? -12.170 6.799   0.904   1.00 21.73 ? 64  SER X CB  1 
ATOM   525 O OG  . SER A 1 65  ? -13.375 6.456   0.240   1.00 22.15 ? 64  SER X OG  1 
ATOM   526 N N   . VAL A 1 66  ? -12.571 9.844   1.177   1.00 21.96 ? 65  VAL X N   1 
ATOM   527 C CA  . VAL A 1 66  ? -13.244 11.050  0.687   1.00 22.40 ? 65  VAL X CA  1 
ATOM   528 C C   . VAL A 1 66  ? -12.477 11.353  -0.599  1.00 22.38 ? 65  VAL X C   1 
ATOM   529 O O   . VAL A 1 66  ? -11.322 10.942  -0.726  1.00 22.68 ? 65  VAL X O   1 
ATOM   530 C CB  . VAL A 1 66  ? -13.505 12.211  1.722   1.00 21.93 ? 65  VAL X CB  1 
ATOM   531 C CG1 . VAL A 1 66  ? -12.399 12.326  2.725   1.00 22.16 ? 65  VAL X CG1 1 
ATOM   532 C CG2 . VAL A 1 66  ? -13.728 13.542  1.012   1.00 22.84 ? 65  VAL X CG2 1 
ATOM   533 N N   . SER A 1 67  ? -13.181 11.936  -1.593  1.00 22.43 ? 66  SER X N   1 
ATOM   534 C CA  . SER A 1 67  ? -12.522 12.252  -2.858  1.00 22.55 ? 66  SER X CA  1 
ATOM   535 C C   . SER A 1 67  ? -13.042 13.336  -3.800  1.00 22.52 ? 66  SER X C   1 
ATOM   536 O O   . SER A 1 67  ? -13.814 13.048  -4.722  1.00 22.64 ? 66  SER X O   1 
ATOM   537 C CB  . SER A 1 67  ? -12.486 10.937  -3.670  1.00 22.62 ? 66  SER X CB  1 
ATOM   538 O OG  . SER A 1 67  ? -13.676 10.727  -4.421  1.00 23.34 ? 66  SER X OG  1 
ATOM   539 N N   . SER A 1 68  ? -12.489 14.561  -3.651  1.00 22.50 ? 67  SER X N   1 
ATOM   540 C CA  . SER A 1 68  ? -12.989 15.653  -4.492  1.00 22.69 ? 67  SER X CA  1 
ATOM   541 C C   . SER A 1 68  ? -11.942 15.774  -5.590  1.00 22.58 ? 67  SER X C   1 
ATOM   542 O O   . SER A 1 68  ? -10.782 15.401  -5.407  1.00 22.18 ? 67  SER X O   1 
ATOM   543 C CB  . SER A 1 68  ? -13.426 16.968  -3.810  1.00 22.61 ? 67  SER X CB  1 
ATOM   544 O OG  . SER A 1 68  ? -12.692 17.246  -2.638  1.00 23.00 ? 67  SER X OG  1 
ATOM   545 N N   . ASN A 1 69  ? -12.443 16.156  -6.787  1.00 22.96 ? 68  ASN X N   1 
ATOM   546 C CA  . ASN A 1 69  ? -11.570 16.334  -7.947  1.00 23.17 ? 68  ASN X CA  1 
ATOM   547 C C   . ASN A 1 69  ? -10.984 14.938  -8.217  1.00 23.60 ? 68  ASN X C   1 
ATOM   548 O O   . ASN A 1 69  ? -11.667 13.935  -7.967  1.00 24.18 ? 68  ASN X O   1 
ATOM   549 C CB  . ASN A 1 69  ? -10.541 17.461  -7.836  1.00 22.76 ? 68  ASN X CB  1 
ATOM   550 C CG  . ASN A 1 69  ? -11.198 18.797  -7.480  1.00 21.81 ? 68  ASN X CG  1 
ATOM   551 O OD1 . ASN A 1 69  ? -11.062 19.300  -6.371  1.00 19.26 ? 68  ASN X OD1 1 
ATOM   552 N ND2 . ASN A 1 69  ? -11.953 19.348  -8.419  1.00 22.37 ? 68  ASN X ND2 1 
ATOM   553 N N   . GLY A 1 70  ? -9.761  14.834  -8.716  1.00 23.54 ? 69  GLY X N   1 
ATOM   554 C CA  . GLY A 1 70  ? -9.243  13.503  -9.040  1.00 23.64 ? 69  GLY X CA  1 
ATOM   555 C C   . GLY A 1 70  ? -8.730  12.687  -7.858  1.00 23.78 ? 69  GLY X C   1 
ATOM   556 O O   . GLY A 1 70  ? -8.247  11.573  -8.043  1.00 24.01 ? 69  GLY X O   1 
ATOM   557 N N   . ILE A 1 71  ? -8.704  13.416  -6.664  1.00 23.84 ? 70  ILE X N   1 
ATOM   558 C CA  . ILE A 1 71  ? -8.073  12.769  -5.511  1.00 24.00 ? 70  ILE X CA  1 
ATOM   559 C C   . ILE A 1 71  ? -8.887  12.069  -4.427  1.00 24.06 ? 70  ILE X C   1 
ATOM   560 O O   . ILE A 1 71  ? -9.949  12.542  -4.041  1.00 24.02 ? 70  ILE X O   1 
ATOM   561 C CB  . ILE A 1 71  ? -7.278  13.947  -4.862  1.00 24.11 ? 70  ILE X CB  1 
ATOM   562 C CG1 . ILE A 1 71  ? -6.377  14.615  -5.900  1.00 24.08 ? 70  ILE X CG1 1 
ATOM   563 C CG2 . ILE A 1 71  ? -6.450  13.472  -3.645  1.00 24.02 ? 70  ILE X CG2 1 
ATOM   564 C CD1 . ILE A 1 71  ? -6.027  16.049  -5.578  1.00 24.69 ? 70  ILE X CD1 1 
ATOM   565 N N   . THR A 1 72  ? -8.353  10.961  -3.920  1.00 23.92 ? 71  THR X N   1 
ATOM   566 C CA  . THR A 1 72  ? -9.000  10.179  -2.879  1.00 23.81 ? 71  THR X CA  1 
ATOM   567 C C   . THR A 1 72  ? -8.117  10.041  -1.653  1.00 23.71 ? 71  THR X C   1 
ATOM   568 O O   . THR A 1 72  ? -7.083  9.373   -1.693  1.00 24.25 ? 71  THR X O   1 
ATOM   569 C CB  . THR A 1 72  ? -9.287  8.745   -3.376  1.00 23.96 ? 71  THR X CB  1 
ATOM   570 O OG1 . THR A 1 72  ? -10.108 8.784   -4.552  1.00 23.67 ? 71  THR X OG1 1 
ATOM   571 C CG2 . THR A 1 72  ? -9.951  7.895   -2.282  1.00 24.18 ? 71  THR X CG2 1 
ATOM   572 N N   . ILE A 1 73  ? -8.589  10.578  -0.525  1.00 23.56 ? 72  ILE X N   1 
ATOM   573 C CA  . ILE A 1 73  ? -7.800  10.443  0.704   1.00 23.47 ? 72  ILE X CA  1 
ATOM   574 C C   . ILE A 1 73  ? -8.511  9.229   1.301   1.00 24.05 ? 72  ILE X C   1 
ATOM   575 O O   . ILE A 1 73  ? -9.726  9.236   1.498   1.00 24.45 ? 72  ILE X O   1 
ATOM   576 C CB  . ILE A 1 73  ? -7.753  11.720  1.600   1.00 22.93 ? 72  ILE X CB  1 
ATOM   577 C CG1 . ILE A 1 73  ? -6.926  12.799  0.911   1.00 20.39 ? 72  ILE X CG1 1 
ATOM   578 C CG2 . ILE A 1 73  ? -7.179  11.397  2.978   1.00 22.35 ? 72  ILE X CG2 1 
ATOM   579 C CD1 . ILE A 1 73  ? -7.436  14.163  1.129   1.00 18.77 ? 72  ILE X CD1 1 
ATOM   580 N N   . ASP A 1 74  ? -7.730  8.141   1.453   1.00 24.64 ? 73  ASP X N   1 
ATOM   581 C CA  . ASP A 1 74  ? -8.345  6.913   1.900   1.00 25.64 ? 73  ASP X CA  1 
ATOM   582 C C   . ASP A 1 74  ? -7.765  6.545   3.253   1.00 25.99 ? 73  ASP X C   1 
ATOM   583 O O   . ASP A 1 74  ? -6.543  6.419   3.412   1.00 26.58 ? 73  ASP X O   1 
ATOM   584 C CB  . ASP A 1 74  ? -8.032  5.927   0.782   1.00 26.24 ? 73  ASP X CB  1 
ATOM   585 C CG  . ASP A 1 74  ? -8.924  4.716   0.804   1.00 28.01 ? 73  ASP X CG  1 
ATOM   586 O OD1 . ASP A 1 74  ? -9.951  4.765   1.524   1.00 30.68 ? 73  ASP X OD1 1 
ATOM   587 O OD2 . ASP A 1 74  ? -8.596  3.727   0.094   1.00 27.37 ? 73  ASP X OD2 1 
ATOM   588 N N   . GLN A 1 75  ? -8.632  6.364   4.236   1.00 26.01 ? 74  GLN X N   1 
ATOM   589 C CA  . GLN A 1 75  ? -8.150  6.050   5.568   1.00 26.22 ? 74  GLN X CA  1 
ATOM   590 C C   . GLN A 1 75  ? -8.524  4.640   6.059   1.00 26.18 ? 74  GLN X C   1 
ATOM   591 O O   . GLN A 1 75  ? -9.653  4.178   5.875   1.00 25.89 ? 74  GLN X O   1 
ATOM   592 C CB  . GLN A 1 75  ? -8.633  7.118   6.533   1.00 26.25 ? 74  GLN X CB  1 
ATOM   593 C CG  . GLN A 1 75  ? -8.001  7.039   7.890   1.00 27.16 ? 74  GLN X CG  1 
ATOM   594 C CD  . GLN A 1 75  ? -8.272  8.279   8.704   1.00 27.79 ? 74  GLN X CD  1 
ATOM   595 O OE1 . GLN A 1 75  ? -8.921  8.215   9.751   1.00 27.99 ? 74  GLN X OE1 1 
ATOM   596 N NE2 . GLN A 1 75  ? -7.785  9.426   8.223   1.00 27.19 ? 74  GLN X NE2 1 
ATOM   597 N N   . TYR A 1 76  ? -7.564  3.971   6.691   1.00 26.40 ? 75  TYR X N   1 
ATOM   598 C CA  . TYR A 1 76  ? -7.745  2.604   7.187   1.00 26.70 ? 75  TYR X CA  1 
ATOM   599 C C   . TYR A 1 76  ? -7.443  2.467   8.677   1.00 26.71 ? 75  TYR X C   1 
ATOM   600 O O   . TYR A 1 76  ? -6.515  3.095   9.191   1.00 27.18 ? 75  TYR X O   1 
ATOM   601 C CB  . TYR A 1 76  ? -6.907  1.641   6.357   1.00 26.78 ? 75  TYR X CB  1 
ATOM   602 C CG  . TYR A 1 76  ? -7.428  1.571   4.944   1.00 27.80 ? 75  TYR X CG  1 
ATOM   603 C CD1 . TYR A 1 76  ? -7.012  2.498   3.978   1.00 27.89 ? 75  TYR X CD1 1 
ATOM   604 C CD2 . TYR A 1 76  ? -8.387  0.616   4.580   1.00 27.50 ? 75  TYR X CD2 1 
ATOM   605 C CE1 . TYR A 1 76  ? -7.515  2.460   2.691   1.00 26.84 ? 75  TYR X CE1 1 
ATOM   606 C CE2 . TYR A 1 76  ? -8.891  0.573   3.291   1.00 27.02 ? 75  TYR X CE2 1 
ATOM   607 C CZ  . TYR A 1 76  ? -8.451  1.500   2.356   1.00 27.10 ? 75  TYR X CZ  1 
ATOM   608 O OH  . TYR A 1 76  ? -8.939  1.454   1.077   1.00 28.16 ? 75  TYR X OH  1 
ATOM   609 N N   . THR A 1 77  ? -8.239  1.660   9.368   1.00 26.35 ? 76  THR X N   1 
ATOM   610 C CA  . THR A 1 77  ? -8.108  1.527   10.809  1.00 26.07 ? 76  THR X CA  1 
ATOM   611 C C   . THR A 1 77  ? -7.761  0.101   11.176  1.00 26.49 ? 76  THR X C   1 
ATOM   612 O O   . THR A 1 77  ? -8.352  -0.851  10.651  1.00 26.58 ? 76  THR X O   1 
ATOM   613 C CB  . THR A 1 77  ? -9.397  1.947   11.523  1.00 25.92 ? 76  THR X CB  1 
ATOM   614 O OG1 . THR A 1 77  ? -9.472  3.374   11.543  1.00 25.35 ? 76  THR X OG1 1 
ATOM   615 C CG2 . THR A 1 77  ? -9.443  1.417   12.952  1.00 25.24 ? 76  THR X CG2 1 
ATOM   616 N N   . TYR A 1 78  ? -6.796  -0.034  12.080  1.00 26.52 ? 77  TYR X N   1 
ATOM   617 C CA  . TYR A 1 78  ? -6.391  -1.330  12.597  1.00 26.44 ? 77  TYR X CA  1 
ATOM   618 C C   . TYR A 1 78  ? -6.490  -1.318  14.119  1.00 26.93 ? 77  TYR X C   1 
ATOM   619 O O   . TYR A 1 78  ? -5.636  -0.754  14.813  1.00 27.13 ? 77  TYR X O   1 
ATOM   620 C CB  . TYR A 1 78  ? -4.979  -1.664  12.132  1.00 25.91 ? 77  TYR X CB  1 
ATOM   621 C CG  . TYR A 1 78  ? -4.819  -1.658  10.626  1.00 25.33 ? 77  TYR X CG  1 
ATOM   622 C CD1 . TYR A 1 78  ? -4.536  -0.473  9.933   1.00 24.10 ? 77  TYR X CD1 1 
ATOM   623 C CD2 . TYR A 1 78  ? -4.943  -2.838  9.890   1.00 25.74 ? 77  TYR X CD2 1 
ATOM   624 C CE1 . TYR A 1 78  ? -4.385  -0.459  8.551   1.00 23.22 ? 77  TYR X CE1 1 
ATOM   625 C CE2 . TYR A 1 78  ? -4.794  -2.840  8.501   1.00 25.81 ? 77  TYR X CE2 1 
ATOM   626 C CZ  . TYR A 1 78  ? -4.515  -1.644  7.844   1.00 25.00 ? 77  TYR X CZ  1 
ATOM   627 O OH  . TYR A 1 78  ? -4.367  -1.660  6.480   1.00 24.81 ? 77  TYR X OH  1 
ATOM   628 N N   . ASP A 1 79  ? -7.563  -1.914  14.627  1.00 27.30 ? 78  ASP X N   1 
ATOM   629 C CA  . ASP A 1 79  ? -7.766  -2.053  16.056  1.00 27.70 ? 78  ASP X CA  1 
ATOM   630 C C   . ASP A 1 79  ? -6.682  -2.932  16.664  1.00 27.94 ? 78  ASP X C   1 
ATOM   631 O O   . ASP A 1 79  ? -6.543  -4.099  16.302  1.00 27.98 ? 78  ASP X O   1 
ATOM   632 C CB  . ASP A 1 79  ? -9.154  -2.629  16.339  1.00 27.80 ? 78  ASP X CB  1 
ATOM   633 C CG  . ASP A 1 79  ? -10.271 -1.629  16.077  1.00 28.39 ? 78  ASP X CG  1 
ATOM   634 O OD1 . ASP A 1 79  ? -9.973  -0.439  15.819  1.00 29.26 ? 78  ASP X OD1 1 
ATOM   635 O OD2 . ASP A 1 79  ? -11.455 -2.033  16.137  1.00 28.85 ? 78  ASP X OD2 1 
ATOM   636 N N   . GLU A 1 80  ? -5.909  -2.358  17.579  1.00 28.31 ? 79  GLU X N   1 
ATOM   637 C CA  . GLU A 1 80  ? -4.817  -3.079  18.226  1.00 28.66 ? 79  GLU X CA  1 
ATOM   638 C C   . GLU A 1 80  ? -5.093  -3.351  19.693  1.00 28.91 ? 79  GLU X C   1 
ATOM   639 O O   . GLU A 1 80  ? -6.183  -3.081  20.190  1.00 28.91 ? 79  GLU X O   1 
ATOM   640 C CB  . GLU A 1 80  ? -3.509  -2.301  18.098  1.00 28.60 ? 79  GLU X CB  1 
ATOM   641 C CG  . GLU A 1 80  ? -3.146  -1.927  16.687  1.00 28.19 ? 79  GLU X CG  1 
ATOM   642 C CD  . GLU A 1 80  ? -1.830  -1.205  16.604  1.00 27.74 ? 79  GLU X CD  1 
ATOM   643 O OE1 . GLU A 1 80  ? -1.400  -0.608  17.610  1.00 28.12 ? 79  GLU X OE1 1 
ATOM   644 O OE2 . GLU A 1 80  ? -1.216  -1.224  15.521  1.00 28.90 ? 79  GLU X OE2 1 
ATOM   645 N N   . ASP A 1 81  ? -4.081  -3.877  20.377  1.00 29.45 ? 80  ASP X N   1 
ATOM   646 C CA  . ASP A 1 81  ? -4.168  -4.220  21.799  1.00 30.05 ? 80  ASP X CA  1 
ATOM   647 C C   . ASP A 1 81  ? -4.086  -2.963  22.662  1.00 29.98 ? 80  ASP X C   1 
ATOM   648 O O   . ASP A 1 81  ? -3.504  -1.955  22.250  1.00 30.00 ? 80  ASP X O   1 
ATOM   649 C CB  . ASP A 1 81  ? -3.049  -5.202  22.192  1.00 30.21 ? 80  ASP X CB  1 
ATOM   650 C CG  . ASP A 1 81  ? -2.703  -6.196  21.071  1.00 31.28 ? 80  ASP X CG  1 
ATOM   651 O OD1 . ASP A 1 81  ? -2.394  -5.755  19.928  1.00 31.64 ? 80  ASP X OD1 1 
ATOM   652 O OD2 . ASP A 1 81  ? -2.731  -7.420  21.348  1.00 31.61 ? 80  ASP X OD2 1 
ATOM   653 N N   . ASP A 1 82  ? -4.676  -3.034  23.853  1.00 30.01 ? 81  ASP X N   1 
ATOM   654 C CA  . ASP A 1 82  ? -4.645  -1.935  24.825  1.00 30.04 ? 81  ASP X CA  1 
ATOM   655 C C   . ASP A 1 82  ? -5.296  -0.648  24.298  1.00 29.90 ? 81  ASP X C   1 
ATOM   656 O O   . ASP A 1 82  ? -4.800  0.455   24.537  1.00 29.80 ? 81  ASP X O   1 
ATOM   657 C CB  . ASP A 1 82  ? -3.207  -1.672  25.319  1.00 30.07 ? 81  ASP X CB  1 
ATOM   658 C CG  . ASP A 1 82  ? -2.686  -2.776  26.228  1.00 30.00 ? 81  ASP X CG  1 
ATOM   659 O OD1 . ASP A 1 82  ? -1.769  -3.509  25.797  1.00 30.06 ? 81  ASP X OD1 1 
ATOM   660 O OD2 . ASP A 1 82  ? -3.193  -2.911  27.366  1.00 28.80 ? 81  ASP X OD2 1 
ATOM   661 N N   . ASP A 1 83  ? -6.404  -0.805  23.581  1.00 29.89 ? 82  ASP X N   1 
ATOM   662 C CA  . ASP A 1 83  ? -7.200  0.329   23.097  1.00 30.07 ? 82  ASP X CA  1 
ATOM   663 C C   . ASP A 1 83  ? -6.464  1.289   22.154  1.00 30.10 ? 82  ASP X C   1 
ATOM   664 O O   . ASP A 1 83  ? -6.665  2.508   22.214  1.00 30.03 ? 82  ASP X O   1 
ATOM   665 C CB  . ASP A 1 83  ? -7.811  1.099   24.279  1.00 29.99 ? 82  ASP X CB  1 
ATOM   666 C CG  . ASP A 1 83  ? -9.217  0.652   24.594  1.00 30.09 ? 82  ASP X CG  1 
ATOM   667 O OD1 . ASP A 1 83  ? -9.610  0.695   25.784  1.00 30.01 ? 82  ASP X OD1 1 
ATOM   668 O OD2 . ASP A 1 83  ? -9.929  0.258   23.644  1.00 30.19 ? 82  ASP X OD2 1 
ATOM   669 N N   . ILE A 1 84  ? -5.621  0.746   21.280  1.00 30.12 ? 83  ILE X N   1 
ATOM   670 C CA  . ILE A 1 84  ? -4.885  1.589   20.341  1.00 30.22 ? 83  ILE X CA  1 
ATOM   671 C C   . ILE A 1 84  ? -5.275  1.304   18.898  1.00 30.41 ? 83  ILE X C   1 
ATOM   672 O O   . ILE A 1 84  ? -5.084  0.199   18.400  1.00 30.63 ? 83  ILE X O   1 
ATOM   673 C CB  . ILE A 1 84  ? -3.345  1.485   20.517  1.00 30.28 ? 83  ILE X CB  1 
ATOM   674 C CG1 . ILE A 1 84  ? -2.935  1.894   21.943  1.00 30.12 ? 83  ILE X CG1 1 
ATOM   675 C CG2 . ILE A 1 84  ? -2.634  2.344   19.459  1.00 29.77 ? 83  ILE X CG2 1 
ATOM   676 C CD1 . ILE A 1 84  ? -1.504  1.516   22.319  1.00 30.14 ? 83  ILE X CD1 1 
ATOM   677 N N   . MET A 1 85  ? -5.835  2.314   18.240  1.00 30.50 ? 84  MET X N   1 
ATOM   678 C CA  . MET A 1 85  ? -6.163  2.233   16.828  1.00 30.61 ? 84  MET X CA  1 
ATOM   679 C C   . MET A 1 85  ? -5.001  2.665   15.940  1.00 30.86 ? 84  MET X C   1 
ATOM   680 O O   . MET A 1 85  ? -4.361  3.683   16.197  1.00 30.88 ? 84  MET X O   1 
ATOM   681 C CB  . MET A 1 85  ? -7.283  3.207   16.513  1.00 30.69 ? 84  MET X CB  1 
ATOM   682 C CG  . MET A 1 85  ? -8.676  2.699   16.727  1.00 30.18 ? 84  MET X CG  1 
ATOM   683 S SD  . MET A 1 85  ? -9.734  4.117   16.411  1.00 30.49 ? 84  MET X SD  1 
ATOM   684 C CE  . MET A 1 85  ? -10.288 4.537   18.071  1.00 30.49 ? 84  MET X CE  1 
ATOM   685 N N   . TYR A 1 86  ? -4.802  1.937   14.834  1.00 31.11 ? 85  TYR X N   1 
ATOM   686 C CA  . TYR A 1 86  ? -3.715  2.281   13.928  1.00 31.32 ? 85  TYR X CA  1 
ATOM   687 C C   . TYR A 1 86  ? -4.360  2.852   12.675  1.00 31.35 ? 85  TYR X C   1 
ATOM   688 O O   . TYR A 1 86  ? -5.150  2.164   12.007  1.00 31.55 ? 85  TYR X O   1 
ATOM   689 C CB  . TYR A 1 86  ? -2.806  1.111   13.541  1.00 31.53 ? 85  TYR X CB  1 
ATOM   690 C CG  . TYR A 1 86  ? -1.562  1.594   12.831  1.00 32.00 ? 85  TYR X CG  1 
ATOM   691 C CD1 . TYR A 1 86  ? -1.634  2.153   11.550  1.00 32.43 ? 85  TYR X CD1 1 
ATOM   692 C CD2 . TYR A 1 86  ? -0.316  1.525   13.448  1.00 31.92 ? 85  TYR X CD2 1 
ATOM   693 C CE1 . TYR A 1 86  ? -0.498  2.622   10.903  1.00 32.60 ? 85  TYR X CE1 1 
ATOM   694 C CE2 . TYR A 1 86  ? 0.830   1.991   12.810  1.00 32.22 ? 85  TYR X CE2 1 
ATOM   695 C CZ  . TYR A 1 86  ? 0.728   2.538   11.538  1.00 32.25 ? 85  TYR X CZ  1 
ATOM   696 O OH  . TYR A 1 86  ? 1.851   2.998   10.898  1.00 32.61 ? 85  TYR X OH  1 
ATOM   697 N N   . LYS A 1 87  ? -4.011  4.097   12.349  1.00 31.04 ? 86  LYS X N   1 
ATOM   698 C CA  . LYS A 1 87  ? -4.519  4.750   11.141  1.00 30.64 ? 86  LYS X CA  1 
ATOM   699 C C   . LYS A 1 87  ? -3.518  4.861   10.006  1.00 30.53 ? 86  LYS X C   1 
ATOM   700 O O   . LYS A 1 87  ? -2.500  5.535   10.138  1.00 30.51 ? 86  LYS X O   1 
ATOM   701 C CB  . LYS A 1 87  ? -4.964  6.179   11.439  1.00 30.50 ? 86  LYS X CB  1 
ATOM   702 C CG  . LYS A 1 87  ? -5.983  6.314   12.558  1.00 30.67 ? 86  LYS X CG  1 
ATOM   703 C CD  . LYS A 1 87  ? -7.375  6.100   12.043  1.00 30.71 ? 86  LYS X CD  1 
ATOM   704 C CE  . LYS A 1 87  ? -8.356  5.963   13.175  1.00 31.51 ? 86  LYS X CE  1 
ATOM   705 N NZ  . LYS A 1 87  ? -9.743  5.837   12.641  1.00 31.88 ? 86  LYS X NZ  1 
ATOM   706 N N   . LEU A 1 88  ? -3.814  4.186   8.898   1.00 30.49 ? 87  LEU X N   1 
ATOM   707 C CA  . LEU A 1 88  ? -2.989  4.244   7.694   1.00 30.51 ? 87  LEU X CA  1 
ATOM   708 C C   . LEU A 1 88  ? -3.811  5.101   6.739   1.00 30.83 ? 87  LEU X C   1 
ATOM   709 O O   . LEU A 1 88  ? -5.030  4.948   6.670   1.00 31.09 ? 87  LEU X O   1 
ATOM   710 C CB  . LEU A 1 88  ? -2.635  2.836   7.235   1.00 30.51 ? 87  LEU X CB  1 
ATOM   711 C CG  . LEU A 1 88  ? -1.966  2.703   5.872   1.00 29.64 ? 87  LEU X CG  1 
ATOM   712 C CD1 . LEU A 1 88  ? -0.558  3.270   5.942   1.00 30.45 ? 87  LEU X CD1 1 
ATOM   713 C CD2 . LEU A 1 88  ? -1.950  1.255   5.461   1.00 27.32 ? 87  LEU X CD2 1 
ATOM   714 N N   . GLU A 1 89  ? -3.149  5.974   5.985   1.00 31.09 ? 88  GLU X N   1 
ATOM   715 C CA  . GLU A 1 89  ? -3.870  6.858   5.061   1.00 31.25 ? 88  GLU X CA  1 
ATOM   716 C C   . GLU A 1 89  ? -3.176  7.019   3.716   1.00 31.19 ? 88  GLU X C   1 
ATOM   717 O O   . GLU A 1 89  ? -2.014  7.432   3.667   1.00 31.59 ? 88  GLU X O   1 
ATOM   718 C CB  . GLU A 1 89  ? -4.040  8.218   5.715   1.00 31.11 ? 88  GLU X CB  1 
ATOM   719 C CG  . GLU A 1 89  ? -4.710  9.254   4.848   1.00 32.70 ? 88  GLU X CG  1 
ATOM   720 C CD  . GLU A 1 89  ? -4.885  10.577  5.587   1.00 34.52 ? 88  GLU X CD  1 
ATOM   721 O OE1 . GLU A 1 89  ? -5.857  10.697  6.376   1.00 34.61 ? 88  GLU X OE1 1 
ATOM   722 O OE2 . GLU A 1 89  ? -4.045  11.490  5.383   1.00 34.60 ? 88  GLU X OE2 1 
ATOM   723 N N   . PHE A 1 90  ? -3.886  6.698   2.631   1.00 31.05 ? 89  PHE X N   1 
ATOM   724 C CA  . PHE A 1 90  ? -3.345  6.866   1.266   1.00 30.91 ? 89  PHE X CA  1 
ATOM   725 C C   . PHE A 1 90  ? -3.995  7.956   0.439   1.00 30.89 ? 89  PHE X C   1 
ATOM   726 O O   . PHE A 1 90  ? -5.210  7.921   0.212   1.00 31.18 ? 89  PHE X O   1 
ATOM   727 C CB  . PHE A 1 90  ? -3.558  5.617   0.424   1.00 30.72 ? 89  PHE X CB  1 
ATOM   728 C CG  . PHE A 1 90  ? -2.839  4.398   0.937   1.00 31.46 ? 89  PHE X CG  1 
ATOM   729 C CD1 . PHE A 1 90  ? -3.443  3.555   1.867   1.00 31.39 ? 89  PHE X CD1 1 
ATOM   730 C CD2 . PHE A 1 90  ? -1.576  4.068   0.464   1.00 31.18 ? 89  PHE X CD2 1 
ATOM   731 C CE1 . PHE A 1 90  ? -2.793  2.424   2.328   1.00 30.76 ? 89  PHE X CE1 1 
ATOM   732 C CE2 . PHE A 1 90  ? -0.927  2.932   0.923   1.00 31.04 ? 89  PHE X CE2 1 
ATOM   733 C CZ  . PHE A 1 90  ? -1.536  2.112   1.857   1.00 30.64 ? 89  PHE X CZ  1 
ATOM   734 N N   . THR A 1 91  ? -3.147  8.851   -0.115  1.00 30.44 ? 90  THR X N   1 
ATOM   735 C CA  . THR A 1 91  ? -3.690  9.936   -0.927  1.00 29.89 ? 90  THR X CA  1 
ATOM   736 C C   . THR A 1 91  ? -3.389  9.454   -2.331  1.00 29.73 ? 90  THR X C   1 
ATOM   737 O O   . THR A 1 91  ? -2.240  9.150   -2.636  1.00 30.11 ? 90  THR X O   1 
ATOM   738 C CB  . THR A 1 91  ? -3.037  11.291  -0.704  1.00 29.50 ? 90  THR X CB  1 
ATOM   739 O OG1 . THR A 1 91  ? -3.320  11.732  0.622   1.00 29.82 ? 90  THR X OG1 1 
ATOM   740 C CG2 . THR A 1 91  ? -3.582  12.306  -1.675  1.00 29.31 ? 90  THR X CG2 1 
ATOM   741 N N   . TYR A 1 92  ? -4.406  9.363   -3.181  1.00 29.53 ? 91  TYR X N   1 
ATOM   742 C CA  . TYR A 1 92  ? -4.181  8.893   -4.548  1.00 29.39 ? 91  TYR X CA  1 
ATOM   743 C C   . TYR A 1 92  ? -5.189  9.204   -5.648  1.00 29.29 ? 91  TYR X C   1 
ATOM   744 O O   . TYR A 1 92  ? -6.400  9.241   -5.419  1.00 29.46 ? 91  TYR X O   1 
ATOM   745 C CB  . TYR A 1 92  ? -4.196  7.364   -4.596  1.00 29.48 ? 91  TYR X CB  1 
ATOM   746 C CG  . TYR A 1 92  ? -5.551  6.714   -4.397  1.00 29.54 ? 91  TYR X CG  1 
ATOM   747 C CD1 . TYR A 1 92  ? -5.883  6.110   -3.181  1.00 29.84 ? 91  TYR X CD1 1 
ATOM   748 C CD2 . TYR A 1 92  ? -6.484  6.661   -5.435  1.00 29.44 ? 91  TYR X CD2 1 
ATOM   749 C CE1 . TYR A 1 92  ? -7.118  5.490   -3.000  1.00 29.81 ? 91  TYR X CE1 1 
ATOM   750 C CE2 . TYR A 1 92  ? -7.723  6.052   -5.261  1.00 29.81 ? 91  TYR X CE2 1 
ATOM   751 C CZ  . TYR A 1 92  ? -8.029  5.465   -4.045  1.00 29.73 ? 91  TYR X CZ  1 
ATOM   752 O OH  . TYR A 1 92  ? -9.248  4.855   -3.876  1.00 29.55 ? 91  TYR X OH  1 
ATOM   753 N N   . ARG A 1 93  ? -4.609  9.344   -6.875  1.00 29.11 ? 92  ARG X N   1 
ATOM   754 C CA  . ARG A 1 93  ? -5.468  9.576   -8.032  1.00 29.02 ? 92  ARG X CA  1 
ATOM   755 C C   . ARG A 1 93  ? -5.571  8.185   -8.625  1.00 29.60 ? 92  ARG X C   1 
ATOM   756 O O   . ARG A 1 93  ? -4.682  7.348   -8.431  1.00 29.89 ? 92  ARG X O   1 
ATOM   757 C CB  . ARG A 1 93  ? -4.866  10.531  -9.054  1.00 28.49 ? 92  ARG X CB  1 
ATOM   758 C CG  . ARG A 1 93  ? -5.006  11.984  -8.675  1.00 27.31 ? 92  ARG X CG  1 
ATOM   759 C CD  . ARG A 1 93  ? -4.100  12.836  -9.517  1.00 24.58 ? 92  ARG X CD  1 
ATOM   760 N NE  . ARG A 1 93  ? -4.442  12.739  -10.928 1.00 22.62 ? 92  ARG X NE  1 
ATOM   761 C CZ  . ARG A 1 93  ? -3.845  13.433  -11.886 1.00 21.23 ? 92  ARG X CZ  1 
ATOM   762 N NH1 . ARG A 1 93  ? -2.872  14.282  -11.587 1.00 21.28 ? 92  ARG X NH1 1 
ATOM   763 N NH2 . ARG A 1 93  ? -4.223  13.283  -13.143 1.00 20.24 ? 92  ARG X NH2 1 
ATOM   764 N N   . LYS A 1 94  ? -6.659  7.935   -9.340  1.00 30.06 ? 93  LYS X N   1 
ATOM   765 C CA  . LYS A 1 94  ? -6.909  6.626   -9.902  1.00 30.58 ? 93  LYS X CA  1 
ATOM   766 C C   . LYS A 1 94  ? -7.405  6.805   -11.316 1.00 30.93 ? 93  LYS X C   1 
ATOM   767 O O   . LYS A 1 94  ? -8.411  7.480   -11.544 1.00 30.86 ? 93  LYS X O   1 
ATOM   768 C CB  . LYS A 1 94  ? -7.934  5.879   -9.046  1.00 30.60 ? 93  LYS X CB  1 
ATOM   769 C CG  . LYS A 1 94  ? -8.442  4.595   -9.667  1.00 31.27 ? 93  LYS X CG  1 
ATOM   770 C CD  . LYS A 1 94  ? -9.098  3.723   -8.602  1.00 31.99 ? 93  LYS X CD  1 
ATOM   771 C CE  . LYS A 1 94  ? -9.719  2.486   -9.301  1.00 32.71 ? 93  LYS X CE  1 
ATOM   772 N NZ  . LYS A 1 94  ? -9.952  1.462   -8.211  1.00 33.31 ? 93  LYS X NZ  1 
ATOM   773 N N   . GLU A 1 95  ? -6.692  6.217   -12.271 1.00 31.68 ? 94  GLU X N   1 
ATOM   774 C CA  . GLU A 1 95  ? -7.138  6.290   -13.654 1.00 32.74 ? 94  GLU X CA  1 
ATOM   775 C C   . GLU A 1 95  ? -6.743  5.271   -14.737 1.00 32.91 ? 94  GLU X C   1 
ATOM   776 O O   . GLU A 1 95  ? -5.624  5.303   -15.278 1.00 32.85 ? 94  GLU X O   1 
ATOM   777 C CB  . GLU A 1 95  ? -6.932  7.706   -14.245 1.00 32.89 ? 94  GLU X CB  1 
ATOM   778 C CG  . GLU A 1 95  ? -5.481  8.197   -14.435 1.00 33.18 ? 94  GLU X CG  1 
ATOM   779 C CD  . GLU A 1 95  ? -5.438  9.399   -15.389 1.00 33.50 ? 94  GLU X CD  1 
ATOM   780 O OE1 . GLU A 1 95  ? -5.237  10.534  -14.885 1.00 33.57 ? 94  GLU X OE1 1 
ATOM   781 O OE2 . GLU A 1 95  ? -5.639  9.214   -16.630 1.00 33.99 ? 94  GLU X OE2 1 
ATOM   782 N N   . ASP A 1 96  ? -7.351  4.195   -14.857 1.00 33.28 ? 95  ASP X N   1 
ATOM   783 C CA  . ASP A 1 96  ? -8.468  3.807   -14.068 1.00 33.48 ? 95  ASP X CA  1 
ATOM   784 C C   . ASP A 1 96  ? -8.115  2.374   -13.913 1.00 33.35 ? 95  ASP X C   1 
ATOM   785 O O   . ASP A 1 96  ? -7.409  1.807   -14.720 1.00 33.41 ? 95  ASP X O   1 
ATOM   786 C CB  . ASP A 1 96  ? -9.875  4.236   -14.386 1.00 33.77 ? 95  ASP X CB  1 
ATOM   787 C CG  . ASP A 1 96  ? -10.744 4.221   -13.185 1.00 34.43 ? 95  ASP X CG  1 
ATOM   788 O OD1 . ASP A 1 96  ? -10.579 3.288   -12.384 1.00 34.44 ? 95  ASP X OD1 1 
ATOM   789 O OD2 . ASP A 1 96  ? -11.565 5.140   -13.031 1.00 34.93 ? 95  ASP X OD2 1 
ATOM   790 N N   . ASN A 1 97  ? -8.522  1.900   -12.675 1.00 32.86 ? 96  ASN X N   1 
ATOM   791 C CA  . ASN A 1 97  ? -8.133  0.493   -12.408 1.00 32.25 ? 96  ASN X CA  1 
ATOM   792 C C   . ASN A 1 97  ? -6.649  0.483   -11.955 1.00 31.68 ? 96  ASN X C   1 
ATOM   793 O O   . ASN A 1 97  ? -6.201  -0.489  -11.316 1.00 32.11 ? 96  ASN X O   1 
ATOM   794 C CB  . ASN A 1 97  ? -8.586  -0.738  -13.283 1.00 32.16 ? 96  ASN X CB  1 
ATOM   795 C CG  . ASN A 1 97  ? -9.625  -0.389  -14.395 1.00 32.65 ? 96  ASN X CG  1 
ATOM   796 O OD1 . ASN A 1 97  ? -10.350 0.613   -14.330 1.00 32.77 ? 96  ASN X OD1 1 
ATOM   797 N ND2 . ASN A 1 97  ? -9.710  -1.268  -15.402 1.00 32.33 ? 96  ASN X ND2 1 
ATOM   798 N N   . LYS A 1 98  ? -5.953  1.642   -12.146 1.00 30.46 ? 97  LYS X N   1 
ATOM   799 C CA  . LYS A 1 98  ? -4.544  1.688   -11.734 1.00 29.20 ? 97  LYS X CA  1 
ATOM   800 C C   . LYS A 1 98  ? -4.528  2.837   -10.740 1.00 28.46 ? 97  LYS X C   1 
ATOM   801 O O   . LYS A 1 98  ? -5.003  3.934   -11.027 1.00 28.62 ? 97  LYS X O   1 
ATOM   802 C CB  . LYS A 1 98  ? -3.449  1.905   -12.798 1.00 29.17 ? 97  LYS X CB  1 
ATOM   803 C CG  . LYS A 1 98  ? -3.769  1.546   -14.236 1.00 29.17 ? 97  LYS X CG  1 
ATOM   804 C CD  . LYS A 1 98  ? -4.081  0.081   -14.439 1.00 29.38 ? 97  LYS X CD  1 
ATOM   805 C CE  . LYS A 1 98  ? -5.001  -0.034  -15.687 1.00 29.98 ? 97  LYS X CE  1 
ATOM   806 N NZ  . LYS A 1 98  ? -5.733  -1.369  -15.643 1.00 31.56 ? 97  LYS X NZ  1 
ATOM   807 N N   . ILE A 1 99  ? -3.970  2.578   -9.570  1.00 27.51 ? 98  ILE X N   1 
ATOM   808 C CA  . ILE A 1 99  ? -3.961  3.536   -8.479  1.00 26.31 ? 98  ILE X CA  1 
ATOM   809 C C   . ILE A 1 99  ? -2.604  4.223   -8.381  1.00 25.89 ? 98  ILE X C   1 
ATOM   810 O O   . ILE A 1 99  ? -1.566  3.568   -8.292  1.00 25.34 ? 98  ILE X O   1 
ATOM   811 C CB  . ILE A 1 99  ? -4.355  2.838   -7.164  1.00 26.19 ? 98  ILE X CB  1 
ATOM   812 C CG1 . ILE A 1 99  ? -5.749  2.231   -7.330  1.00 25.19 ? 98  ILE X CG1 1 
ATOM   813 C CG2 . ILE A 1 99  ? -4.271  3.800   -5.978  1.00 25.95 ? 98  ILE X CG2 1 
ATOM   814 C CD1 . ILE A 1 99  ? -6.246  1.516   -6.135  1.00 25.34 ? 98  ILE X CD1 1 
ATOM   815 N N   . TYR A 1 100 ? -2.635  5.553   -8.423  1.00 25.70 ? 99  TYR X N   1 
ATOM   816 C CA  . TYR A 1 100 ? -1.432  6.375   -8.401  1.00 25.54 ? 99  TYR X CA  1 
ATOM   817 C C   . TYR A 1 100 ? -1.350  7.066   -7.063  1.00 25.82 ? 99  TYR X C   1 
ATOM   818 O O   . TYR A 1 100 ? -1.974  8.117   -6.873  1.00 25.89 ? 99  TYR X O   1 
ATOM   819 C CB  . TYR A 1 100 ? -1.452  7.410   -9.533  1.00 25.11 ? 99  TYR X CB  1 
ATOM   820 C CG  . TYR A 1 100 ? -1.441  6.792   -10.917 1.00 24.73 ? 99  TYR X CG  1 
ATOM   821 C CD1 . TYR A 1 100 ? -2.634  6.440   -11.548 1.00 23.83 ? 99  TYR X CD1 1 
ATOM   822 C CD2 . TYR A 1 100 ? -0.240  6.545   -11.588 1.00 24.88 ? 99  TYR X CD2 1 
ATOM   823 C CE1 . TYR A 1 100 ? -2.642  5.862   -12.805 1.00 24.24 ? 99  TYR X CE1 1 
ATOM   824 C CE2 . TYR A 1 100 ? -0.235  5.958   -12.863 1.00 25.35 ? 99  TYR X CE2 1 
ATOM   825 C CZ  . TYR A 1 100 ? -1.447  5.620   -13.464 1.00 24.84 ? 99  TYR X CZ  1 
ATOM   826 O OH  . TYR A 1 100 ? -1.484  5.044   -14.716 1.00 24.17 ? 99  TYR X OH  1 
ATOM   827 N N   . ILE A 1 101 ? -0.596  6.454   -6.143  1.00 25.83 ? 100 ILE X N   1 
ATOM   828 C CA  . ILE A 1 101 ? -0.409  6.966   -4.784  1.00 25.70 ? 100 ILE X CA  1 
ATOM   829 C C   . ILE A 1 101 ? 0.539   8.152   -4.771  1.00 26.06 ? 100 ILE X C   1 
ATOM   830 O O   . ILE A 1 101 ? 1.692   8.046   -5.198  1.00 25.88 ? 100 ILE X O   1 
ATOM   831 C CB  . ILE A 1 101 ? 0.175   5.883   -3.851  1.00 25.72 ? 100 ILE X CB  1 
ATOM   832 C CG1 . ILE A 1 101 ? -0.758  4.672   -3.798  1.00 25.41 ? 100 ILE X CG1 1 
ATOM   833 C CG2 . ILE A 1 101 ? 0.448   6.454   -2.445  1.00 24.59 ? 100 ILE X CG2 1 
ATOM   834 C CD1 . ILE A 1 101 ? -0.076  3.390   -3.373  1.00 25.02 ? 100 ILE X CD1 1 
ATOM   835 N N   . TYR A 1 102 ? 0.055   9.277   -4.262  1.00 26.54 ? 101 TYR X N   1 
ATOM   836 C CA  . TYR A 1 102 ? 0.906   10.437  -4.066  1.00 27.32 ? 101 TYR X CA  1 
ATOM   837 C C   . TYR A 1 102 ? 1.428   10.540  -2.634  1.00 28.57 ? 101 TYR X C   1 
ATOM   838 O O   . TYR A 1 102 ? 2.469   11.154  -2.397  1.00 28.88 ? 101 TYR X O   1 
ATOM   839 C CB  . TYR A 1 102 ? 0.180   11.705  -4.468  1.00 26.47 ? 101 TYR X CB  1 
ATOM   840 C CG  . TYR A 1 102 ? 0.062   11.866  -5.957  1.00 26.28 ? 101 TYR X CG  1 
ATOM   841 C CD1 . TYR A 1 102 ? -0.985  11.259  -6.673  1.00 25.38 ? 101 TYR X CD1 1 
ATOM   842 C CD2 . TYR A 1 102 ? 0.993   12.626  -6.665  1.00 25.63 ? 101 TYR X CD2 1 
ATOM   843 C CE1 . TYR A 1 102 ? -1.094  11.407  -8.057  1.00 24.42 ? 101 TYR X CE1 1 
ATOM   844 C CE2 . TYR A 1 102 ? 0.891   12.781  -8.045  1.00 25.29 ? 101 TYR X CE2 1 
ATOM   845 C CZ  . TYR A 1 102 ? -0.154  12.173  -8.733  1.00 25.28 ? 101 TYR X CZ  1 
ATOM   846 O OH  . TYR A 1 102 ? -0.246  12.341  -10.095 1.00 25.76 ? 101 TYR X OH  1 
ATOM   847 N N   . GLU A 1 103 ? 0.734   9.909   -1.690  1.00 29.85 ? 102 GLU X N   1 
ATOM   848 C CA  . GLU A 1 103 ? 1.100   10.040  -0.287  1.00 31.63 ? 102 GLU X CA  1 
ATOM   849 C C   . GLU A 1 103 ? 0.589   9.042   0.761   1.00 31.55 ? 102 GLU X C   1 
ATOM   850 O O   . GLU A 1 103 ? -0.615  8.780   0.860   1.00 31.92 ? 102 GLU X O   1 
ATOM   851 C CB  . GLU A 1 103 ? 0.526   11.353  0.272   1.00 31.25 ? 102 GLU X CB  1 
ATOM   852 C CG  . GLU A 1 103 ? 0.955   11.664  1.697   1.00 33.34 ? 102 GLU X CG  1 
ATOM   853 C CD  . GLU A 1 103 ? 0.585   13.077  2.143   1.00 34.15 ? 102 GLU X CD  1 
ATOM   854 O OE1 . GLU A 1 103 ? 0.550   14.009  1.294   1.00 37.02 ? 102 GLU X OE1 1 
ATOM   855 O OE2 . GLU A 1 103 ? 0.353   13.256  3.365   1.00 37.98 ? 102 GLU X OE2 1 
ATOM   856 N N   . VAL A 1 104 ? 1.520   8.473   1.522   1.00 31.67 ? 103 VAL X N   1 
ATOM   857 C CA  . VAL A 1 104 ? 1.141   7.520   2.555   1.00 32.01 ? 103 VAL X CA  1 
ATOM   858 C C   . VAL A 1 104 ? 1.537   8.072   3.917   1.00 32.31 ? 103 VAL X C   1 
ATOM   859 O O   . VAL A 1 104 ? 2.613   8.665   4.088   1.00 33.00 ? 103 VAL X O   1 
ATOM   860 C CB  . VAL A 1 104 ? 1.795   6.125   2.399   1.00 32.18 ? 103 VAL X CB  1 
ATOM   861 C CG1 . VAL A 1 104 ? 1.114   5.118   3.341   1.00 32.17 ? 103 VAL X CG1 1 
ATOM   862 C CG2 . VAL A 1 104 ? 1.724   5.631   0.965   1.00 31.73 ? 103 VAL X CG2 1 
ATOM   863 N N   . GLN A 1 105 ? 0.664   7.850   4.889   1.00 31.74 ? 104 GLN X N   1 
ATOM   864 C CA  . GLN A 1 105 ? 0.841   8.373   6.207   1.00 30.99 ? 104 GLN X CA  1 
ATOM   865 C C   . GLN A 1 105 ? 0.375   7.309   7.172   1.00 30.66 ? 104 GLN X C   1 
ATOM   866 O O   . GLN A 1 105 ? -0.589  6.588   6.890   1.00 30.71 ? 104 GLN X O   1 
ATOM   867 C CB  . GLN A 1 105 ? -0.043  9.582   6.328   1.00 31.14 ? 104 GLN X CB  1 
ATOM   868 C CG  . GLN A 1 105 ? 0.333   10.549  7.393   1.00 32.34 ? 104 GLN X CG  1 
ATOM   869 C CD  . GLN A 1 105 ? -0.231  11.899  7.074   1.00 34.38 ? 104 GLN X CD  1 
ATOM   870 O OE1 . GLN A 1 105 ? -1.276  12.005  6.415   1.00 34.66 ? 104 GLN X OE1 1 
ATOM   871 N NE2 . GLN A 1 105 ? 0.456   12.947  7.514   1.00 35.75 ? 104 GLN X NE2 1 
ATOM   872 N N   . GLY A 1 106 ? 1.064   7.198   8.303   1.00 30.07 ? 105 GLY X N   1 
ATOM   873 C CA  . GLY A 1 106 ? 0.672   6.271   9.350   1.00 29.59 ? 105 GLY X CA  1 
ATOM   874 C C   . GLY A 1 106 ? 0.757   6.921   10.710  1.00 29.50 ? 105 GLY X C   1 
ATOM   875 O O   . GLY A 1 106 ? 1.600   7.792   10.940  1.00 29.97 ? 105 GLY X O   1 
ATOM   876 N N   . TRP A 1 107 ? -0.128  6.515   11.614  1.00 29.14 ? 106 TRP X N   1 
ATOM   877 C CA  . TRP A 1 107 ? -0.090  6.983   13.004  1.00 28.56 ? 106 TRP X CA  1 
ATOM   878 C C   . TRP A 1 107 ? -1.011  6.126   13.881  1.00 28.59 ? 106 TRP X C   1 
ATOM   879 O O   . TRP A 1 107 ? -1.816  5.338   13.362  1.00 28.35 ? 106 TRP X O   1 
ATOM   880 C CB  . TRP A 1 107 ? -0.409  8.494   13.113  1.00 27.99 ? 106 TRP X CB  1 
ATOM   881 C CG  . TRP A 1 107 ? -1.818  8.880   12.759  1.00 27.64 ? 106 TRP X CG  1 
ATOM   882 C CD1 . TRP A 1 107 ? -2.835  9.138   13.628  1.00 26.85 ? 106 TRP X CD1 1 
ATOM   883 C CD2 . TRP A 1 107 ? -2.366  9.053   11.438  1.00 28.70 ? 106 TRP X CD2 1 
ATOM   884 N NE1 . TRP A 1 107 ? -3.983  9.454   12.941  1.00 26.71 ? 106 TRP X NE1 1 
ATOM   885 C CE2 . TRP A 1 107 ? -3.725  9.414   11.596  1.00 27.82 ? 106 TRP X CE2 1 
ATOM   886 C CE3 . TRP A 1 107 ? -1.843  8.923   10.134  1.00 28.06 ? 106 TRP X CE3 1 
ATOM   887 C CZ2 . TRP A 1 107 ? -4.575  9.642   10.503  1.00 27.71 ? 106 TRP X CZ2 1 
ATOM   888 C CZ3 . TRP A 1 107 ? -2.686  9.153   9.049   1.00 27.17 ? 106 TRP X CZ3 1 
ATOM   889 C CH2 . TRP A 1 107 ? -4.039  9.510   9.242   1.00 27.53 ? 106 TRP X CH2 1 
ATOM   890 N N   . ARG A 1 108 ? -0.869  6.267   15.201  1.00 28.72 ? 107 ARG X N   1 
ATOM   891 C CA  . ARG A 1 108 ? -1.701  5.552   16.167  1.00 28.68 ? 107 ARG X CA  1 
ATOM   892 C C   . ARG A 1 108 ? -2.514  6.512   17.046  1.00 29.19 ? 107 ARG X C   1 
ATOM   893 O O   . ARG A 1 108 ? -2.061  7.606   17.356  1.00 29.07 ? 107 ARG X O   1 
ATOM   894 C CB  . ARG A 1 108 ? -0.841  4.629   17.030  1.00 28.43 ? 107 ARG X CB  1 
ATOM   895 C CG  . ARG A 1 108 ? -0.014  3.632   16.245  1.00 27.48 ? 107 ARG X CG  1 
ATOM   896 C CD  . ARG A 1 108 ? 0.904   2.830   17.143  1.00 26.87 ? 107 ARG X CD  1 
ATOM   897 N NE  . ARG A 1 108 ? 1.959   2.162   16.379  1.00 26.79 ? 107 ARG X NE  1 
ATOM   898 C CZ  . ARG A 1 108 ? 1.899   0.902   15.953  1.00 27.10 ? 107 ARG X CZ  1 
ATOM   899 N NH1 . ARG A 1 108 ? 0.832   0.163   16.214  1.00 27.11 ? 107 ARG X NH1 1 
ATOM   900 N NH2 . ARG A 1 108 ? 2.901   0.370   15.261  1.00 26.29 ? 107 ARG X NH2 1 
ATOM   901 N N   . GLU A 1 109 ? -3.722  6.090   17.424  1.00 30.00 ? 108 GLU X N   1 
ATOM   902 C CA  . GLU A 1 109 ? -4.606  6.843   18.325  1.00 30.89 ? 108 GLU X CA  1 
ATOM   903 C C   . GLU A 1 109 ? -5.272  5.980   19.395  1.00 31.25 ? 108 GLU X C   1 
ATOM   904 O O   . GLU A 1 109 ? -5.551  4.806   19.145  1.00 31.69 ? 108 GLU X O   1 
ATOM   905 C CB  . GLU A 1 109 ? -5.829  7.361   17.568  1.00 31.01 ? 108 GLU X CB  1 
ATOM   906 C CG  . GLU A 1 109 ? -5.639  8.680   16.851  1.00 32.03 ? 108 GLU X CG  1 
ATOM   907 C CD  . GLU A 1 109 ? -6.618  8.858   15.699  1.00 33.76 ? 108 GLU X CD  1 
ATOM   908 O OE1 . GLU A 1 109 ? -7.579  8.062   15.577  1.00 34.41 ? 108 GLU X OE1 1 
ATOM   909 O OE2 . GLU A 1 109 ? -6.418  9.795   14.899  1.00 34.40 ? 108 GLU X OE2 1 
ATOM   910 N N   . LYS A 1 110 ? -5.538  6.564   20.568  1.00 31.36 ? 109 LYS X N   1 
ATOM   911 C CA  . LYS A 1 110 ? -6.250  5.843   21.626  1.00 31.39 ? 109 LYS X CA  1 
ATOM   912 C C   . LYS A 1 110 ? -7.743  5.769   21.278  1.00 31.55 ? 109 LYS X C   1 
ATOM   913 O O   . LYS A 1 110 ? -8.327  6.716   20.745  1.00 31.61 ? 109 LYS X O   1 
ATOM   914 C CB  . LYS A 1 110 ? -6.063  6.527   22.985  0.60 31.47 ? 109 LYS X CB  1 
ATOM   915 C CG  . LYS A 1 110 ? -4.621  6.603   23.473  0.60 31.48 ? 109 LYS X CG  1 
ATOM   916 C CD  . LYS A 1 110 ? -4.547  7.456   24.740  0.60 31.67 ? 109 LYS X CD  1 
ATOM   917 C CE  . LYS A 1 110 ? -3.172  8.084   24.894  0.60 31.46 ? 109 LYS X CE  1 
ATOM   918 N NZ  . LYS A 1 110 ? -3.301  9.321   25.879  0.60 30.82 ? 109 LYS X NZ  1 
HETATM 919 O O   . HOH B 2 .   ? 6.366   13.405  -12.970 1.00 55.99 ? 112 HOH X O   1 
HETATM 920 O O   . HOH B 2 .   ? -13.010 3.967   -2.034  0.50 2.92  ? 113 HOH X O   1 
HETATM 921 O O   . HOH B 2 .   ? 13.142  -1.383  -0.866  1.00 39.10 ? 114 HOH X O   1 
HETATM 922 O O   . HOH B 2 .   ? 1.532   -3.851  5.131   1.00 41.17 ? 115 HOH X O   1 
HETATM 923 O O   . HOH B 2 .   ? -7.114  -4.035  -11.274 1.00 50.95 ? 116 HOH X O   1 
# 
